data_4QT7
# 
_entry.id   4QT7 
# 
_audit_conform.dict_name       mmcif_pdbx.dic 
_audit_conform.dict_version    5.398 
_audit_conform.dict_location   http://mmcif.pdb.org/dictionaries/ascii/mmcif_pdbx.dic 
# 
loop_
_database_2.database_id 
_database_2.database_code 
_database_2.pdbx_database_accession 
_database_2.pdbx_DOI 
PDB   4QT7         pdb_00004qt7 10.2210/pdb4qt7/pdb 
RCSB  RCSB086482   ?            ?                   
WWPDB D_1000086482 ?            ?                   
# 
loop_
_pdbx_audit_revision_history.ordinal 
_pdbx_audit_revision_history.data_content_type 
_pdbx_audit_revision_history.major_revision 
_pdbx_audit_revision_history.minor_revision 
_pdbx_audit_revision_history.revision_date 
1 'Structure model' 1 0 2014-12-24 
2 'Structure model' 1 1 2022-08-24 
3 'Structure model' 1 2 2023-11-08 
4 'Structure model' 1 3 2024-11-13 
# 
_pdbx_audit_revision_details.ordinal             1 
_pdbx_audit_revision_details.revision_ordinal    1 
_pdbx_audit_revision_details.data_content_type   'Structure model' 
_pdbx_audit_revision_details.provider            repository 
_pdbx_audit_revision_details.type                'Initial release' 
_pdbx_audit_revision_details.description         ? 
_pdbx_audit_revision_details.details             ? 
# 
loop_
_pdbx_audit_revision_group.ordinal 
_pdbx_audit_revision_group.revision_ordinal 
_pdbx_audit_revision_group.data_content_type 
_pdbx_audit_revision_group.group 
1 2 'Structure model' 'Database references'    
2 2 'Structure model' 'Derived calculations'   
3 3 'Structure model' 'Data collection'        
4 3 'Structure model' 'Refinement description' 
5 4 'Structure model' 'Structure summary'      
# 
loop_
_pdbx_audit_revision_category.ordinal 
_pdbx_audit_revision_category.revision_ordinal 
_pdbx_audit_revision_category.data_content_type 
_pdbx_audit_revision_category.category 
1  2 'Structure model' citation                      
2  2 'Structure model' database_2                    
3  2 'Structure model' struct_conn                   
4  2 'Structure model' struct_ref_seq_dif            
5  2 'Structure model' struct_site                   
6  3 'Structure model' chem_comp_atom                
7  3 'Structure model' chem_comp_bond                
8  3 'Structure model' pdbx_initial_refinement_model 
9  4 'Structure model' pdbx_entry_details            
10 4 'Structure model' pdbx_modification_feature     
# 
loop_
_pdbx_audit_revision_item.ordinal 
_pdbx_audit_revision_item.revision_ordinal 
_pdbx_audit_revision_item.data_content_type 
_pdbx_audit_revision_item.item 
1  2 'Structure model' '_citation.journal_volume'            
2  2 'Structure model' '_citation.page_first'                
3  2 'Structure model' '_citation.page_last'                 
4  2 'Structure model' '_citation.year'                      
5  2 'Structure model' '_database_2.pdbx_DOI'                
6  2 'Structure model' '_database_2.pdbx_database_accession' 
7  2 'Structure model' '_struct_conn.pdbx_leaving_atom_flag' 
8  2 'Structure model' '_struct_ref_seq_dif.details'         
9  2 'Structure model' '_struct_site.pdbx_auth_asym_id'      
10 2 'Structure model' '_struct_site.pdbx_auth_comp_id'      
11 2 'Structure model' '_struct_site.pdbx_auth_seq_id'       
# 
_pdbx_database_status.entry_id                        4QT7 
_pdbx_database_status.status_code                     REL 
_pdbx_database_status.methods_development_category    ? 
_pdbx_database_status.deposit_site                    RCSB 
_pdbx_database_status.process_site                    PDBJ 
_pdbx_database_status.recvd_initial_deposition_date   2014-07-07 
_pdbx_database_status.status_code_sf                  REL 
_pdbx_database_status.status_code_mr                  ? 
_pdbx_database_status.SG_entry                        ? 
_pdbx_database_status.status_code_cs                  ? 
_pdbx_database_status.pdb_format_compatible           Y 
_pdbx_database_status.status_code_nmr_data            ? 
# 
loop_
_audit_author.name 
_audit_author.pdbx_ordinal 
'Camara-Artigas, A.' 1 
'Bacarizo, J.'       2 
# 
_citation.id                        primary 
_citation.title                     
'Structure of the c-Src-SH3 domain in complex with a proline-rich motif of NS5A protein from the hepatitis C virus.' 
_citation.journal_abbrev            J.Struct.Biol. 
_citation.journal_volume            189 
_citation.page_first                67 
_citation.page_last                 72 
_citation.year                      2015 
_citation.journal_id_ASTM           JSBIEM 
_citation.country                   US 
_citation.journal_id_ISSN           1095-8657 
_citation.journal_id_CSD            0803 
_citation.book_publisher            ? 
_citation.pdbx_database_id_PubMed   25447263 
_citation.pdbx_database_id_DOI      10.1016/j.jsb.2014.11.004 
# 
loop_
_citation_author.citation_id 
_citation_author.name 
_citation_author.ordinal 
_citation_author.identifier_ORCID 
primary 'Bacarizo, J.'           1 ? 
primary 'Martinez-Rodriguez, S.' 2 ? 
primary 'Camara-Artigas, A.'     3 ? 
# 
loop_
_entity.id 
_entity.type 
_entity.src_method 
_entity.pdbx_description 
_entity.formula_weight 
_entity.pdbx_number_of_molecules 
_entity.pdbx_ec 
_entity.pdbx_mutation 
_entity.pdbx_fragment 
_entity.details 
1 polymer man 'Proto-oncogene tyrosine-protein kinase Src' 6905.498 1  2.7.10.2 ? 'SH3 domain, UNP residues 85-141'            ? 
2 polymer syn NS5A                                         1314.624 1  ?        ? 'Proline rich peptide, UNP residues 349-359' ? 
3 water   nat water                                        18.015   94 ?        ? ?                                            ? 
# 
_entity_name_com.entity_id   1 
_entity_name_com.name        'Proto-oncogene c-Src, pp60c-src, p60-Src' 
# 
loop_
_entity_poly.entity_id 
_entity_poly.type 
_entity_poly.nstd_linkage 
_entity_poly.nstd_monomer 
_entity_poly.pdbx_seq_one_letter_code 
_entity_poly.pdbx_seq_one_letter_code_can 
_entity_poly.pdbx_strand_id 
_entity_poly.pdbx_target_identifier 
1 'polypeptide(L)' no no  GSHMTFVALYDYESRTETDLSFKKGERLQIVNNTEGDWWLAHSLTTGQTGYIPSNYVAPSD 
GSHMTFVALYDYESRTETDLSFKKGERLQIVNNTEGDWWLAHSLTTGQTGYIPSNYVAPSD A ? 
2 'polypeptide(L)' no yes '(ACE)APPIPPPRRKR'                                            XAPPIPPPRRKR B ? 
# 
_pdbx_entity_nonpoly.entity_id   3 
_pdbx_entity_nonpoly.name        water 
_pdbx_entity_nonpoly.comp_id     HOH 
# 
loop_
_entity_poly_seq.entity_id 
_entity_poly_seq.num 
_entity_poly_seq.mon_id 
_entity_poly_seq.hetero 
1 1  GLY n 
1 2  SER n 
1 3  HIS n 
1 4  MET n 
1 5  THR n 
1 6  PHE n 
1 7  VAL n 
1 8  ALA n 
1 9  LEU n 
1 10 TYR n 
1 11 ASP n 
1 12 TYR n 
1 13 GLU n 
1 14 SER n 
1 15 ARG n 
1 16 THR n 
1 17 GLU n 
1 18 THR n 
1 19 ASP n 
1 20 LEU n 
1 21 SER n 
1 22 PHE n 
1 23 LYS n 
1 24 LYS n 
1 25 GLY n 
1 26 GLU n 
1 27 ARG n 
1 28 LEU n 
1 29 GLN n 
1 30 ILE n 
1 31 VAL n 
1 32 ASN n 
1 33 ASN n 
1 34 THR n 
1 35 GLU n 
1 36 GLY n 
1 37 ASP n 
1 38 TRP n 
1 39 TRP n 
1 40 LEU n 
1 41 ALA n 
1 42 HIS n 
1 43 SER n 
1 44 LEU n 
1 45 THR n 
1 46 THR n 
1 47 GLY n 
1 48 GLN n 
1 49 THR n 
1 50 GLY n 
1 51 TYR n 
1 52 ILE n 
1 53 PRO n 
1 54 SER n 
1 55 ASN n 
1 56 TYR n 
1 57 VAL n 
1 58 ALA n 
1 59 PRO n 
1 60 SER n 
1 61 ASP n 
2 1  ACE n 
2 2  ALA n 
2 3  PRO n 
2 4  PRO n 
2 5  ILE n 
2 6  PRO n 
2 7  PRO n 
2 8  PRO n 
2 9  ARG n 
2 10 ARG n 
2 11 LYS n 
2 12 ARG n 
# 
_entity_src_gen.entity_id                          1 
_entity_src_gen.pdbx_src_id                        1 
_entity_src_gen.pdbx_alt_source_flag               sample 
_entity_src_gen.pdbx_seq_type                      ? 
_entity_src_gen.pdbx_beg_seq_num                   ? 
_entity_src_gen.pdbx_end_seq_num                   ? 
_entity_src_gen.gene_src_common_name               bantam,chickens 
_entity_src_gen.gene_src_genus                     ? 
_entity_src_gen.pdbx_gene_src_gene                 SRC 
_entity_src_gen.gene_src_species                   ? 
_entity_src_gen.gene_src_strain                    ? 
_entity_src_gen.gene_src_tissue                    ? 
_entity_src_gen.gene_src_tissue_fraction           ? 
_entity_src_gen.gene_src_details                   ? 
_entity_src_gen.pdbx_gene_src_fragment             ? 
_entity_src_gen.pdbx_gene_src_scientific_name      'Gallus gallus' 
_entity_src_gen.pdbx_gene_src_ncbi_taxonomy_id     9031 
_entity_src_gen.pdbx_gene_src_variant              ? 
_entity_src_gen.pdbx_gene_src_cell_line            ? 
_entity_src_gen.pdbx_gene_src_atcc                 ? 
_entity_src_gen.pdbx_gene_src_organ                ? 
_entity_src_gen.pdbx_gene_src_organelle            ? 
_entity_src_gen.pdbx_gene_src_cell                 ? 
_entity_src_gen.pdbx_gene_src_cellular_location    ? 
_entity_src_gen.host_org_common_name               ? 
_entity_src_gen.pdbx_host_org_scientific_name      'Escherichia coli' 
_entity_src_gen.pdbx_host_org_ncbi_taxonomy_id     562 
_entity_src_gen.host_org_genus                     ? 
_entity_src_gen.pdbx_host_org_gene                 ? 
_entity_src_gen.pdbx_host_org_organ                ? 
_entity_src_gen.host_org_species                   ? 
_entity_src_gen.pdbx_host_org_tissue               ? 
_entity_src_gen.pdbx_host_org_tissue_fraction      ? 
_entity_src_gen.pdbx_host_org_strain               'BL21(DE3)' 
_entity_src_gen.pdbx_host_org_variant              ? 
_entity_src_gen.pdbx_host_org_cell_line            ? 
_entity_src_gen.pdbx_host_org_atcc                 ? 
_entity_src_gen.pdbx_host_org_culture_collection   ? 
_entity_src_gen.pdbx_host_org_cell                 ? 
_entity_src_gen.pdbx_host_org_organelle            ? 
_entity_src_gen.pdbx_host_org_cellular_location    ? 
_entity_src_gen.pdbx_host_org_vector_type          plasmid 
_entity_src_gen.pdbx_host_org_vector               ? 
_entity_src_gen.host_org_details                   ? 
_entity_src_gen.expression_system_id               ? 
_entity_src_gen.plasmid_name                       pET15b 
_entity_src_gen.plasmid_details                    ? 
_entity_src_gen.pdbx_description                   ? 
# 
_pdbx_entity_src_syn.entity_id              2 
_pdbx_entity_src_syn.pdbx_src_id            1 
_pdbx_entity_src_syn.pdbx_alt_source_flag   sample 
_pdbx_entity_src_syn.pdbx_beg_seq_num       ? 
_pdbx_entity_src_syn.pdbx_end_seq_num       ? 
_pdbx_entity_src_syn.organism_scientific    'Hepatitis C virus' 
_pdbx_entity_src_syn.organism_common_name   ? 
_pdbx_entity_src_syn.ncbi_taxonomy_id       11103 
_pdbx_entity_src_syn.details                'The peptide was chemically synthesized.' 
# 
loop_
_chem_comp.id 
_chem_comp.type 
_chem_comp.mon_nstd_flag 
_chem_comp.name 
_chem_comp.pdbx_synonyms 
_chem_comp.formula 
_chem_comp.formula_weight 
ACE non-polymer         . 'ACETYL GROUP'  ? 'C2 H4 O'        44.053  
ALA 'L-peptide linking' y ALANINE         ? 'C3 H7 N O2'     89.093  
ARG 'L-peptide linking' y ARGININE        ? 'C6 H15 N4 O2 1' 175.209 
ASN 'L-peptide linking' y ASPARAGINE      ? 'C4 H8 N2 O3'    132.118 
ASP 'L-peptide linking' y 'ASPARTIC ACID' ? 'C4 H7 N O4'     133.103 
GLN 'L-peptide linking' y GLUTAMINE       ? 'C5 H10 N2 O3'   146.144 
GLU 'L-peptide linking' y 'GLUTAMIC ACID' ? 'C5 H9 N O4'     147.129 
GLY 'peptide linking'   y GLYCINE         ? 'C2 H5 N O2'     75.067  
HIS 'L-peptide linking' y HISTIDINE       ? 'C6 H10 N3 O2 1' 156.162 
HOH non-polymer         . WATER           ? 'H2 O'           18.015  
ILE 'L-peptide linking' y ISOLEUCINE      ? 'C6 H13 N O2'    131.173 
LEU 'L-peptide linking' y LEUCINE         ? 'C6 H13 N O2'    131.173 
LYS 'L-peptide linking' y LYSINE          ? 'C6 H15 N2 O2 1' 147.195 
MET 'L-peptide linking' y METHIONINE      ? 'C5 H11 N O2 S'  149.211 
PHE 'L-peptide linking' y PHENYLALANINE   ? 'C9 H11 N O2'    165.189 
PRO 'L-peptide linking' y PROLINE         ? 'C5 H9 N O2'     115.130 
SER 'L-peptide linking' y SERINE          ? 'C3 H7 N O3'     105.093 
THR 'L-peptide linking' y THREONINE       ? 'C4 H9 N O3'     119.119 
TRP 'L-peptide linking' y TRYPTOPHAN      ? 'C11 H12 N2 O2'  204.225 
TYR 'L-peptide linking' y TYROSINE        ? 'C9 H11 N O3'    181.189 
VAL 'L-peptide linking' y VALINE          ? 'C5 H11 N O2'    117.146 
# 
loop_
_pdbx_poly_seq_scheme.asym_id 
_pdbx_poly_seq_scheme.entity_id 
_pdbx_poly_seq_scheme.seq_id 
_pdbx_poly_seq_scheme.mon_id 
_pdbx_poly_seq_scheme.ndb_seq_num 
_pdbx_poly_seq_scheme.pdb_seq_num 
_pdbx_poly_seq_scheme.auth_seq_num 
_pdbx_poly_seq_scheme.pdb_mon_id 
_pdbx_poly_seq_scheme.auth_mon_id 
_pdbx_poly_seq_scheme.pdb_strand_id 
_pdbx_poly_seq_scheme.pdb_ins_code 
_pdbx_poly_seq_scheme.hetero 
A 1 1  GLY 1  81  ?   ?   ?   A . n 
A 1 2  SER 2  82  82  SER SER A . n 
A 1 3  HIS 3  83  83  HIS HIS A . n 
A 1 4  MET 4  84  84  MET MET A . n 
A 1 5  THR 5  85  85  THR THR A . n 
A 1 6  PHE 6  86  86  PHE PHE A . n 
A 1 7  VAL 7  87  87  VAL VAL A . n 
A 1 8  ALA 8  88  88  ALA ALA A . n 
A 1 9  LEU 9  89  89  LEU LEU A . n 
A 1 10 TYR 10 90  90  TYR TYR A . n 
A 1 11 ASP 11 91  91  ASP ASP A . n 
A 1 12 TYR 12 92  92  TYR TYR A . n 
A 1 13 GLU 13 93  93  GLU GLU A . n 
A 1 14 SER 14 94  94  SER SER A . n 
A 1 15 ARG 15 95  95  ARG ARG A . n 
A 1 16 THR 16 96  96  THR THR A . n 
A 1 17 GLU 17 97  97  GLU GLU A . n 
A 1 18 THR 18 98  98  THR THR A . n 
A 1 19 ASP 19 99  99  ASP ASP A . n 
A 1 20 LEU 20 100 100 LEU LEU A . n 
A 1 21 SER 21 101 101 SER SER A . n 
A 1 22 PHE 22 102 102 PHE PHE A . n 
A 1 23 LYS 23 103 103 LYS LYS A . n 
A 1 24 LYS 24 104 104 LYS LYS A . n 
A 1 25 GLY 25 105 105 GLY GLY A . n 
A 1 26 GLU 26 106 106 GLU GLU A . n 
A 1 27 ARG 27 107 107 ARG ARG A . n 
A 1 28 LEU 28 108 108 LEU LEU A . n 
A 1 29 GLN 29 109 109 GLN GLN A . n 
A 1 30 ILE 30 110 110 ILE ILE A . n 
A 1 31 VAL 31 111 111 VAL VAL A . n 
A 1 32 ASN 32 112 112 ASN ASN A . n 
A 1 33 ASN 33 113 113 ASN ASN A . n 
A 1 34 THR 34 114 114 THR THR A . n 
A 1 35 GLU 35 115 115 GLU GLU A . n 
A 1 36 GLY 36 116 116 GLY GLY A . n 
A 1 37 ASP 37 117 117 ASP ASP A . n 
A 1 38 TRP 38 118 118 TRP TRP A . n 
A 1 39 TRP 39 119 119 TRP TRP A . n 
A 1 40 LEU 40 120 120 LEU LEU A . n 
A 1 41 ALA 41 121 121 ALA ALA A . n 
A 1 42 HIS 42 122 122 HIS HIS A . n 
A 1 43 SER 43 123 123 SER SER A . n 
A 1 44 LEU 44 124 124 LEU LEU A . n 
A 1 45 THR 45 125 125 THR THR A . n 
A 1 46 THR 46 126 126 THR THR A . n 
A 1 47 GLY 47 127 127 GLY GLY A . n 
A 1 48 GLN 48 128 128 GLN GLN A . n 
A 1 49 THR 49 129 129 THR THR A . n 
A 1 50 GLY 50 130 130 GLY GLY A . n 
A 1 51 TYR 51 131 131 TYR TYR A . n 
A 1 52 ILE 52 132 132 ILE ILE A . n 
A 1 53 PRO 53 133 133 PRO PRO A . n 
A 1 54 SER 54 134 134 SER SER A . n 
A 1 55 ASN 55 135 135 ASN ASN A . n 
A 1 56 TYR 56 136 136 TYR TYR A . n 
A 1 57 VAL 57 137 137 VAL VAL A . n 
A 1 58 ALA 58 138 138 ALA ALA A . n 
A 1 59 PRO 59 139 139 PRO PRO A . n 
A 1 60 SER 60 140 140 SER SER A . n 
A 1 61 ASP 61 141 141 ASP ASP A . n 
B 2 1  ACE 1  0   0   ACE ACE B . n 
B 2 2  ALA 2  1   1   ALA ALA B . n 
B 2 3  PRO 3  2   2   PRO PRO B . n 
B 2 4  PRO 4  3   3   PRO PRO B . n 
B 2 5  ILE 5  4   4   ILE ILE B . n 
B 2 6  PRO 6  5   5   PRO PRO B . n 
B 2 7  PRO 7  6   6   PRO PRO B . n 
B 2 8  PRO 8  7   7   PRO PRO B . n 
B 2 9  ARG 9  8   8   ARG ARG B . n 
B 2 10 ARG 10 9   ?   ?   ?   B . n 
B 2 11 LYS 11 10  ?   ?   ?   B . n 
B 2 12 ARG 12 11  ?   ?   ?   B . n 
# 
loop_
_pdbx_nonpoly_scheme.asym_id 
_pdbx_nonpoly_scheme.entity_id 
_pdbx_nonpoly_scheme.mon_id 
_pdbx_nonpoly_scheme.ndb_seq_num 
_pdbx_nonpoly_scheme.pdb_seq_num 
_pdbx_nonpoly_scheme.auth_seq_num 
_pdbx_nonpoly_scheme.pdb_mon_id 
_pdbx_nonpoly_scheme.auth_mon_id 
_pdbx_nonpoly_scheme.pdb_strand_id 
_pdbx_nonpoly_scheme.pdb_ins_code 
C 3 HOH 1  201 1  HOH HOH A . 
C 3 HOH 2  202 2  HOH HOH A . 
C 3 HOH 3  203 3  HOH HOH A . 
C 3 HOH 4  204 4  HOH HOH A . 
C 3 HOH 5  205 5  HOH HOH A . 
C 3 HOH 6  206 6  HOH HOH A . 
C 3 HOH 7  207 7  HOH HOH A . 
C 3 HOH 8  208 8  HOH HOH A . 
C 3 HOH 9  209 9  HOH HOH A . 
C 3 HOH 10 210 10 HOH HOH A . 
C 3 HOH 11 211 11 HOH HOH A . 
C 3 HOH 12 212 12 HOH HOH A . 
C 3 HOH 13 213 15 HOH HOH A . 
C 3 HOH 14 214 16 HOH HOH A . 
C 3 HOH 15 215 17 HOH HOH A . 
C 3 HOH 16 216 18 HOH HOH A . 
C 3 HOH 17 217 19 HOH HOH A . 
C 3 HOH 18 218 20 HOH HOH A . 
C 3 HOH 19 219 21 HOH HOH A . 
C 3 HOH 20 220 23 HOH HOH A . 
C 3 HOH 21 221 24 HOH HOH A . 
C 3 HOH 22 222 25 HOH HOH A . 
C 3 HOH 23 223 27 HOH HOH A . 
C 3 HOH 24 224 29 HOH HOH A . 
C 3 HOH 25 225 30 HOH HOH A . 
C 3 HOH 26 226 31 HOH HOH A . 
C 3 HOH 27 227 32 HOH HOH A . 
C 3 HOH 28 228 33 HOH HOH A . 
C 3 HOH 29 229 34 HOH HOH A . 
C 3 HOH 30 230 36 HOH HOH A . 
C 3 HOH 31 231 37 HOH HOH A . 
C 3 HOH 32 232 38 HOH HOH A . 
C 3 HOH 33 233 39 HOH HOH A . 
C 3 HOH 34 234 40 HOH HOH A . 
C 3 HOH 35 235 41 HOH HOH A . 
C 3 HOH 36 236 42 HOH HOH A . 
C 3 HOH 37 237 44 HOH HOH A . 
C 3 HOH 38 238 45 HOH HOH A . 
C 3 HOH 39 239 46 HOH HOH A . 
C 3 HOH 40 240 47 HOH HOH A . 
C 3 HOH 41 241 52 HOH HOH A . 
C 3 HOH 42 242 53 HOH HOH A . 
C 3 HOH 43 243 54 HOH HOH A . 
C 3 HOH 44 244 55 HOH HOH A . 
C 3 HOH 45 245 56 HOH HOH A . 
C 3 HOH 46 246 57 HOH HOH A . 
C 3 HOH 47 247 58 HOH HOH A . 
C 3 HOH 48 248 59 HOH HOH A . 
C 3 HOH 49 249 60 HOH HOH A . 
C 3 HOH 50 250 63 HOH HOH A . 
C 3 HOH 51 251 64 HOH HOH A . 
C 3 HOH 52 252 66 HOH HOH A . 
C 3 HOH 53 253 67 HOH HOH A . 
C 3 HOH 54 254 68 HOH HOH A . 
C 3 HOH 55 255 69 HOH HOH A . 
C 3 HOH 56 256 71 HOH HOH A . 
C 3 HOH 57 257 73 HOH HOH A . 
C 3 HOH 58 258 74 HOH HOH A . 
C 3 HOH 59 259 75 HOH HOH A . 
C 3 HOH 60 260 76 HOH HOH A . 
C 3 HOH 61 261 77 HOH HOH A . 
C 3 HOH 62 262 78 HOH HOH A . 
C 3 HOH 63 263 79 HOH HOH A . 
C 3 HOH 64 264 80 HOH HOH A . 
C 3 HOH 65 265 81 HOH HOH A . 
C 3 HOH 66 266 84 HOH HOH A . 
C 3 HOH 67 267 85 HOH HOH A . 
C 3 HOH 68 268 86 HOH HOH A . 
C 3 HOH 69 269 87 HOH HOH A . 
C 3 HOH 70 270 88 HOH HOH A . 
C 3 HOH 71 271 91 HOH HOH A . 
C 3 HOH 72 272 92 HOH HOH A . 
C 3 HOH 73 273 93 HOH HOH A . 
C 3 HOH 74 274 94 HOH HOH A . 
C 3 HOH 75 275 95 HOH HOH A . 
C 3 HOH 76 276 96 HOH HOH A . 
D 3 HOH 1  101 49 HOH HOH B . 
D 3 HOH 2  102 51 HOH HOH B . 
D 3 HOH 3  103 61 HOH HOH B . 
D 3 HOH 4  104 89 HOH HOH B . 
D 3 HOH 5  105 13 HOH HOH B . 
D 3 HOH 6  106 14 HOH HOH B . 
D 3 HOH 7  107 22 HOH HOH B . 
D 3 HOH 8  108 26 HOH HOH B . 
D 3 HOH 9  109 28 HOH HOH B . 
D 3 HOH 10 110 35 HOH HOH B . 
D 3 HOH 11 111 43 HOH HOH B . 
D 3 HOH 12 112 48 HOH HOH B . 
D 3 HOH 13 113 50 HOH HOH B . 
D 3 HOH 14 114 62 HOH HOH B . 
D 3 HOH 15 115 65 HOH HOH B . 
D 3 HOH 16 116 70 HOH HOH B . 
D 3 HOH 17 117 82 HOH HOH B . 
D 3 HOH 18 118 83 HOH HOH B . 
# 
loop_
_pdbx_unobs_or_zero_occ_atoms.id 
_pdbx_unobs_or_zero_occ_atoms.PDB_model_num 
_pdbx_unobs_or_zero_occ_atoms.polymer_flag 
_pdbx_unobs_or_zero_occ_atoms.occupancy_flag 
_pdbx_unobs_or_zero_occ_atoms.auth_asym_id 
_pdbx_unobs_or_zero_occ_atoms.auth_comp_id 
_pdbx_unobs_or_zero_occ_atoms.auth_seq_id 
_pdbx_unobs_or_zero_occ_atoms.PDB_ins_code 
_pdbx_unobs_or_zero_occ_atoms.auth_atom_id 
_pdbx_unobs_or_zero_occ_atoms.label_alt_id 
_pdbx_unobs_or_zero_occ_atoms.label_asym_id 
_pdbx_unobs_or_zero_occ_atoms.label_comp_id 
_pdbx_unobs_or_zero_occ_atoms.label_seq_id 
_pdbx_unobs_or_zero_occ_atoms.label_atom_id 
1 1 Y 1 A ASP 141 ? CG  ? A ASP 61 CG  
2 1 Y 1 A ASP 141 ? OD1 ? A ASP 61 OD1 
3 1 Y 1 A ASP 141 ? OD2 ? A ASP 61 OD2 
# 
loop_
_software.pdbx_ordinal 
_software.name 
_software.version 
_software.date 
_software.type 
_software.contact_author 
_software.contact_author_email 
_software.classification 
_software.location 
_software.language 
_software.citation_id 
1 Aimless     0.2.17     07/01/14        program 'Phil Evans'    ?                           'data scaling'    
http://www.mrc-lmb.cam.ac.uk/harry/pre/aimless.html ?   ? 
2 PHASER      .          ?               program 'Randy J. Read' cimr-phaser@lists.cam.ac.uk phasing           
http://www-structmed.cimr.cam.ac.uk/phaser/         ?   ? 
3 PHENIX      1.8.4_1496 ?               package 'Paul D. Adams' PDAdams@lbl.gov             refinement        
http://www.phenix-online.org/                       C++ ? 
4 PDB_EXTRACT 3.14       'Dec. 10, 2013' package PDB             deposit@deposit.rcsb.org    'data extraction' 
http://sw-tools.pdb.org/apps/PDB_EXTRACT/           C++ ? 
5 ADSC        Quantum    ?               ?       ?               ?                           'data collection' ? ?   ? 
6 XSCALE      .          ?               ?       ?               ?                           'data scaling'    ? ?   ? 
# 
_cell.length_a           62.307 
_cell.length_b           62.307 
_cell.length_c           27.266 
_cell.angle_alpha        90.000 
_cell.angle_beta         90.000 
_cell.angle_gamma        90.000 
_cell.entry_id           4QT7 
_cell.pdbx_unique_axis   ? 
_cell.Z_PDB              8 
_cell.length_a_esd       ? 
_cell.length_b_esd       ? 
_cell.length_c_esd       ? 
_cell.angle_alpha_esd    ? 
_cell.angle_beta_esd     ? 
_cell.angle_gamma_esd    ? 
# 
_symmetry.space_group_name_H-M             'I 41' 
_symmetry.entry_id                         4QT7 
_symmetry.Int_Tables_number                80 
_symmetry.pdbx_full_space_group_name_H-M   ? 
_symmetry.cell_setting                     ? 
_symmetry.space_group_name_Hall            ? 
# 
_exptl.crystals_number   1 
_exptl.entry_id          4QT7 
_exptl.method            'X-RAY DIFFRACTION' 
# 
_exptl_crystal.id                    1 
_exptl_crystal.pdbx_mosaicity        0.230 
_exptl_crystal.pdbx_mosaicity_esd    ? 
_exptl_crystal.density_Matthews      1.61 
_exptl_crystal.density_diffrn        ? 
_exptl_crystal.density_meas          ? 
_exptl_crystal.density_meas_temp     ? 
_exptl_crystal.density_percent_sol   23.59 
_exptl_crystal.size_max              ? 
_exptl_crystal.size_mid              ? 
_exptl_crystal.size_min              ? 
_exptl_crystal.size_rad              ? 
_exptl_crystal.description           'THE ENTRY CONTAINS FRIEDEL PAIRS IN F_PLUS/MINUS COLUMNS' 
_exptl_crystal.F_000                 ? 
_exptl_crystal.preparation           ? 
# 
_exptl_crystal_grow.crystal_id      1 
_exptl_crystal_grow.method          'VAPOR DIFFUSION, HANGING DROP' 
_exptl_crystal_grow.pH              7 
_exptl_crystal_grow.temp            298 
_exptl_crystal_grow.pdbx_details    
;2M Ammonium sulphate, 0.1M sodium chloride, 0.86mM methyl-beta-cyclodextrin, 0.1M Hepes, pH 7, vapor diffusion, hanging drop, temperature 298K
;
_exptl_crystal_grow.temp_details    ? 
_exptl_crystal_grow.pdbx_pH_range   . 
# 
_diffrn.id                     1 
_diffrn.ambient_temp           100 
_diffrn.ambient_temp_details   ? 
_diffrn.crystal_id             1 
# 
_diffrn_detector.diffrn_id              1 
_diffrn_detector.detector               CCD 
_diffrn_detector.type                   ? 
_diffrn_detector.pdbx_collection_date   2012-11-28 
_diffrn_detector.details                
'vertical focusing mirror (VFM) and a horizontal focusing mirror (HFM), manufactured by IRELEC.' 
# 
_diffrn_radiation.diffrn_id                        1 
_diffrn_radiation.pdbx_diffrn_protocol             'SINGLE WAVELENGTH' 
_diffrn_radiation.monochromator                    'Si(111) channel-cut crystal monochromator and a pair of KB mirrors' 
_diffrn_radiation.wavelength_id                    1 
_diffrn_radiation.pdbx_monochromatic_or_laue_m_l   M 
_diffrn_radiation.pdbx_scattering_type             x-ray 
# 
_diffrn_radiation_wavelength.id           1 
_diffrn_radiation_wavelength.wavelength   0.93340 
_diffrn_radiation_wavelength.wt           1.0 
# 
_diffrn_source.diffrn_id                   1 
_diffrn_source.source                      SYNCHROTRON 
_diffrn_source.type                        'ESRF BEAMLINE ID14-1' 
_diffrn_source.pdbx_wavelength_list        0.93340 
_diffrn_source.pdbx_wavelength             ? 
_diffrn_source.pdbx_synchrotron_site       ESRF 
_diffrn_source.pdbx_synchrotron_beamline   ID14-1 
# 
_reflns.entry_id                     4QT7 
_reflns.d_resolution_high            1.550 
_reflns.d_resolution_low             24.980 
_reflns.number_obs                   14570 
_reflns.pdbx_scaling_rejects         6 
_reflns.pdbx_Rmerge_I_obs            0.091 
_reflns.pdbx_netI_over_sigmaI        23.700 
_reflns.pdbx_redundancy              9.600 
_reflns.percent_possible_obs         98.200 
_reflns.B_iso_Wilson_estimate        7.420 
_reflns.observed_criterion_sigma_F   0 
_reflns.observed_criterion_sigma_I   0 
_reflns.number_all                   ? 
_reflns.pdbx_Rsym_value              ? 
_reflns.R_free_details               ? 
_reflns.limit_h_max                  ? 
_reflns.limit_h_min                  ? 
_reflns.limit_k_max                  ? 
_reflns.limit_k_min                  ? 
_reflns.limit_l_max                  ? 
_reflns.limit_l_min                  ? 
_reflns.observed_criterion_F_max     ? 
_reflns.observed_criterion_F_min     ? 
_reflns.pdbx_chi_squared             ? 
_reflns.pdbx_ordinal                 1 
_reflns.pdbx_diffrn_id               1 
# 
loop_
_reflns_shell.d_res_high 
_reflns_shell.d_res_low 
_reflns_shell.number_measured_obs 
_reflns_shell.number_measured_all 
_reflns_shell.number_unique_obs 
_reflns_shell.pdbx_rejects 
_reflns_shell.Rmerge_I_obs 
_reflns_shell.meanI_over_sigI_obs 
_reflns_shell.pdbx_Rsym_value 
_reflns_shell.pdbx_chi_squared 
_reflns_shell.pdbx_redundancy 
_reflns_shell.percent_possible_obs 
_reflns_shell.pdbx_netI_over_sigmaI_obs 
_reflns_shell.number_possible 
_reflns_shell.number_unique_all 
_reflns_shell.Rmerge_F_all 
_reflns_shell.Rmerge_F_obs 
_reflns_shell.Rmerge_I_all 
_reflns_shell.meanI_over_sigI_all 
_reflns_shell.percent_possible_all 
_reflns_shell.pdbx_Rrim_I_all 
_reflns_shell.pdbx_Rpim_I_all 
_reflns_shell.pdbx_ordinal 
_reflns_shell.pdbx_diffrn_id 
1.550 1.580  ? 801 ? 0 0.489 2.300  ? ? 2.600  ? ? ? 314 ? ? ? ? 82.800 ? 0.386 1 1 
8.490 24.980 ? 642 ? 0 0.044 54.400 ? ? 11.700 ? ? ? 55  ? ? ? ? 97.200 ? 0.012 2 1 
# 
_refine.entry_id                                 4QT7 
_refine.ls_d_res_high                            1.5500 
_refine.ls_d_res_low                             24.9790 
_refine.pdbx_ls_sigma_F                          0.010 
_refine.pdbx_data_cutoff_high_absF               ? 
_refine.pdbx_data_cutoff_low_absF                ? 
_refine.ls_percent_reflns_obs                    97.8500 
_refine.ls_number_reflns_obs                     14570 
_refine.ls_number_reflns_all                     14890 
_refine.pdbx_ls_cross_valid_method               THROUGHOUT 
_refine.pdbx_R_Free_selection_details            RANDOM 
_refine.details                                  'THE ENTRY CONTAINS FRIEDEL PAIRS IN F_PLUS/MINUS COLUMNS' 
_refine.ls_R_factor_all                          0.1605 
_refine.ls_R_factor_obs                          0.1605 
_refine.ls_R_factor_R_work                       0.1587 
_refine.ls_wR_factor_R_work                      ? 
_refine.ls_R_factor_R_free                       0.1945 
_refine.ls_wR_factor_R_free                      ? 
_refine.ls_percent_reflns_R_free                 4.8500 
_refine.ls_number_reflns_R_free                  707 
_refine.ls_R_factor_R_free_error                 ? 
_refine.B_iso_mean                               10.5396 
_refine.solvent_model_param_bsol                 ? 
_refine.solvent_model_param_ksol                 ? 
_refine.pdbx_isotropic_thermal_model             ? 
_refine.aniso_B[1][1]                            ? 
_refine.aniso_B[2][2]                            ? 
_refine.aniso_B[3][3]                            ? 
_refine.aniso_B[1][2]                            ? 
_refine.aniso_B[1][3]                            ? 
_refine.aniso_B[2][3]                            ? 
_refine.correlation_coeff_Fo_to_Fc               ? 
_refine.correlation_coeff_Fo_to_Fc_free          ? 
_refine.overall_SU_R_Cruickshank_DPI             ? 
_refine.overall_SU_R_free                        ? 
_refine.pdbx_overall_ESU_R                       ? 
_refine.pdbx_overall_ESU_R_Free                  ? 
_refine.overall_SU_ML                            0.1700 
_refine.overall_SU_B                             ? 
_refine.solvent_model_details                    'FLAT BULK SOLVENT MODEL' 
_refine.pdbx_solvent_vdw_probe_radii             1.1100 
_refine.pdbx_solvent_ion_probe_radii             ? 
_refine.pdbx_solvent_shrinkage_radii             0.9000 
_refine.ls_number_parameters                     ? 
_refine.ls_number_restraints                     ? 
_refine.pdbx_starting_model                      4JZ4 
_refine.pdbx_method_to_determine_struct          'MOLECULAR REPLACEMENT' 
_refine.pdbx_stereochemistry_target_values       ML 
_refine.pdbx_stereochem_target_val_spec_case     ? 
_refine.overall_FOM_work_R_set                   ? 
_refine.B_iso_max                                42.620 
_refine.B_iso_min                                3.000 
_refine.pdbx_overall_phase_error                 22.2600 
_refine.occupancy_max                            ? 
_refine.occupancy_min                            ? 
_refine.pdbx_ls_sigma_I                          ? 
_refine.ls_redundancy_reflns_obs                 ? 
_refine.ls_R_factor_R_free_error_details         ? 
_refine.pdbx_data_cutoff_high_rms_absF           ? 
_refine.overall_FOM_free_R_set                   ? 
_refine.pdbx_diffrn_id                           1 
_refine.pdbx_refine_id                           'X-RAY DIFFRACTION' 
_refine.pdbx_TLS_residual_ADP_flag               ? 
_refine.pdbx_overall_SU_R_free_Cruickshank_DPI   ? 
_refine.pdbx_overall_SU_R_Blow_DPI               ? 
_refine.pdbx_overall_SU_R_free_Blow_DPI          ? 
# 
_refine_hist.pdbx_refine_id                   'X-RAY DIFFRACTION' 
_refine_hist.cycle_id                         LAST 
_refine_hist.pdbx_number_atoms_protein        542 
_refine_hist.pdbx_number_atoms_nucleic_acid   0 
_refine_hist.pdbx_number_atoms_ligand         0 
_refine_hist.number_atoms_solvent             94 
_refine_hist.number_atoms_total               636 
_refine_hist.d_res_high                       1.5500 
_refine_hist.d_res_low                        24.9790 
# 
loop_
_refine_ls_restr.type 
_refine_ls_restr.number 
_refine_ls_restr.dev_ideal 
_refine_ls_restr.dev_ideal_target 
_refine_ls_restr.weight 
_refine_ls_restr.pdbx_restraint_function 
_refine_ls_restr.pdbx_refine_id 
f_bond_d           568 0.010  ? ? ? 'X-RAY DIFFRACTION' 
f_angle_d          779 1.263  ? ? ? 'X-RAY DIFFRACTION' 
f_chiral_restr     83  0.048  ? ? ? 'X-RAY DIFFRACTION' 
f_plane_restr      101 0.007  ? ? ? 'X-RAY DIFFRACTION' 
f_dihedral_angle_d 205 11.543 ? ? ? 'X-RAY DIFFRACTION' 
# 
loop_
_refine_ls_shell.d_res_high 
_refine_ls_shell.d_res_low 
_refine_ls_shell.pdbx_total_number_of_bins_used 
_refine_ls_shell.percent_reflns_obs 
_refine_ls_shell.number_reflns_R_work 
_refine_ls_shell.R_factor_all 
_refine_ls_shell.R_factor_R_work 
_refine_ls_shell.R_factor_R_free 
_refine_ls_shell.percent_reflns_R_free 
_refine_ls_shell.number_reflns_R_free 
_refine_ls_shell.R_factor_R_free_error 
_refine_ls_shell.number_reflns_all 
_refine_ls_shell.number_reflns_obs 
_refine_ls_shell.pdbx_refine_id 
_refine_ls_shell.redundancy_reflns_obs 
1.5502 1.6698  5 91.0000  2553 . 0.2589 0.3433 . 146 . 2699 . 'X-RAY DIFFRACTION' . 
1.6698 1.8378  5 100.0000 2898 . 0.1898 0.2202 . 137 . 3035 . 'X-RAY DIFFRACTION' . 
1.8378 2.1037  5 99.0000  2807 . 0.1629 0.2031 . 115 . 2922 . 'X-RAY DIFFRACTION' . 
2.1037 2.6499  5 99.0000  2769 . 0.1481 0.1764 . 146 . 2915 . 'X-RAY DIFFRACTION' . 
2.6499 24.9822 5 100.0000 2836 . 0.1264 0.1578 . 163 . 2999 . 'X-RAY DIFFRACTION' . 
# 
_struct.entry_id                  4QT7 
_struct.title                     
'Crystal structure of the c-Src SH3 domain in complex with a peptide from the Hepatitis C virus NS5A-protein' 
_struct.pdbx_model_details        ? 
_struct.pdbx_CASP_flag            ? 
_struct.pdbx_model_type_details   ? 
# 
_struct_keywords.entry_id        4QT7 
_struct_keywords.text            
'beta shandwich, SH3 domain, Proline rich motifs, VIRAL PROTEIN, TRANSFERASE-TRANSFERASE ACTIVATOR complex' 
_struct_keywords.pdbx_keywords   'TRANSFERASE/TRANSFERASE ACTIVATOR' 
# 
loop_
_struct_asym.id 
_struct_asym.pdbx_blank_PDB_chainid_flag 
_struct_asym.pdbx_modified 
_struct_asym.entity_id 
_struct_asym.details 
A N N 1 ? 
B N N 2 ? 
C N N 3 ? 
D N N 3 ? 
# 
loop_
_struct_ref.id 
_struct_ref.db_name 
_struct_ref.db_code 
_struct_ref.pdbx_db_accession 
_struct_ref.entity_id 
_struct_ref.pdbx_seq_one_letter_code 
_struct_ref.pdbx_align_begin 
_struct_ref.pdbx_db_isoform 
1 UNP SRC_CHICK    P00523 1 TFVALYDYESRTETDLSFKKGERLQIVNNTEGDWWLAHSLTTGQTGYIPSNYVAPSD 85  ? 
2 UNP V5RF47_9HEPC V5RF47 2 APPIPPPRRKR                                               349 ? 
# 
loop_
_struct_ref_seq.align_id 
_struct_ref_seq.ref_id 
_struct_ref_seq.pdbx_PDB_id_code 
_struct_ref_seq.pdbx_strand_id 
_struct_ref_seq.seq_align_beg 
_struct_ref_seq.pdbx_seq_align_beg_ins_code 
_struct_ref_seq.seq_align_end 
_struct_ref_seq.pdbx_seq_align_end_ins_code 
_struct_ref_seq.pdbx_db_accession 
_struct_ref_seq.db_align_beg 
_struct_ref_seq.pdbx_db_align_beg_ins_code 
_struct_ref_seq.db_align_end 
_struct_ref_seq.pdbx_db_align_end_ins_code 
_struct_ref_seq.pdbx_auth_seq_align_beg 
_struct_ref_seq.pdbx_auth_seq_align_end 
1 1 4QT7 A 5 ? 61 ? P00523 85  ? 141 ? 85 141 
2 2 4QT7 B 2 ? 12 ? V5RF47 349 ? 359 ? 1  11  
# 
loop_
_struct_ref_seq_dif.align_id 
_struct_ref_seq_dif.pdbx_pdb_id_code 
_struct_ref_seq_dif.mon_id 
_struct_ref_seq_dif.pdbx_pdb_strand_id 
_struct_ref_seq_dif.seq_num 
_struct_ref_seq_dif.pdbx_pdb_ins_code 
_struct_ref_seq_dif.pdbx_seq_db_name 
_struct_ref_seq_dif.pdbx_seq_db_accession_code 
_struct_ref_seq_dif.db_mon_id 
_struct_ref_seq_dif.pdbx_seq_db_seq_num 
_struct_ref_seq_dif.details 
_struct_ref_seq_dif.pdbx_auth_seq_num 
_struct_ref_seq_dif.pdbx_ordinal 
1 4QT7 GLY A 1 ? UNP P00523 ? ? 'expression tag' 81 1 
1 4QT7 SER A 2 ? UNP P00523 ? ? 'expression tag' 82 2 
1 4QT7 HIS A 3 ? UNP P00523 ? ? 'expression tag' 83 3 
1 4QT7 MET A 4 ? UNP P00523 ? ? 'expression tag' 84 4 
2 4QT7 ACE B 1 ? UNP V5RF47 ? ? acetylation      0  5 
# 
_pdbx_struct_assembly.id                   1 
_pdbx_struct_assembly.details              author_and_software_defined_assembly 
_pdbx_struct_assembly.method_details       PISA 
_pdbx_struct_assembly.oligomeric_details   dimeric 
_pdbx_struct_assembly.oligomeric_count     2 
# 
loop_
_pdbx_struct_assembly_prop.biol_id 
_pdbx_struct_assembly_prop.type 
_pdbx_struct_assembly_prop.value 
_pdbx_struct_assembly_prop.details 
1 'ABSA (A^2)' 970  ? 
1 MORE         -5   ? 
1 'SSA (A^2)'  4250 ? 
# 
_pdbx_struct_assembly_gen.assembly_id       1 
_pdbx_struct_assembly_gen.oper_expression   1 
_pdbx_struct_assembly_gen.asym_id_list      A,B,C,D 
# 
_pdbx_struct_oper_list.id                   1 
_pdbx_struct_oper_list.type                 'identity operation' 
_pdbx_struct_oper_list.name                 1_555 
_pdbx_struct_oper_list.symmetry_operation   x,y,z 
_pdbx_struct_oper_list.matrix[1][1]         1.0000000000 
_pdbx_struct_oper_list.matrix[1][2]         0.0000000000 
_pdbx_struct_oper_list.matrix[1][3]         0.0000000000 
_pdbx_struct_oper_list.vector[1]            0.0000000000 
_pdbx_struct_oper_list.matrix[2][1]         0.0000000000 
_pdbx_struct_oper_list.matrix[2][2]         1.0000000000 
_pdbx_struct_oper_list.matrix[2][3]         0.0000000000 
_pdbx_struct_oper_list.vector[2]            0.0000000000 
_pdbx_struct_oper_list.matrix[3][1]         0.0000000000 
_pdbx_struct_oper_list.matrix[3][2]         0.0000000000 
_pdbx_struct_oper_list.matrix[3][3]         1.0000000000 
_pdbx_struct_oper_list.vector[3]            0.0000000000 
# 
_struct_biol.id        1 
_struct_biol.details   ? 
# 
_struct_conn.id                            covale1 
_struct_conn.conn_type_id                  covale 
_struct_conn.pdbx_leaving_atom_flag        both 
_struct_conn.pdbx_PDB_id                   ? 
_struct_conn.ptnr1_label_asym_id           B 
_struct_conn.ptnr1_label_comp_id           ACE 
_struct_conn.ptnr1_label_seq_id            1 
_struct_conn.ptnr1_label_atom_id           C 
_struct_conn.pdbx_ptnr1_label_alt_id       ? 
_struct_conn.pdbx_ptnr1_PDB_ins_code       ? 
_struct_conn.pdbx_ptnr1_standard_comp_id   ? 
_struct_conn.ptnr1_symmetry                1_555 
_struct_conn.ptnr2_label_asym_id           B 
_struct_conn.ptnr2_label_comp_id           ALA 
_struct_conn.ptnr2_label_seq_id            2 
_struct_conn.ptnr2_label_atom_id           N 
_struct_conn.pdbx_ptnr2_label_alt_id       ? 
_struct_conn.pdbx_ptnr2_PDB_ins_code       ? 
_struct_conn.ptnr1_auth_asym_id            B 
_struct_conn.ptnr1_auth_comp_id            ACE 
_struct_conn.ptnr1_auth_seq_id             0 
_struct_conn.ptnr2_auth_asym_id            B 
_struct_conn.ptnr2_auth_comp_id            ALA 
_struct_conn.ptnr2_auth_seq_id             1 
_struct_conn.ptnr2_symmetry                1_555 
_struct_conn.pdbx_ptnr3_label_atom_id      ? 
_struct_conn.pdbx_ptnr3_label_seq_id       ? 
_struct_conn.pdbx_ptnr3_label_comp_id      ? 
_struct_conn.pdbx_ptnr3_label_asym_id      ? 
_struct_conn.pdbx_ptnr3_label_alt_id       ? 
_struct_conn.pdbx_ptnr3_PDB_ins_code       ? 
_struct_conn.details                       ? 
_struct_conn.pdbx_dist_value               1.311 
_struct_conn.pdbx_value_order              ? 
_struct_conn.pdbx_role                     ? 
# 
_struct_conn_type.id          covale 
_struct_conn_type.criteria    ? 
_struct_conn_type.reference   ? 
# 
_pdbx_modification_feature.ordinal                            1 
_pdbx_modification_feature.label_comp_id                      ACE 
_pdbx_modification_feature.label_asym_id                      B 
_pdbx_modification_feature.label_seq_id                       1 
_pdbx_modification_feature.label_alt_id                       ? 
_pdbx_modification_feature.modified_residue_label_comp_id     ALA 
_pdbx_modification_feature.modified_residue_label_asym_id     B 
_pdbx_modification_feature.modified_residue_label_seq_id      2 
_pdbx_modification_feature.modified_residue_label_alt_id      ? 
_pdbx_modification_feature.auth_comp_id                       ACE 
_pdbx_modification_feature.auth_asym_id                       B 
_pdbx_modification_feature.auth_seq_id                        0 
_pdbx_modification_feature.PDB_ins_code                       ? 
_pdbx_modification_feature.symmetry                           1_555 
_pdbx_modification_feature.modified_residue_auth_comp_id      ALA 
_pdbx_modification_feature.modified_residue_auth_asym_id      B 
_pdbx_modification_feature.modified_residue_auth_seq_id       1 
_pdbx_modification_feature.modified_residue_PDB_ins_code      ? 
_pdbx_modification_feature.modified_residue_symmetry          1_555 
_pdbx_modification_feature.comp_id_linking_atom               . 
_pdbx_modification_feature.modified_residue_id_linking_atom   . 
_pdbx_modification_feature.modified_residue_id                ALA 
_pdbx_modification_feature.ref_pcm_id                         1 
_pdbx_modification_feature.ref_comp_id                        ACE 
_pdbx_modification_feature.type                               None 
_pdbx_modification_feature.category                           'Terminal acetylation' 
# 
_struct_sheet.id               A 
_struct_sheet.type             ? 
_struct_sheet.number_strands   5 
_struct_sheet.details          ? 
# 
loop_
_struct_sheet_order.sheet_id 
_struct_sheet_order.range_id_1 
_struct_sheet_order.range_id_2 
_struct_sheet_order.offset 
_struct_sheet_order.sense 
A 1 2 ? anti-parallel 
A 2 3 ? anti-parallel 
A 3 4 ? anti-parallel 
A 4 5 ? anti-parallel 
# 
loop_
_struct_sheet_range.sheet_id 
_struct_sheet_range.id 
_struct_sheet_range.beg_label_comp_id 
_struct_sheet_range.beg_label_asym_id 
_struct_sheet_range.beg_label_seq_id 
_struct_sheet_range.pdbx_beg_PDB_ins_code 
_struct_sheet_range.end_label_comp_id 
_struct_sheet_range.end_label_asym_id 
_struct_sheet_range.end_label_seq_id 
_struct_sheet_range.pdbx_end_PDB_ins_code 
_struct_sheet_range.beg_auth_comp_id 
_struct_sheet_range.beg_auth_asym_id 
_struct_sheet_range.beg_auth_seq_id 
_struct_sheet_range.end_auth_comp_id 
_struct_sheet_range.end_auth_asym_id 
_struct_sheet_range.end_auth_seq_id 
A 1 THR A 49 ? PRO A 53 ? THR A 129 PRO A 133 
A 2 TRP A 38 ? SER A 43 ? TRP A 118 SER A 123 
A 3 ARG A 27 ? ILE A 30 ? ARG A 107 ILE A 110 
A 4 THR A 5  ? ALA A 8  ? THR A 85  ALA A 88  
A 5 VAL A 57 ? PRO A 59 ? VAL A 137 PRO A 139 
# 
loop_
_pdbx_struct_sheet_hbond.sheet_id 
_pdbx_struct_sheet_hbond.range_id_1 
_pdbx_struct_sheet_hbond.range_id_2 
_pdbx_struct_sheet_hbond.range_1_label_atom_id 
_pdbx_struct_sheet_hbond.range_1_label_comp_id 
_pdbx_struct_sheet_hbond.range_1_label_asym_id 
_pdbx_struct_sheet_hbond.range_1_label_seq_id 
_pdbx_struct_sheet_hbond.range_1_PDB_ins_code 
_pdbx_struct_sheet_hbond.range_1_auth_atom_id 
_pdbx_struct_sheet_hbond.range_1_auth_comp_id 
_pdbx_struct_sheet_hbond.range_1_auth_asym_id 
_pdbx_struct_sheet_hbond.range_1_auth_seq_id 
_pdbx_struct_sheet_hbond.range_2_label_atom_id 
_pdbx_struct_sheet_hbond.range_2_label_comp_id 
_pdbx_struct_sheet_hbond.range_2_label_asym_id 
_pdbx_struct_sheet_hbond.range_2_label_seq_id 
_pdbx_struct_sheet_hbond.range_2_PDB_ins_code 
_pdbx_struct_sheet_hbond.range_2_auth_atom_id 
_pdbx_struct_sheet_hbond.range_2_auth_comp_id 
_pdbx_struct_sheet_hbond.range_2_auth_asym_id 
_pdbx_struct_sheet_hbond.range_2_auth_seq_id 
A 1 2 O GLY A 50 ? O GLY A 130 N ALA A 41 ? N ALA A 121 
A 2 3 O HIS A 42 ? O HIS A 122 N GLN A 29 ? N GLN A 109 
A 3 4 O LEU A 28 ? O LEU A 108 N PHE A 6  ? N PHE A 86  
A 4 5 N VAL A 7  ? N VAL A 87  O ALA A 58 ? O ALA A 138 
# 
loop_
_struct_site.id 
_struct_site.pdbx_evidence_code 
_struct_site.pdbx_auth_asym_id 
_struct_site.pdbx_auth_comp_id 
_struct_site.pdbx_auth_seq_id 
_struct_site.pdbx_auth_ins_code 
_struct_site.pdbx_num_residues 
_struct_site.details 
AC1 Software B ACE 0 ? 6  'BINDING SITE FOR RESIDUE ACE B 0' 
AC2 Software ? ?   ? ? 27 'BINDING SITE FOR CHAIN B OF NS5A' 
# 
loop_
_struct_site_gen.id 
_struct_site_gen.site_id 
_struct_site_gen.pdbx_num_res 
_struct_site_gen.label_comp_id 
_struct_site_gen.label_asym_id 
_struct_site_gen.label_seq_id 
_struct_site_gen.pdbx_auth_ins_code 
_struct_site_gen.auth_comp_id 
_struct_site_gen.auth_asym_id 
_struct_site_gen.auth_seq_id 
_struct_site_gen.label_atom_id 
_struct_site_gen.label_alt_id 
_struct_site_gen.symmetry 
_struct_site_gen.details 
1  AC1 6  TYR A 10 ? TYR A 90  . ? 1_555 ? 
2  AC1 6  TYR A 10 ? TYR A 90  . ? 6_545 ? 
3  AC1 6  HIS A 42 ? HIS A 122 . ? 8_545 ? 
4  AC1 6  ALA B 2  ? ALA B 1   . ? 1_555 ? 
5  AC1 6  HOH D .  ? HOH B 116 . ? 1_555 ? 
6  AC1 6  HOH D .  ? HOH B 117 . ? 1_555 ? 
7  AC2 27 TYR A 10 ? TYR A 90  . ? 1_555 ? 
8  AC2 27 ARG A 15 ? ARG A 95  . ? 1_555 ? 
9  AC2 27 THR A 16 ? THR A 96  . ? 1_555 ? 
10 AC2 27 GLU A 17 ? GLU A 97  . ? 8_545 ? 
11 AC2 27 THR A 18 ? THR A 98  . ? 1_555 ? 
12 AC2 27 ASP A 19 ? ASP A 99  . ? 1_555 ? 
13 AC2 27 LYS A 24 ? LYS A 104 . ? 1_556 ? 
14 AC2 27 ASP A 37 ? ASP A 117 . ? 1_555 ? 
15 AC2 27 TRP A 38 ? TRP A 118 . ? 1_555 ? 
16 AC2 27 HIS A 42 ? HIS A 122 . ? 8_545 ? 
17 AC2 27 THR A 45 ? THR A 125 . ? 1_556 ? 
18 AC2 27 THR A 46 ? THR A 126 . ? 1_556 ? 
19 AC2 27 GLY A 47 ? GLY A 127 . ? 8_545 ? 
20 AC2 27 THR A 49 ? THR A 129 . ? 8_545 ? 
21 AC2 27 TYR A 51 ? TYR A 131 . ? 1_555 ? 
22 AC2 27 PRO A 53 ? PRO A 133 . ? 1_555 ? 
23 AC2 27 ASN A 55 ? ASN A 135 . ? 1_555 ? 
24 AC2 27 TYR A 56 ? TYR A 136 . ? 1_555 ? 
25 AC2 27 HOH C .  ? HOH A 203 . ? 1_555 ? 
26 AC2 27 HOH C .  ? HOH A 206 . ? 8_545 ? 
27 AC2 27 HOH C .  ? HOH A 207 . ? 1_556 ? 
28 AC2 27 ACE B 1  ? ACE B 0   . ? 1_555 ? 
29 AC2 27 HOH D .  ? HOH B 105 . ? 1_555 ? 
30 AC2 27 HOH D .  ? HOH B 106 . ? 1_555 ? 
31 AC2 27 HOH D .  ? HOH B 108 . ? 1_555 ? 
32 AC2 27 HOH D .  ? HOH B 111 . ? 1_555 ? 
33 AC2 27 HOH D .  ? HOH B 112 . ? 1_555 ? 
# 
_pdbx_entry_details.entry_id                   4QT7 
_pdbx_entry_details.compound_details           ? 
_pdbx_entry_details.source_details             ? 
_pdbx_entry_details.nonpolymer_details         ? 
_pdbx_entry_details.sequence_details           ? 
_pdbx_entry_details.has_ligand_of_interest     ? 
_pdbx_entry_details.has_protein_modification   Y 
# 
_pdbx_validate_torsion.id              1 
_pdbx_validate_torsion.PDB_model_num   1 
_pdbx_validate_torsion.auth_comp_id    ASN 
_pdbx_validate_torsion.auth_asym_id    A 
_pdbx_validate_torsion.auth_seq_id     112 
_pdbx_validate_torsion.PDB_ins_code    ? 
_pdbx_validate_torsion.label_alt_id    ? 
_pdbx_validate_torsion.phi             -113.68 
_pdbx_validate_torsion.psi             -72.45 
# 
_phasing.method   MR 
# 
loop_
_pdbx_unobs_or_zero_occ_residues.id 
_pdbx_unobs_or_zero_occ_residues.PDB_model_num 
_pdbx_unobs_or_zero_occ_residues.polymer_flag 
_pdbx_unobs_or_zero_occ_residues.occupancy_flag 
_pdbx_unobs_or_zero_occ_residues.auth_asym_id 
_pdbx_unobs_or_zero_occ_residues.auth_comp_id 
_pdbx_unobs_or_zero_occ_residues.auth_seq_id 
_pdbx_unobs_or_zero_occ_residues.PDB_ins_code 
_pdbx_unobs_or_zero_occ_residues.label_asym_id 
_pdbx_unobs_or_zero_occ_residues.label_comp_id 
_pdbx_unobs_or_zero_occ_residues.label_seq_id 
1 1 Y 1 A GLY 81 ? A GLY 1  
2 1 Y 1 B ARG 9  ? B ARG 10 
3 1 Y 1 B LYS 10 ? B LYS 11 
4 1 Y 1 B ARG 11 ? B ARG 12 
# 
loop_
_chem_comp_atom.comp_id 
_chem_comp_atom.atom_id 
_chem_comp_atom.type_symbol 
_chem_comp_atom.pdbx_aromatic_flag 
_chem_comp_atom.pdbx_stereo_config 
_chem_comp_atom.pdbx_ordinal 
ACE C    C N N 1   
ACE O    O N N 2   
ACE CH3  C N N 3   
ACE H    H N N 4   
ACE H1   H N N 5   
ACE H2   H N N 6   
ACE H3   H N N 7   
ALA N    N N N 8   
ALA CA   C N S 9   
ALA C    C N N 10  
ALA O    O N N 11  
ALA CB   C N N 12  
ALA OXT  O N N 13  
ALA H    H N N 14  
ALA H2   H N N 15  
ALA HA   H N N 16  
ALA HB1  H N N 17  
ALA HB2  H N N 18  
ALA HB3  H N N 19  
ALA HXT  H N N 20  
ARG N    N N N 21  
ARG CA   C N S 22  
ARG C    C N N 23  
ARG O    O N N 24  
ARG CB   C N N 25  
ARG CG   C N N 26  
ARG CD   C N N 27  
ARG NE   N N N 28  
ARG CZ   C N N 29  
ARG NH1  N N N 30  
ARG NH2  N N N 31  
ARG OXT  O N N 32  
ARG H    H N N 33  
ARG H2   H N N 34  
ARG HA   H N N 35  
ARG HB2  H N N 36  
ARG HB3  H N N 37  
ARG HG2  H N N 38  
ARG HG3  H N N 39  
ARG HD2  H N N 40  
ARG HD3  H N N 41  
ARG HE   H N N 42  
ARG HH11 H N N 43  
ARG HH12 H N N 44  
ARG HH21 H N N 45  
ARG HH22 H N N 46  
ARG HXT  H N N 47  
ASN N    N N N 48  
ASN CA   C N S 49  
ASN C    C N N 50  
ASN O    O N N 51  
ASN CB   C N N 52  
ASN CG   C N N 53  
ASN OD1  O N N 54  
ASN ND2  N N N 55  
ASN OXT  O N N 56  
ASN H    H N N 57  
ASN H2   H N N 58  
ASN HA   H N N 59  
ASN HB2  H N N 60  
ASN HB3  H N N 61  
ASN HD21 H N N 62  
ASN HD22 H N N 63  
ASN HXT  H N N 64  
ASP N    N N N 65  
ASP CA   C N S 66  
ASP C    C N N 67  
ASP O    O N N 68  
ASP CB   C N N 69  
ASP CG   C N N 70  
ASP OD1  O N N 71  
ASP OD2  O N N 72  
ASP OXT  O N N 73  
ASP H    H N N 74  
ASP H2   H N N 75  
ASP HA   H N N 76  
ASP HB2  H N N 77  
ASP HB3  H N N 78  
ASP HD2  H N N 79  
ASP HXT  H N N 80  
GLN N    N N N 81  
GLN CA   C N S 82  
GLN C    C N N 83  
GLN O    O N N 84  
GLN CB   C N N 85  
GLN CG   C N N 86  
GLN CD   C N N 87  
GLN OE1  O N N 88  
GLN NE2  N N N 89  
GLN OXT  O N N 90  
GLN H    H N N 91  
GLN H2   H N N 92  
GLN HA   H N N 93  
GLN HB2  H N N 94  
GLN HB3  H N N 95  
GLN HG2  H N N 96  
GLN HG3  H N N 97  
GLN HE21 H N N 98  
GLN HE22 H N N 99  
GLN HXT  H N N 100 
GLU N    N N N 101 
GLU CA   C N S 102 
GLU C    C N N 103 
GLU O    O N N 104 
GLU CB   C N N 105 
GLU CG   C N N 106 
GLU CD   C N N 107 
GLU OE1  O N N 108 
GLU OE2  O N N 109 
GLU OXT  O N N 110 
GLU H    H N N 111 
GLU H2   H N N 112 
GLU HA   H N N 113 
GLU HB2  H N N 114 
GLU HB3  H N N 115 
GLU HG2  H N N 116 
GLU HG3  H N N 117 
GLU HE2  H N N 118 
GLU HXT  H N N 119 
GLY N    N N N 120 
GLY CA   C N N 121 
GLY C    C N N 122 
GLY O    O N N 123 
GLY OXT  O N N 124 
GLY H    H N N 125 
GLY H2   H N N 126 
GLY HA2  H N N 127 
GLY HA3  H N N 128 
GLY HXT  H N N 129 
HIS N    N N N 130 
HIS CA   C N S 131 
HIS C    C N N 132 
HIS O    O N N 133 
HIS CB   C N N 134 
HIS CG   C Y N 135 
HIS ND1  N Y N 136 
HIS CD2  C Y N 137 
HIS CE1  C Y N 138 
HIS NE2  N Y N 139 
HIS OXT  O N N 140 
HIS H    H N N 141 
HIS H2   H N N 142 
HIS HA   H N N 143 
HIS HB2  H N N 144 
HIS HB3  H N N 145 
HIS HD1  H N N 146 
HIS HD2  H N N 147 
HIS HE1  H N N 148 
HIS HE2  H N N 149 
HIS HXT  H N N 150 
HOH O    O N N 151 
HOH H1   H N N 152 
HOH H2   H N N 153 
ILE N    N N N 154 
ILE CA   C N S 155 
ILE C    C N N 156 
ILE O    O N N 157 
ILE CB   C N S 158 
ILE CG1  C N N 159 
ILE CG2  C N N 160 
ILE CD1  C N N 161 
ILE OXT  O N N 162 
ILE H    H N N 163 
ILE H2   H N N 164 
ILE HA   H N N 165 
ILE HB   H N N 166 
ILE HG12 H N N 167 
ILE HG13 H N N 168 
ILE HG21 H N N 169 
ILE HG22 H N N 170 
ILE HG23 H N N 171 
ILE HD11 H N N 172 
ILE HD12 H N N 173 
ILE HD13 H N N 174 
ILE HXT  H N N 175 
LEU N    N N N 176 
LEU CA   C N S 177 
LEU C    C N N 178 
LEU O    O N N 179 
LEU CB   C N N 180 
LEU CG   C N N 181 
LEU CD1  C N N 182 
LEU CD2  C N N 183 
LEU OXT  O N N 184 
LEU H    H N N 185 
LEU H2   H N N 186 
LEU HA   H N N 187 
LEU HB2  H N N 188 
LEU HB3  H N N 189 
LEU HG   H N N 190 
LEU HD11 H N N 191 
LEU HD12 H N N 192 
LEU HD13 H N N 193 
LEU HD21 H N N 194 
LEU HD22 H N N 195 
LEU HD23 H N N 196 
LEU HXT  H N N 197 
LYS N    N N N 198 
LYS CA   C N S 199 
LYS C    C N N 200 
LYS O    O N N 201 
LYS CB   C N N 202 
LYS CG   C N N 203 
LYS CD   C N N 204 
LYS CE   C N N 205 
LYS NZ   N N N 206 
LYS OXT  O N N 207 
LYS H    H N N 208 
LYS H2   H N N 209 
LYS HA   H N N 210 
LYS HB2  H N N 211 
LYS HB3  H N N 212 
LYS HG2  H N N 213 
LYS HG3  H N N 214 
LYS HD2  H N N 215 
LYS HD3  H N N 216 
LYS HE2  H N N 217 
LYS HE3  H N N 218 
LYS HZ1  H N N 219 
LYS HZ2  H N N 220 
LYS HZ3  H N N 221 
LYS HXT  H N N 222 
MET N    N N N 223 
MET CA   C N S 224 
MET C    C N N 225 
MET O    O N N 226 
MET CB   C N N 227 
MET CG   C N N 228 
MET SD   S N N 229 
MET CE   C N N 230 
MET OXT  O N N 231 
MET H    H N N 232 
MET H2   H N N 233 
MET HA   H N N 234 
MET HB2  H N N 235 
MET HB3  H N N 236 
MET HG2  H N N 237 
MET HG3  H N N 238 
MET HE1  H N N 239 
MET HE2  H N N 240 
MET HE3  H N N 241 
MET HXT  H N N 242 
PHE N    N N N 243 
PHE CA   C N S 244 
PHE C    C N N 245 
PHE O    O N N 246 
PHE CB   C N N 247 
PHE CG   C Y N 248 
PHE CD1  C Y N 249 
PHE CD2  C Y N 250 
PHE CE1  C Y N 251 
PHE CE2  C Y N 252 
PHE CZ   C Y N 253 
PHE OXT  O N N 254 
PHE H    H N N 255 
PHE H2   H N N 256 
PHE HA   H N N 257 
PHE HB2  H N N 258 
PHE HB3  H N N 259 
PHE HD1  H N N 260 
PHE HD2  H N N 261 
PHE HE1  H N N 262 
PHE HE2  H N N 263 
PHE HZ   H N N 264 
PHE HXT  H N N 265 
PRO N    N N N 266 
PRO CA   C N S 267 
PRO C    C N N 268 
PRO O    O N N 269 
PRO CB   C N N 270 
PRO CG   C N N 271 
PRO CD   C N N 272 
PRO OXT  O N N 273 
PRO H    H N N 274 
PRO HA   H N N 275 
PRO HB2  H N N 276 
PRO HB3  H N N 277 
PRO HG2  H N N 278 
PRO HG3  H N N 279 
PRO HD2  H N N 280 
PRO HD3  H N N 281 
PRO HXT  H N N 282 
SER N    N N N 283 
SER CA   C N S 284 
SER C    C N N 285 
SER O    O N N 286 
SER CB   C N N 287 
SER OG   O N N 288 
SER OXT  O N N 289 
SER H    H N N 290 
SER H2   H N N 291 
SER HA   H N N 292 
SER HB2  H N N 293 
SER HB3  H N N 294 
SER HG   H N N 295 
SER HXT  H N N 296 
THR N    N N N 297 
THR CA   C N S 298 
THR C    C N N 299 
THR O    O N N 300 
THR CB   C N R 301 
THR OG1  O N N 302 
THR CG2  C N N 303 
THR OXT  O N N 304 
THR H    H N N 305 
THR H2   H N N 306 
THR HA   H N N 307 
THR HB   H N N 308 
THR HG1  H N N 309 
THR HG21 H N N 310 
THR HG22 H N N 311 
THR HG23 H N N 312 
THR HXT  H N N 313 
TRP N    N N N 314 
TRP CA   C N S 315 
TRP C    C N N 316 
TRP O    O N N 317 
TRP CB   C N N 318 
TRP CG   C Y N 319 
TRP CD1  C Y N 320 
TRP CD2  C Y N 321 
TRP NE1  N Y N 322 
TRP CE2  C Y N 323 
TRP CE3  C Y N 324 
TRP CZ2  C Y N 325 
TRP CZ3  C Y N 326 
TRP CH2  C Y N 327 
TRP OXT  O N N 328 
TRP H    H N N 329 
TRP H2   H N N 330 
TRP HA   H N N 331 
TRP HB2  H N N 332 
TRP HB3  H N N 333 
TRP HD1  H N N 334 
TRP HE1  H N N 335 
TRP HE3  H N N 336 
TRP HZ2  H N N 337 
TRP HZ3  H N N 338 
TRP HH2  H N N 339 
TRP HXT  H N N 340 
TYR N    N N N 341 
TYR CA   C N S 342 
TYR C    C N N 343 
TYR O    O N N 344 
TYR CB   C N N 345 
TYR CG   C Y N 346 
TYR CD1  C Y N 347 
TYR CD2  C Y N 348 
TYR CE1  C Y N 349 
TYR CE2  C Y N 350 
TYR CZ   C Y N 351 
TYR OH   O N N 352 
TYR OXT  O N N 353 
TYR H    H N N 354 
TYR H2   H N N 355 
TYR HA   H N N 356 
TYR HB2  H N N 357 
TYR HB3  H N N 358 
TYR HD1  H N N 359 
TYR HD2  H N N 360 
TYR HE1  H N N 361 
TYR HE2  H N N 362 
TYR HH   H N N 363 
TYR HXT  H N N 364 
VAL N    N N N 365 
VAL CA   C N S 366 
VAL C    C N N 367 
VAL O    O N N 368 
VAL CB   C N N 369 
VAL CG1  C N N 370 
VAL CG2  C N N 371 
VAL OXT  O N N 372 
VAL H    H N N 373 
VAL H2   H N N 374 
VAL HA   H N N 375 
VAL HB   H N N 376 
VAL HG11 H N N 377 
VAL HG12 H N N 378 
VAL HG13 H N N 379 
VAL HG21 H N N 380 
VAL HG22 H N N 381 
VAL HG23 H N N 382 
VAL HXT  H N N 383 
# 
loop_
_chem_comp_bond.comp_id 
_chem_comp_bond.atom_id_1 
_chem_comp_bond.atom_id_2 
_chem_comp_bond.value_order 
_chem_comp_bond.pdbx_aromatic_flag 
_chem_comp_bond.pdbx_stereo_config 
_chem_comp_bond.pdbx_ordinal 
ACE C   O    doub N N 1   
ACE C   CH3  sing N N 2   
ACE C   H    sing N N 3   
ACE CH3 H1   sing N N 4   
ACE CH3 H2   sing N N 5   
ACE CH3 H3   sing N N 6   
ALA N   CA   sing N N 7   
ALA N   H    sing N N 8   
ALA N   H2   sing N N 9   
ALA CA  C    sing N N 10  
ALA CA  CB   sing N N 11  
ALA CA  HA   sing N N 12  
ALA C   O    doub N N 13  
ALA C   OXT  sing N N 14  
ALA CB  HB1  sing N N 15  
ALA CB  HB2  sing N N 16  
ALA CB  HB3  sing N N 17  
ALA OXT HXT  sing N N 18  
ARG N   CA   sing N N 19  
ARG N   H    sing N N 20  
ARG N   H2   sing N N 21  
ARG CA  C    sing N N 22  
ARG CA  CB   sing N N 23  
ARG CA  HA   sing N N 24  
ARG C   O    doub N N 25  
ARG C   OXT  sing N N 26  
ARG CB  CG   sing N N 27  
ARG CB  HB2  sing N N 28  
ARG CB  HB3  sing N N 29  
ARG CG  CD   sing N N 30  
ARG CG  HG2  sing N N 31  
ARG CG  HG3  sing N N 32  
ARG CD  NE   sing N N 33  
ARG CD  HD2  sing N N 34  
ARG CD  HD3  sing N N 35  
ARG NE  CZ   sing N N 36  
ARG NE  HE   sing N N 37  
ARG CZ  NH1  sing N N 38  
ARG CZ  NH2  doub N N 39  
ARG NH1 HH11 sing N N 40  
ARG NH1 HH12 sing N N 41  
ARG NH2 HH21 sing N N 42  
ARG NH2 HH22 sing N N 43  
ARG OXT HXT  sing N N 44  
ASN N   CA   sing N N 45  
ASN N   H    sing N N 46  
ASN N   H2   sing N N 47  
ASN CA  C    sing N N 48  
ASN CA  CB   sing N N 49  
ASN CA  HA   sing N N 50  
ASN C   O    doub N N 51  
ASN C   OXT  sing N N 52  
ASN CB  CG   sing N N 53  
ASN CB  HB2  sing N N 54  
ASN CB  HB3  sing N N 55  
ASN CG  OD1  doub N N 56  
ASN CG  ND2  sing N N 57  
ASN ND2 HD21 sing N N 58  
ASN ND2 HD22 sing N N 59  
ASN OXT HXT  sing N N 60  
ASP N   CA   sing N N 61  
ASP N   H    sing N N 62  
ASP N   H2   sing N N 63  
ASP CA  C    sing N N 64  
ASP CA  CB   sing N N 65  
ASP CA  HA   sing N N 66  
ASP C   O    doub N N 67  
ASP C   OXT  sing N N 68  
ASP CB  CG   sing N N 69  
ASP CB  HB2  sing N N 70  
ASP CB  HB3  sing N N 71  
ASP CG  OD1  doub N N 72  
ASP CG  OD2  sing N N 73  
ASP OD2 HD2  sing N N 74  
ASP OXT HXT  sing N N 75  
GLN N   CA   sing N N 76  
GLN N   H    sing N N 77  
GLN N   H2   sing N N 78  
GLN CA  C    sing N N 79  
GLN CA  CB   sing N N 80  
GLN CA  HA   sing N N 81  
GLN C   O    doub N N 82  
GLN C   OXT  sing N N 83  
GLN CB  CG   sing N N 84  
GLN CB  HB2  sing N N 85  
GLN CB  HB3  sing N N 86  
GLN CG  CD   sing N N 87  
GLN CG  HG2  sing N N 88  
GLN CG  HG3  sing N N 89  
GLN CD  OE1  doub N N 90  
GLN CD  NE2  sing N N 91  
GLN NE2 HE21 sing N N 92  
GLN NE2 HE22 sing N N 93  
GLN OXT HXT  sing N N 94  
GLU N   CA   sing N N 95  
GLU N   H    sing N N 96  
GLU N   H2   sing N N 97  
GLU CA  C    sing N N 98  
GLU CA  CB   sing N N 99  
GLU CA  HA   sing N N 100 
GLU C   O    doub N N 101 
GLU C   OXT  sing N N 102 
GLU CB  CG   sing N N 103 
GLU CB  HB2  sing N N 104 
GLU CB  HB3  sing N N 105 
GLU CG  CD   sing N N 106 
GLU CG  HG2  sing N N 107 
GLU CG  HG3  sing N N 108 
GLU CD  OE1  doub N N 109 
GLU CD  OE2  sing N N 110 
GLU OE2 HE2  sing N N 111 
GLU OXT HXT  sing N N 112 
GLY N   CA   sing N N 113 
GLY N   H    sing N N 114 
GLY N   H2   sing N N 115 
GLY CA  C    sing N N 116 
GLY CA  HA2  sing N N 117 
GLY CA  HA3  sing N N 118 
GLY C   O    doub N N 119 
GLY C   OXT  sing N N 120 
GLY OXT HXT  sing N N 121 
HIS N   CA   sing N N 122 
HIS N   H    sing N N 123 
HIS N   H2   sing N N 124 
HIS CA  C    sing N N 125 
HIS CA  CB   sing N N 126 
HIS CA  HA   sing N N 127 
HIS C   O    doub N N 128 
HIS C   OXT  sing N N 129 
HIS CB  CG   sing N N 130 
HIS CB  HB2  sing N N 131 
HIS CB  HB3  sing N N 132 
HIS CG  ND1  sing Y N 133 
HIS CG  CD2  doub Y N 134 
HIS ND1 CE1  doub Y N 135 
HIS ND1 HD1  sing N N 136 
HIS CD2 NE2  sing Y N 137 
HIS CD2 HD2  sing N N 138 
HIS CE1 NE2  sing Y N 139 
HIS CE1 HE1  sing N N 140 
HIS NE2 HE2  sing N N 141 
HIS OXT HXT  sing N N 142 
HOH O   H1   sing N N 143 
HOH O   H2   sing N N 144 
ILE N   CA   sing N N 145 
ILE N   H    sing N N 146 
ILE N   H2   sing N N 147 
ILE CA  C    sing N N 148 
ILE CA  CB   sing N N 149 
ILE CA  HA   sing N N 150 
ILE C   O    doub N N 151 
ILE C   OXT  sing N N 152 
ILE CB  CG1  sing N N 153 
ILE CB  CG2  sing N N 154 
ILE CB  HB   sing N N 155 
ILE CG1 CD1  sing N N 156 
ILE CG1 HG12 sing N N 157 
ILE CG1 HG13 sing N N 158 
ILE CG2 HG21 sing N N 159 
ILE CG2 HG22 sing N N 160 
ILE CG2 HG23 sing N N 161 
ILE CD1 HD11 sing N N 162 
ILE CD1 HD12 sing N N 163 
ILE CD1 HD13 sing N N 164 
ILE OXT HXT  sing N N 165 
LEU N   CA   sing N N 166 
LEU N   H    sing N N 167 
LEU N   H2   sing N N 168 
LEU CA  C    sing N N 169 
LEU CA  CB   sing N N 170 
LEU CA  HA   sing N N 171 
LEU C   O    doub N N 172 
LEU C   OXT  sing N N 173 
LEU CB  CG   sing N N 174 
LEU CB  HB2  sing N N 175 
LEU CB  HB3  sing N N 176 
LEU CG  CD1  sing N N 177 
LEU CG  CD2  sing N N 178 
LEU CG  HG   sing N N 179 
LEU CD1 HD11 sing N N 180 
LEU CD1 HD12 sing N N 181 
LEU CD1 HD13 sing N N 182 
LEU CD2 HD21 sing N N 183 
LEU CD2 HD22 sing N N 184 
LEU CD2 HD23 sing N N 185 
LEU OXT HXT  sing N N 186 
LYS N   CA   sing N N 187 
LYS N   H    sing N N 188 
LYS N   H2   sing N N 189 
LYS CA  C    sing N N 190 
LYS CA  CB   sing N N 191 
LYS CA  HA   sing N N 192 
LYS C   O    doub N N 193 
LYS C   OXT  sing N N 194 
LYS CB  CG   sing N N 195 
LYS CB  HB2  sing N N 196 
LYS CB  HB3  sing N N 197 
LYS CG  CD   sing N N 198 
LYS CG  HG2  sing N N 199 
LYS CG  HG3  sing N N 200 
LYS CD  CE   sing N N 201 
LYS CD  HD2  sing N N 202 
LYS CD  HD3  sing N N 203 
LYS CE  NZ   sing N N 204 
LYS CE  HE2  sing N N 205 
LYS CE  HE3  sing N N 206 
LYS NZ  HZ1  sing N N 207 
LYS NZ  HZ2  sing N N 208 
LYS NZ  HZ3  sing N N 209 
LYS OXT HXT  sing N N 210 
MET N   CA   sing N N 211 
MET N   H    sing N N 212 
MET N   H2   sing N N 213 
MET CA  C    sing N N 214 
MET CA  CB   sing N N 215 
MET CA  HA   sing N N 216 
MET C   O    doub N N 217 
MET C   OXT  sing N N 218 
MET CB  CG   sing N N 219 
MET CB  HB2  sing N N 220 
MET CB  HB3  sing N N 221 
MET CG  SD   sing N N 222 
MET CG  HG2  sing N N 223 
MET CG  HG3  sing N N 224 
MET SD  CE   sing N N 225 
MET CE  HE1  sing N N 226 
MET CE  HE2  sing N N 227 
MET CE  HE3  sing N N 228 
MET OXT HXT  sing N N 229 
PHE N   CA   sing N N 230 
PHE N   H    sing N N 231 
PHE N   H2   sing N N 232 
PHE CA  C    sing N N 233 
PHE CA  CB   sing N N 234 
PHE CA  HA   sing N N 235 
PHE C   O    doub N N 236 
PHE C   OXT  sing N N 237 
PHE CB  CG   sing N N 238 
PHE CB  HB2  sing N N 239 
PHE CB  HB3  sing N N 240 
PHE CG  CD1  doub Y N 241 
PHE CG  CD2  sing Y N 242 
PHE CD1 CE1  sing Y N 243 
PHE CD1 HD1  sing N N 244 
PHE CD2 CE2  doub Y N 245 
PHE CD2 HD2  sing N N 246 
PHE CE1 CZ   doub Y N 247 
PHE CE1 HE1  sing N N 248 
PHE CE2 CZ   sing Y N 249 
PHE CE2 HE2  sing N N 250 
PHE CZ  HZ   sing N N 251 
PHE OXT HXT  sing N N 252 
PRO N   CA   sing N N 253 
PRO N   CD   sing N N 254 
PRO N   H    sing N N 255 
PRO CA  C    sing N N 256 
PRO CA  CB   sing N N 257 
PRO CA  HA   sing N N 258 
PRO C   O    doub N N 259 
PRO C   OXT  sing N N 260 
PRO CB  CG   sing N N 261 
PRO CB  HB2  sing N N 262 
PRO CB  HB3  sing N N 263 
PRO CG  CD   sing N N 264 
PRO CG  HG2  sing N N 265 
PRO CG  HG3  sing N N 266 
PRO CD  HD2  sing N N 267 
PRO CD  HD3  sing N N 268 
PRO OXT HXT  sing N N 269 
SER N   CA   sing N N 270 
SER N   H    sing N N 271 
SER N   H2   sing N N 272 
SER CA  C    sing N N 273 
SER CA  CB   sing N N 274 
SER CA  HA   sing N N 275 
SER C   O    doub N N 276 
SER C   OXT  sing N N 277 
SER CB  OG   sing N N 278 
SER CB  HB2  sing N N 279 
SER CB  HB3  sing N N 280 
SER OG  HG   sing N N 281 
SER OXT HXT  sing N N 282 
THR N   CA   sing N N 283 
THR N   H    sing N N 284 
THR N   H2   sing N N 285 
THR CA  C    sing N N 286 
THR CA  CB   sing N N 287 
THR CA  HA   sing N N 288 
THR C   O    doub N N 289 
THR C   OXT  sing N N 290 
THR CB  OG1  sing N N 291 
THR CB  CG2  sing N N 292 
THR CB  HB   sing N N 293 
THR OG1 HG1  sing N N 294 
THR CG2 HG21 sing N N 295 
THR CG2 HG22 sing N N 296 
THR CG2 HG23 sing N N 297 
THR OXT HXT  sing N N 298 
TRP N   CA   sing N N 299 
TRP N   H    sing N N 300 
TRP N   H2   sing N N 301 
TRP CA  C    sing N N 302 
TRP CA  CB   sing N N 303 
TRP CA  HA   sing N N 304 
TRP C   O    doub N N 305 
TRP C   OXT  sing N N 306 
TRP CB  CG   sing N N 307 
TRP CB  HB2  sing N N 308 
TRP CB  HB3  sing N N 309 
TRP CG  CD1  doub Y N 310 
TRP CG  CD2  sing Y N 311 
TRP CD1 NE1  sing Y N 312 
TRP CD1 HD1  sing N N 313 
TRP CD2 CE2  doub Y N 314 
TRP CD2 CE3  sing Y N 315 
TRP NE1 CE2  sing Y N 316 
TRP NE1 HE1  sing N N 317 
TRP CE2 CZ2  sing Y N 318 
TRP CE3 CZ3  doub Y N 319 
TRP CE3 HE3  sing N N 320 
TRP CZ2 CH2  doub Y N 321 
TRP CZ2 HZ2  sing N N 322 
TRP CZ3 CH2  sing Y N 323 
TRP CZ3 HZ3  sing N N 324 
TRP CH2 HH2  sing N N 325 
TRP OXT HXT  sing N N 326 
TYR N   CA   sing N N 327 
TYR N   H    sing N N 328 
TYR N   H2   sing N N 329 
TYR CA  C    sing N N 330 
TYR CA  CB   sing N N 331 
TYR CA  HA   sing N N 332 
TYR C   O    doub N N 333 
TYR C   OXT  sing N N 334 
TYR CB  CG   sing N N 335 
TYR CB  HB2  sing N N 336 
TYR CB  HB3  sing N N 337 
TYR CG  CD1  doub Y N 338 
TYR CG  CD2  sing Y N 339 
TYR CD1 CE1  sing Y N 340 
TYR CD1 HD1  sing N N 341 
TYR CD2 CE2  doub Y N 342 
TYR CD2 HD2  sing N N 343 
TYR CE1 CZ   doub Y N 344 
TYR CE1 HE1  sing N N 345 
TYR CE2 CZ   sing Y N 346 
TYR CE2 HE2  sing N N 347 
TYR CZ  OH   sing N N 348 
TYR OH  HH   sing N N 349 
TYR OXT HXT  sing N N 350 
VAL N   CA   sing N N 351 
VAL N   H    sing N N 352 
VAL N   H2   sing N N 353 
VAL CA  C    sing N N 354 
VAL CA  CB   sing N N 355 
VAL CA  HA   sing N N 356 
VAL C   O    doub N N 357 
VAL C   OXT  sing N N 358 
VAL CB  CG1  sing N N 359 
VAL CB  CG2  sing N N 360 
VAL CB  HB   sing N N 361 
VAL CG1 HG11 sing N N 362 
VAL CG1 HG12 sing N N 363 
VAL CG1 HG13 sing N N 364 
VAL CG2 HG21 sing N N 365 
VAL CG2 HG22 sing N N 366 
VAL CG2 HG23 sing N N 367 
VAL OXT HXT  sing N N 368 
# 
_pdbx_initial_refinement_model.id               1 
_pdbx_initial_refinement_model.entity_id_list   ? 
_pdbx_initial_refinement_model.type             'experimental model' 
_pdbx_initial_refinement_model.source_name      PDB 
_pdbx_initial_refinement_model.accession_code   4JZ4 
_pdbx_initial_refinement_model.details          ? 
# 
_atom_sites.entry_id                    4QT7 
_atom_sites.fract_transf_matrix[1][1]   0.01507690 
_atom_sites.fract_transf_matrix[1][2]   0.00543717 
_atom_sites.fract_transf_matrix[1][3]   0.00085258 
_atom_sites.fract_transf_matrix[2][1]   0.00277949 
_atom_sites.fract_transf_matrix[2][2]   -0.00966834 
_atom_sites.fract_transf_matrix[2][3]   0.01250601 
_atom_sites.fract_transf_matrix[3][1]   0.01085467 
_atom_sites.fract_transf_matrix[3][2]   -0.02650755 
_atom_sites.fract_transf_matrix[3][3]   -0.02290535 
_atom_sites.fract_transf_vector[1]      0.012255 
_atom_sites.fract_transf_vector[2]      -0.238587 
_atom_sites.fract_transf_vector[3]      0.006052 
# 
loop_
_atom_type.symbol 
C 
H 
N 
O 
S 
# 
loop_
_atom_site.group_PDB 
_atom_site.id 
_atom_site.type_symbol 
_atom_site.label_atom_id 
_atom_site.label_alt_id 
_atom_site.label_comp_id 
_atom_site.label_asym_id 
_atom_site.label_entity_id 
_atom_site.label_seq_id 
_atom_site.pdbx_PDB_ins_code 
_atom_site.Cartn_x 
_atom_site.Cartn_y 
_atom_site.Cartn_z 
_atom_site.occupancy 
_atom_site.B_iso_or_equiv 
_atom_site.pdbx_formal_charge 
_atom_site.auth_seq_id 
_atom_site.auth_comp_id 
_atom_site.auth_asym_id 
_atom_site.auth_atom_id 
_atom_site.pdbx_PDB_model_num 
ATOM   1    N N    . SER A 1 2  ? 16.865  1.900   2.685   1.00 29.90 ? 82  SER A N    1 
ATOM   2    C CA   . SER A 1 2  ? 15.745  1.036   3.032   1.00 29.76 ? 82  SER A CA   1 
ATOM   3    C C    . SER A 1 2  ? 14.592  1.876   3.595   1.00 29.90 ? 82  SER A C    1 
ATOM   4    O O    . SER A 1 2  ? 14.763  2.610   4.559   1.00 29.90 ? 82  SER A O    1 
ATOM   5    C CB   . SER A 1 2  ? 16.188  -0.032  4.032   1.00 20.04 ? 82  SER A CB   1 
ATOM   6    O OG   . SER A 1 2  ? 15.275  -1.118  4.034   1.00 19.90 ? 82  SER A OG   1 
ATOM   7    H HA   . SER A 1 2  ? 15.430  0.587   2.231   1.00 35.71 ? 82  SER A HA   1 
ATOM   8    H HB2  . SER A 1 2  ? 17.066  -0.357  3.780   1.00 24.04 ? 82  SER A HB2  1 
ATOM   9    H HB3  . SER A 1 2  ? 16.218  0.358   4.919   1.00 24.04 ? 82  SER A HB3  1 
ATOM   10   H HG   . SER A 1 2  ? 14.509  -0.848  4.250   1.00 23.88 ? 82  SER A HG   1 
ATOM   11   N N    . HIS A 1 3  ? 13.437  1.786   2.940   1.00 30.54 ? 83  HIS A N    1 
ATOM   12   C CA   . HIS A 1 3  ? 12.253  2.569   3.288   1.00 20.71 ? 83  HIS A CA   1 
ATOM   13   C C    . HIS A 1 3  ? 11.158  1.653   3.804   1.00 11.11 ? 83  HIS A C    1 
ATOM   14   O O    . HIS A 1 3  ? 10.864  0.635   3.156   1.00 13.70 ? 83  HIS A O    1 
ATOM   15   C CB   . HIS A 1 3  ? 11.729  3.329   2.068   1.00 19.83 ? 83  HIS A CB   1 
ATOM   16   C CG   . HIS A 1 3  ? 12.668  4.369   1.543   1.00 19.78 ? 83  HIS A CG   1 
ATOM   17   N ND1  . HIS A 1 3  ? 13.746  4.062   0.742   1.00 19.80 ? 83  HIS A ND1  1 
ATOM   18   C CD2  . HIS A 1 3  ? 12.682  5.715   1.692   1.00 19.79 ? 83  HIS A CD2  1 
ATOM   19   C CE1  . HIS A 1 3  ? 14.389  5.173   0.423   1.00 19.77 ? 83  HIS A CE1  1 
ATOM   20   N NE2  . HIS A 1 3  ? 13.761  6.192   0.987   1.00 19.80 ? 83  HIS A NE2  1 
ATOM   21   H H    . HIS A 1 3  ? 13.312  1.261   2.270   1.00 36.65 ? 83  HIS A H    1 
ATOM   22   H HA   . HIS A 1 3  ? 12.476  3.210   3.981   1.00 24.85 ? 83  HIS A HA   1 
ATOM   23   H HB2  . HIS A 1 3  ? 11.563  2.694   1.353   1.00 23.80 ? 83  HIS A HB2  1 
ATOM   24   H HB3  . HIS A 1 3  ? 10.901  3.773   2.309   1.00 23.80 ? 83  HIS A HB3  1 
ATOM   25   H HD2  . HIS A 1 3  ? 12.075  6.222   2.181   1.00 23.75 ? 83  HIS A HD2  1 
ATOM   26   H HE1  . HIS A 1 3  ? 15.151  5.230   -0.105  1.00 23.73 ? 83  HIS A HE1  1 
ATOM   27   N N    . MET A 1 4  ? 10.567  1.987   4.949   1.00 12.48 ? 84  MET A N    1 
ATOM   28   C CA   . MET A 1 4  ? 9.488   1.171   5.508   1.00 9.23  ? 84  MET A CA   1 
ATOM   29   C C    . MET A 1 4  ? 8.191   1.947   5.725   1.00 8.21  ? 84  MET A C    1 
ATOM   30   O O    . MET A 1 4  ? 7.193   1.374   6.167   1.00 7.81  ? 84  MET A O    1 
ATOM   31   C CB   . MET A 1 4  ? 9.932   0.528   6.819   1.00 11.48 ? 84  MET A CB   1 
ATOM   32   C CG   . MET A 1 4  ? 11.117  -0.420  6.627   1.00 12.72 ? 84  MET A CG   1 
ATOM   33   S SD   . MET A 1 4  ? 10.691  -1.842  5.588   1.00 15.45 ? 84  MET A SD   1 
ATOM   34   C CE   . MET A 1 4  ? 9.875   -2.906  6.765   1.00 35.52 ? 84  MET A CE   1 
ATOM   35   H H    . MET A 1 4  ? 10.770  2.677   5.419   1.00 14.98 ? 84  MET A H    1 
ATOM   36   H HA   . MET A 1 4  ? 9.305   0.451   4.886   1.00 11.08 ? 84  MET A HA   1 
ATOM   37   H HB2  . MET A 1 4  ? 10.201  1.224   7.440   1.00 13.77 ? 84  MET A HB2  1 
ATOM   38   H HB3  . MET A 1 4  ? 9.195   0.018   7.189   1.00 13.77 ? 84  MET A HB3  1 
ATOM   39   H HG2  . MET A 1 4  ? 11.843  0.061   6.199   1.00 15.27 ? 84  MET A HG2  1 
ATOM   40   H HG3  . MET A 1 4  ? 11.402  -0.753  7.493   1.00 15.27 ? 84  MET A HG3  1 
ATOM   41   H HE1  . MET A 1 4  ? 9.102   -2.444  7.125   1.00 42.62 ? 84  MET A HE1  1 
ATOM   42   H HE2  . MET A 1 4  ? 9.595   -3.718  6.315   1.00 42.62 ? 84  MET A HE2  1 
ATOM   43   H HE3  . MET A 1 4  ? 10.495  -3.120  7.480   1.00 42.62 ? 84  MET A HE3  1 
ATOM   44   N N    . THR A 1 5  ? 8.197   3.227   5.381   1.00 8.28  ? 85  THR A N    1 
ATOM   45   C CA   . THR A 1 5  ? 6.999   4.068   5.495   1.00 6.04  ? 85  THR A CA   1 
ATOM   46   C C    . THR A 1 5  ? 6.737   4.795   4.190   1.00 5.66  ? 85  THR A C    1 
ATOM   47   O O    . THR A 1 5  ? 7.612   5.488   3.669   1.00 8.92  ? 85  THR A O    1 
ATOM   48   C CB   . THR A 1 5  ? 7.122   5.099   6.609   1.00 7.05  ? 85  THR A CB   1 
ATOM   49   O OG1  . THR A 1 5  ? 7.701   4.484   7.769   1.00 6.38  ? 85  THR A OG1  1 
ATOM   50   C CG2  . THR A 1 5  ? 5.748   5.683   6.963   1.00 6.99  ? 85  THR A CG2  1 
ATOM   51   H H    . THR A 1 5  ? 8.886   3.642   5.076   1.00 9.93  ? 85  THR A H    1 
ATOM   52   H HA   . THR A 1 5  ? 6.233   3.506   5.687   1.00 7.24  ? 85  THR A HA   1 
ATOM   53   H HB   . THR A 1 5  ? 7.693   5.825   6.312   1.00 8.46  ? 85  THR A HB   1 
ATOM   54   H HG1  . THR A 1 5  ? 7.215   3.851   8.031   1.00 7.66  ? 85  THR A HG1  1 
ATOM   55   H HG21 . THR A 1 5  ? 5.839   6.337   7.673   1.00 8.39  ? 85  THR A HG21 1 
ATOM   56   H HG22 . THR A 1 5  ? 5.361   6.114   6.185   1.00 8.39  ? 85  THR A HG22 1 
ATOM   57   H HG23 . THR A 1 5  ? 5.155   4.976   7.260   1.00 8.39  ? 85  THR A HG23 1 
ATOM   58   N N    . PHE A 1 6  ? 5.513   4.644   3.690   1.00 6.38  ? 86  PHE A N    1 
ATOM   59   C CA   . PHE A 1 6  ? 5.097   5.173   2.406   1.00 4.80  ? 86  PHE A CA   1 
ATOM   60   C C    . PHE A 1 6  ? 3.846   6.008   2.571   1.00 5.19  ? 86  PHE A C    1 
ATOM   61   O O    . PHE A 1 6  ? 3.166   5.935   3.596   1.00 6.56  ? 86  PHE A O    1 
ATOM   62   C CB   . PHE A 1 6  ? 4.867   4.017   1.414   1.00 5.87  ? 86  PHE A CB   1 
ATOM   63   C CG   . PHE A 1 6  ? 6.115   3.259   1.110   1.00 6.08  ? 86  PHE A CG   1 
ATOM   64   C CD1  . PHE A 1 6  ? 6.568   2.269   1.955   1.00 5.62  ? 86  PHE A CD1  1 
ATOM   65   C CD2  . PHE A 1 6  ? 6.873   3.582   -0.007  1.00 5.23  ? 86  PHE A CD2  1 
ATOM   66   C CE1  . PHE A 1 6  ? 7.737   1.592   1.672   1.00 8.12  ? 86  PHE A CE1  1 
ATOM   67   C CE2  . PHE A 1 6  ? 8.029   2.930   -0.274  1.00 5.70  ? 86  PHE A CE2  1 
ATOM   68   C CZ   . PHE A 1 6  ? 8.473   1.941   0.566   1.00 6.23  ? 86  PHE A CZ   1 
ATOM   69   H H    . PHE A 1 6  ? 4.886   4.220   4.098   1.00 7.65  ? 86  PHE A H    1 
ATOM   70   H HA   . PHE A 1 6  ? 5.798   5.743   2.052   1.00 5.76  ? 86  PHE A HA   1 
ATOM   71   H HB2  . PHE A 1 6  ? 4.226   3.397   1.796   1.00 7.04  ? 86  PHE A HB2  1 
ATOM   72   H HB3  . PHE A 1 6  ? 4.524   4.378   0.583   1.00 7.04  ? 86  PHE A HB3  1 
ATOM   73   H HD1  . PHE A 1 6  ? 6.074   2.044   2.710   1.00 6.75  ? 86  PHE A HD1  1 
ATOM   74   H HD2  . PHE A 1 6  ? 6.587   4.260   -0.575  1.00 6.28  ? 86  PHE A HD2  1 
ATOM   75   H HE1  . PHE A 1 6  ? 8.039   0.921   2.242   1.00 9.74  ? 86  PHE A HE1  1 
ATOM   76   H HE2  . PHE A 1 6  ? 8.523   3.152   -1.031  1.00 6.84  ? 86  PHE A HE2  1 
ATOM   77   H HZ   . PHE A 1 6  ? 9.258   1.483   0.367   1.00 7.47  ? 86  PHE A HZ   1 
ATOM   78   N N    . VAL A 1 7  ? 3.551   6.814   1.562   1.00 5.88  ? 87  VAL A N    1 
ATOM   79   C CA   . VAL A 1 7  ? 2.364   7.656   1.559   1.00 6.56  ? 87  VAL A CA   1 
ATOM   80   C C    . VAL A 1 7  ? 1.604   7.351   0.267   1.00 5.38  ? 87  VAL A C    1 
ATOM   81   O O    . VAL A 1 7  ? 2.203   7.224   -0.804  1.00 4.73  ? 87  VAL A O    1 
ATOM   82   C CB   . VAL A 1 7  ? 2.731   9.127   1.687   1.00 8.71  ? 87  VAL A CB   1 
ATOM   83   C CG1  . VAL A 1 7  ? 3.625   9.561   0.557   1.00 11.68 ? 87  VAL A CG1  1 
ATOM   84   C CG2  . VAL A 1 7  ? 1.490   9.985   1.755   1.00 7.41  ? 87  VAL A CG2  1 
ATOM   85   H H    . VAL A 1 7  ? 4.034   6.893   0.853   1.00 7.06  ? 87  VAL A H    1 
ATOM   86   H HA   . VAL A 1 7  ? 1.799   7.416   2.309   1.00 7.87  ? 87  VAL A HA   1 
ATOM   87   H HB   . VAL A 1 7  ? 3.221   9.255   2.515   1.00 10.46 ? 87  VAL A HB   1 
ATOM   88   H HG11 . VAL A 1 7  ? 3.841   10.500  0.668   1.00 14.01 ? 87  VAL A HG11 1 
ATOM   89   H HG12 . VAL A 1 7  ? 4.438   9.031   0.577   1.00 14.01 ? 87  VAL A HG12 1 
ATOM   90   H HG13 . VAL A 1 7  ? 3.161   9.424   -0.283  1.00 14.01 ? 87  VAL A HG13 1 
ATOM   91   H HG21 . VAL A 1 7  ? 1.753   10.915  1.836   1.00 8.89  ? 87  VAL A HG21 1 
ATOM   92   H HG22 . VAL A 1 7  ? 0.973   9.857   0.944   1.00 8.89  ? 87  VAL A HG22 1 
ATOM   93   H HG23 . VAL A 1 7  ? 0.966   9.721   2.527   1.00 8.89  ? 87  VAL A HG23 1 
ATOM   94   N N    . ALA A 1 8  ? 0.305   7.115   0.389   1.00 5.47  ? 88  ALA A N    1 
ATOM   95   C CA   . ALA A 1 8  ? -0.528  6.856   -0.771  1.00 4.50  ? 88  ALA A CA   1 
ATOM   96   C C    . ALA A 1 8  ? -0.615  8.067   -1.688  1.00 5.29  ? 88  ALA A C    1 
ATOM   97   O O    . ALA A 1 8  ? -0.916  9.179   -1.251  1.00 5.00  ? 88  ALA A O    1 
ATOM   98   C CB   . ALA A 1 8  ? -1.911  6.429   -0.340  1.00 3.10  ? 88  ALA A CB   1 
ATOM   99   H H    . ALA A 1 8  ? -0.119  7.098   1.138   1.00 6.57  ? 88  ALA A H    1 
ATOM   100  H HA   . ALA A 1 8  ? -0.139  6.128   -1.280  1.00 5.40  ? 88  ALA A HA   1 
ATOM   101  H HB1  . ALA A 1 8  ? -2.450  6.262   -1.129  1.00 3.72  ? 88  ALA A HB1  1 
ATOM   102  H HB2  . ALA A 1 8  ? -1.840  5.620   0.190   1.00 3.72  ? 88  ALA A HB2  1 
ATOM   103  H HB3  . ALA A 1 8  ? -2.309  7.137   0.189   1.00 3.72  ? 88  ALA A HB3  1 
ATOM   104  N N    . LEU A 1 9  ? -0.354  7.826   -2.974  1.00 4.39  ? 89  LEU A N    1 
ATOM   105  C CA   . LEU A 1 9  ? -0.482  8.831   -4.010  1.00 4.04  ? 89  LEU A CA   1 
ATOM   106  C C    . LEU A 1 9  ? -1.888  8.924   -4.582  1.00 6.17  ? 89  LEU A C    1 
ATOM   107  O O    . LEU A 1 9  ? -2.286  9.985   -5.089  1.00 6.68  ? 89  LEU A O    1 
ATOM   108  C CB   . LEU A 1 9  ? 0.499   8.529   -5.150  1.00 4.39  ? 89  LEU A CB   1 
ATOM   109  C CG   . LEU A 1 9  ? 1.978   8.543   -4.777  1.00 6.03  ? 89  LEU A CG   1 
ATOM   110  C CD1  . LEU A 1 9  ? 2.826   8.023   -5.939  1.00 9.70  ? 89  LEU A CD1  1 
ATOM   111  C CD2  . LEU A 1 9  ? 2.402   9.948   -4.399  1.00 6.48  ? 89  LEU A CD2  1 
ATOM   112  H H    . LEU A 1 9  ? -0.094  7.062   -3.272  1.00 5.27  ? 89  LEU A H    1 
ATOM   113  H HA   . LEU A 1 9  ? -0.253  9.697   -3.639  1.00 4.85  ? 89  LEU A HA   1 
ATOM   114  H HB2  . LEU A 1 9  ? 0.297   7.647   -5.500  1.00 5.26  ? 89  LEU A HB2  1 
ATOM   115  H HB3  . LEU A 1 9  ? 0.370   9.190   -5.847  1.00 5.26  ? 89  LEU A HB3  1 
ATOM   116  H HG   . LEU A 1 9  ? 2.122   7.964   -4.011  1.00 7.24  ? 89  LEU A HG   1 
ATOM   117  H HD11 . LEU A 1 9  ? 3.760   8.041   -5.679  1.00 11.64 ? 89  LEU A HD11 1 
ATOM   118  H HD12 . LEU A 1 9  ? 2.557   7.114   -6.144  1.00 11.64 ? 89  LEU A HD12 1 
ATOM   119  H HD13 . LEU A 1 9  ? 2.686   8.592   -6.711  1.00 11.64 ? 89  LEU A HD13 1 
ATOM   120  H HD21 . LEU A 1 9  ? 3.343   9.942   -4.165  1.00 7.77  ? 89  LEU A HD21 1 
ATOM   121  H HD22 . LEU A 1 9  ? 2.253   10.536  -5.157  1.00 7.77  ? 89  LEU A HD22 1 
ATOM   122  H HD23 . LEU A 1 9  ? 1.874   10.244  -3.641  1.00 7.77  ? 89  LEU A HD23 1 
ATOM   123  N N    . TYR A 1 10 ? -2.621  7.818   -4.513  1.00 5.13  ? 90  TYR A N    1 
ATOM   124  C CA   . TYR A 1 10 ? -3.950  7.668   -5.119  1.00 5.58  ? 90  TYR A CA   1 
ATOM   125  C C    . TYR A 1 10 ? -4.836  6.846   -4.214  1.00 5.45  ? 90  TYR A C    1 
ATOM   126  O O    . TYR A 1 10 ? -4.345  5.987   -3.481  1.00 5.20  ? 90  TYR A O    1 
ATOM   127  C CB   . TYR A 1 10 ? -3.893  6.957   -6.474  1.00 5.29  ? 90  TYR A CB   1 
ATOM   128  C CG   . TYR A 1 10 ? -2.785  7.439   -7.326  1.00 6.05  ? 90  TYR A CG   1 
ATOM   129  C CD1  . TYR A 1 10 ? -1.685  6.653   -7.582  1.00 6.40  ? 90  TYR A CD1  1 
ATOM   130  C CD2  . TYR A 1 10 ? -2.840  8.708   -7.878  1.00 7.58  ? 90  TYR A CD2  1 
ATOM   131  C CE1  . TYR A 1 10 ? -0.664  7.121   -8.356  1.00 6.89  ? 90  TYR A CE1  1 
ATOM   132  C CE2  . TYR A 1 10 ? -1.821  9.180   -8.640  1.00 7.58  ? 90  TYR A CE2  1 
ATOM   133  C CZ   . TYR A 1 10 ? -0.741  8.392   -8.879  1.00 8.85  ? 90  TYR A CZ   1 
ATOM   134  O OH   . TYR A 1 10 ? 0.298   8.887   -9.645  1.00 11.66 ? 90  TYR A OH   1 
ATOM   135  H H    . TYR A 1 10 ? -2.362  7.108   -4.103  1.00 6.16  ? 90  TYR A H    1 
ATOM   136  H HA   . TYR A 1 10 ? -4.355  8.541   -5.242  1.00 6.70  ? 90  TYR A HA   1 
ATOM   137  H HB2  . TYR A 1 10 ? -3.767  6.006   -6.328  1.00 6.35  ? 90  TYR A HB2  1 
ATOM   138  H HB3  . TYR A 1 10 ? -4.726  7.113   -6.948  1.00 6.35  ? 90  TYR A HB3  1 
ATOM   139  H HD1  . TYR A 1 10 ? -1.634  5.799   -7.217  1.00 7.68  ? 90  TYR A HD1  1 
ATOM   140  H HD2  . TYR A 1 10 ? -3.575  9.251   -7.705  1.00 9.10  ? 90  TYR A HD2  1 
ATOM   141  H HE1  . TYR A 1 10 ? 0.082   6.592   -8.518  1.00 8.26  ? 90  TYR A HE1  1 
ATOM   142  H HE2  . TYR A 1 10 ? -1.864  10.038  -9.000  1.00 9.10  ? 90  TYR A HE2  1 
ATOM   143  H HH   . TYR A 1 10 ? 0.122   9.668   -9.898  1.00 13.99 ? 90  TYR A HH   1 
ATOM   144  N N    . ASP A 1 11 ? -6.140  7.063   -4.291  1.00 5.21  ? 91  ASP A N    1 
ATOM   145  C CA   . ASP A 1 11 ? -7.083  6.164   -3.614  1.00 5.32  ? 91  ASP A CA   1 
ATOM   146  C C    . ASP A 1 11 ? -6.963  4.768   -4.216  1.00 4.84  ? 91  ASP A C    1 
ATOM   147  O O    . ASP A 1 11 ? -6.860  4.635   -5.431  1.00 4.59  ? 91  ASP A O    1 
ATOM   148  C CB   . ASP A 1 11 ? -8.521  6.639   -3.765  1.00 6.60  ? 91  ASP A CB   1 
ATOM   149  C CG   . ASP A 1 11 ? -8.797  7.978   -3.103  1.00 10.48 ? 91  ASP A CG   1 
ATOM   150  O OD1  . ASP A 1 11 ? -8.029  8.463   -2.242  1.00 7.40  ? 91  ASP A OD1  1 
ATOM   151  O OD2  . ASP A 1 11 ? -9.831  8.559   -3.472  1.00 13.72 ? 91  ASP A OD2  1 
ATOM   152  H H    . ASP A 1 11 ? -6.506  7.712   -4.719  1.00 6.25  ? 91  ASP A H    1 
ATOM   153  H HA   . ASP A 1 11 ? -6.870  6.115   -2.669  1.00 6.39  ? 91  ASP A HA   1 
ATOM   154  H HB2  . ASP A 1 11 ? -8.722  6.728   -4.709  1.00 7.92  ? 91  ASP A HB2  1 
ATOM   155  H HB3  . ASP A 1 11 ? -9.111  5.982   -3.363  1.00 7.92  ? 91  ASP A HB3  1 
ATOM   156  N N    . TYR A 1 12 ? -6.966  3.748   -3.351  1.00 5.14  ? 92  TYR A N    1 
ATOM   157  C CA   . TYR A 1 12 ? -7.001  2.356   -3.773  1.00 3.47  ? 92  TYR A CA   1 
ATOM   158  C C    . TYR A 1 12 ? -8.116  1.610   -3.063  1.00 3.99  ? 92  TYR A C    1 
ATOM   159  O O    . TYR A 1 12 ? -8.155  1.541   -1.833  1.00 5.22  ? 92  TYR A O    1 
ATOM   160  C CB   . TYR A 1 12 ? -5.676  1.625   -3.509  1.00 4.07  ? 92  TYR A CB   1 
ATOM   161  C CG   . TYR A 1 12 ? -5.691  0.202   -4.023  1.00 4.98  ? 92  TYR A CG   1 
ATOM   162  C CD1  . TYR A 1 12 ? -5.757  -0.056  -5.391  1.00 5.73  ? 92  TYR A CD1  1 
ATOM   163  C CD2  . TYR A 1 12 ? -5.625  -0.873  -3.160  1.00 5.26  ? 92  TYR A CD2  1 
ATOM   164  C CE1  . TYR A 1 12 ? -5.787  -1.363  -5.875  1.00 8.57  ? 92  TYR A CE1  1 
ATOM   165  C CE2  . TYR A 1 12 ? -5.648  -2.167  -3.628  1.00 4.85  ? 92  TYR A CE2  1 
ATOM   166  C CZ   . TYR A 1 12 ? -5.721  -2.403  -4.987  1.00 6.44  ? 92  TYR A CZ   1 
ATOM   167  O OH   . TYR A 1 12 ? -5.744  -3.700  -5.453  1.00 8.87  ? 92  TYR A OH   1 
ATOM   168  H H    . TYR A 1 12 ? -6.946  3.846   -2.497  1.00 6.17  ? 92  TYR A H    1 
ATOM   169  H HA   . TYR A 1 12 ? -7.177  2.320   -4.727  1.00 4.17  ? 92  TYR A HA   1 
ATOM   170  H HB2  . TYR A 1 12 ? -4.957  2.100   -3.955  1.00 4.88  ? 92  TYR A HB2  1 
ATOM   171  H HB3  . TYR A 1 12 ? -5.514  1.599   -2.553  1.00 4.88  ? 92  TYR A HB3  1 
ATOM   172  H HD1  . TYR A 1 12 ? -5.805  0.654   -5.989  1.00 6.87  ? 92  TYR A HD1  1 
ATOM   173  H HD2  . TYR A 1 12 ? -5.579  -0.720  -2.244  1.00 6.31  ? 92  TYR A HD2  1 
ATOM   174  H HE1  . TYR A 1 12 ? -5.834  -1.526  -6.789  1.00 10.29 ? 92  TYR A HE1  1 
ATOM   175  H HE2  . TYR A 1 12 ? -5.606  -2.881  -3.033  1.00 5.82  ? 92  TYR A HE2  1 
ATOM   176  H HH   . TYR A 1 12 ? -5.698  -4.239  -4.809  1.00 10.64 ? 92  TYR A HH   1 
ATOM   177  N N    . GLU A 1 13 ? -9.012  1.032   -3.852  1.00 4.49  ? 93  GLU A N    1 
ATOM   178  C CA   . GLU A 1 13 ? -10.055 0.153   -3.364  1.00 6.20  ? 93  GLU A CA   1 
ATOM   179  C C    . GLU A 1 13 ? -9.620  -1.317  -3.490  1.00 6.70  ? 93  GLU A C    1 
ATOM   180  O O    . GLU A 1 13 ? -9.215  -1.761  -4.582  1.00 8.30  ? 93  GLU A O    1 
ATOM   181  C CB   . GLU A 1 13 ? -11.336 0.413   -4.153  1.00 11.35 ? 93  GLU A CB   1 
ATOM   182  C CG   . GLU A 1 13 ? -12.562 -0.287  -3.616  1.00 19.62 ? 93  GLU A CG   1 
ATOM   183  C CD   . GLU A 1 13 ? -12.970 0.202   -2.244  1.00 26.37 ? 93  GLU A CD   1 
ATOM   184  O OE1  . GLU A 1 13 ? -12.580 1.332   -1.875  1.00 22.73 ? 93  GLU A OE1  1 
ATOM   185  O OE2  . GLU A 1 13 ? -13.687 -0.552  -1.539  1.00 29.87 ? 93  GLU A OE2  1 
ATOM   186  H H    . GLU A 1 13 ? -9.033  1.141   -4.705  1.00 5.39  ? 93  GLU A H    1 
ATOM   187  H HA   . GLU A 1 13 ? -10.226 0.342   -2.429  1.00 7.45  ? 93  GLU A HA   1 
ATOM   188  H HB2  . GLU A 1 13 ? -11.516 1.367   -4.146  1.00 13.62 ? 93  GLU A HB2  1 
ATOM   189  H HB3  . GLU A 1 13 ? -11.204 0.113   -5.066  1.00 13.62 ? 93  GLU A HB3  1 
ATOM   190  H HG2  . GLU A 1 13 ? -13.303 -0.132  -4.222  1.00 23.54 ? 93  GLU A HG2  1 
ATOM   191  H HG3  . GLU A 1 13 ? -12.379 -1.237  -3.553  1.00 23.54 ? 93  GLU A HG3  1 
ATOM   192  N N    . SER A 1 14 ? -9.729  -2.081  -2.401  1.00 6.89  ? 94  SER A N    1 
ATOM   193  C CA   . SER A 1 14 ? -9.350  -3.491  -2.416  1.00 9.05  ? 94  SER A CA   1 
ATOM   194  C C    . SER A 1 14 ? -10.039 -4.243  -3.541  1.00 9.46  ? 94  SER A C    1 
ATOM   195  O O    . SER A 1 14 ? -11.203 -3.993  -3.847  1.00 9.03  ? 94  SER A O    1 
ATOM   196  C CB   . SER A 1 14 ? -9.696  -4.154  -1.088  1.00 11.23 ? 94  SER A CB   1 
ATOM   197  O OG   . SER A 1 14 ? -11.085 -4.055  -0.839  1.00 18.41 ? 94  SER A OG   1 
ATOM   198  H H    . SER A 1 14 ? -10.020 -1.803  -1.640  1.00 8.27  ? 94  SER A H    1 
ATOM   199  H HA   . SER A 1 14 ? -8.392  -3.561  -2.549  1.00 10.86 ? 94  SER A HA   1 
ATOM   200  H HB2  . SER A 1 14 ? -9.446  -5.091  -1.125  1.00 13.48 ? 94  SER A HB2  1 
ATOM   201  H HB3  . SER A 1 14 ? -9.213  -3.707  -0.374  1.00 13.48 ? 94  SER A HB3  1 
ATOM   202  H HG   . SER A 1 14 ? -11.272 -4.421  -0.107  1.00 22.10 ? 94  SER A HG   1 
ATOM   203  N N    . ARG A 1 15 ? -9.303  -5.176  -4.131  1.00 9.11  ? 95  ARG A N    1 
ATOM   204  C CA   . ARG A 1 15 ? -9.808  -5.984  -5.229  1.00 11.78 ? 95  ARG A CA   1 
ATOM   205  C C    . ARG A 1 15 ? -9.961  -7.439  -4.850  1.00 12.04 ? 95  ARG A C    1 
ATOM   206  O O    . ARG A 1 15 ? -10.545 -8.231  -5.586  1.00 13.64 ? 95  ARG A O    1 
ATOM   207  C CB   . ARG A 1 15 ? -8.882  -5.856  -6.407  1.00 11.53 ? 95  ARG A CB   1 
ATOM   208  C CG   . ARG A 1 15 ? -8.917  -4.459  -6.935  1.00 15.19 ? 95  ARG A CG   1 
ATOM   209  C CD   . ARG A 1 15 ? -8.312  -4.361  -8.263  1.00 15.67 ? 95  ARG A CD   1 
ATOM   210  N NE   . ARG A 1 15 ? -8.245  -2.964  -8.625  1.00 15.68 ? 95  ARG A NE   1 
ATOM   211  C CZ   . ARG A 1 15 ? -7.961  -2.509  -9.835  1.00 13.82 ? 95  ARG A CZ   1 
ATOM   212  N NH1  . ARG A 1 15 ? -7.743  -3.344  -10.844 1.00 11.06 ? 95  ARG A NH1  1 
ATOM   213  N NH2  . ARG A 1 15 ? -7.894  -1.198  -10.018 1.00 11.58 ? 95  ARG A NH2  1 
ATOM   214  H H    . ARG A 1 15 ? -8.494  -5.361  -3.908  1.00 10.93 ? 95  ARG A H    1 
ATOM   215  H HA   . ARG A 1 15 ? -10.680 -5.651  -5.493  1.00 14.14 ? 95  ARG A HA   1 
ATOM   216  H HB2  . ARG A 1 15 ? -7.975  -6.059  -6.130  1.00 13.83 ? 95  ARG A HB2  1 
ATOM   217  H HB3  . ARG A 1 15 ? -9.166  -6.460  -7.111  1.00 13.83 ? 95  ARG A HB3  1 
ATOM   218  H HG2  . ARG A 1 15 ? -9.839  -4.166  -7.000  1.00 18.22 ? 95  ARG A HG2  1 
ATOM   219  H HG3  . ARG A 1 15 ? -8.424  -3.879  -6.335  1.00 18.22 ? 95  ARG A HG3  1 
ATOM   220  H HD2  . ARG A 1 15 ? -7.413  -4.725  -8.245  1.00 18.80 ? 95  ARG A HD2  1 
ATOM   221  H HD3  . ARG A 1 15 ? -8.863  -4.828  -8.911  1.00 18.80 ? 95  ARG A HD3  1 
ATOM   222  H HE   . ARG A 1 15 ? -8.400  -2.385  -8.008  1.00 18.81 ? 95  ARG A HE   1 
ATOM   223  H HH11 . ARG A 1 15 ? -7.778  -4.194  -10.714 1.00 13.27 ? 95  ARG A HH11 1 
ATOM   224  H HH12 . ARG A 1 15 ? -7.564  -3.036  -11.626 1.00 13.27 ? 95  ARG A HH12 1 
ATOM   225  H HH21 . ARG A 1 15 ? -8.045  -0.664  -9.361  1.00 13.89 ? 95  ARG A HH21 1 
ATOM   226  H HH22 . ARG A 1 15 ? -7.727  -0.881  -10.799 1.00 13.89 ? 95  ARG A HH22 1 
ATOM   227  N N    . THR A 1 16 ? -9.388  -7.776  -3.709  1.00 11.28 ? 96  THR A N    1 
ATOM   228  C CA   . THR A 1 16 ? -9.576  -9.056  -3.085  1.00 10.26 ? 96  THR A CA   1 
ATOM   229  C C    . THR A 1 16 ? -9.479  -8.755  -1.591  1.00 10.55 ? 96  THR A C    1 
ATOM   230  O O    . THR A 1 16 ? -8.953  -7.692  -1.203  1.00 8.34  ? 96  THR A O    1 
ATOM   231  C CB   . THR A 1 16 ? -8.540  -10.072 -3.568  1.00 17.00 ? 96  THR A CB   1 
ATOM   232  O OG1  . THR A 1 16 ? -8.889  -11.371 -3.093  1.00 20.73 ? 96  THR A OG1  1 
ATOM   233  C CG2  . THR A 1 16 ? -7.165  -9.710  -3.088  1.00 10.90 ? 96  THR A CG2  1 
ATOM   234  H H    . THR A 1 16 ? -8.866  -7.255  -3.266  1.00 13.54 ? 96  THR A H    1 
ATOM   235  H HA   . THR A 1 16 ? -10.465 -9.393  -3.283  1.00 12.31 ? 96  THR A HA   1 
ATOM   236  H HB   . THR A 1 16 ? -8.529  -10.080 -4.538  1.00 20.40 ? 96  THR A HB   1 
ATOM   237  H HG1  . THR A 1 16 ? -8.324  -11.934 -3.355  1.00 24.87 ? 96  THR A HG1  1 
ATOM   238  H HG21 . THR A 1 16 ? -6.521  -10.364 -3.403  1.00 13.08 ? 96  THR A HG21 1 
ATOM   239  H HG22 . THR A 1 16 ? -6.916  -8.835  -3.424  1.00 13.08 ? 96  THR A HG22 1 
ATOM   240  H HG23 . THR A 1 16 ? -7.147  -9.692  -2.118  1.00 13.08 ? 96  THR A HG23 1 
ATOM   241  N N    . GLU A 1 17 ? -10.004 -9.638  -0.753  1.00 7.97  ? 97  GLU A N    1 
ATOM   242  C CA   . GLU A 1 17 ? -10.183 -9.308  0.661   1.00 9.03  ? 97  GLU A CA   1 
ATOM   243  C C    . GLU A 1 17 ? -8.876  -9.072  1.412   1.00 8.64  ? 97  GLU A C    1 
ATOM   244  O O    . GLU A 1 17 ? -8.859  -8.360  2.405   1.00 8.44  ? 97  GLU A O    1 
ATOM   245  C CB   . GLU A 1 17 ? -10.972 -10.414 1.354   1.00 9.99  ? 97  GLU A CB   1 
ATOM   246  C CG   . GLU A 1 17 ? -12.438 -10.452 0.959   1.00 12.09 ? 97  GLU A CG   1 
ATOM   247  C CD   . GLU A 1 17 ? -12.716 -11.285 -0.286  1.00 19.00 ? 97  GLU A CD   1 
ATOM   248  O OE1  . GLU A 1 17 ? -13.911 -11.553 -0.540  1.00 21.81 ? 97  GLU A OE1  1 
ATOM   249  O OE2  . GLU A 1 17 ? -11.769 -11.686 -0.998  1.00 16.48 ? 97  GLU A OE2  1 
ATOM   250  H H    . GLU A 1 17 ? -10.263 -10.429 -0.971  1.00 9.57  ? 97  GLU A H    1 
ATOM   251  H HA   . GLU A 1 17 ? -10.706 -8.493  0.722   1.00 10.83 ? 97  GLU A HA   1 
ATOM   252  H HB2  . GLU A 1 17 ? -10.579 -11.271 1.124   1.00 11.99 ? 97  GLU A HB2  1 
ATOM   253  H HB3  . GLU A 1 17 ? -10.925 -10.278 2.314   1.00 11.99 ? 97  GLU A HB3  1 
ATOM   254  H HG2  . GLU A 1 17 ? -12.949 -10.832 1.691   1.00 14.50 ? 97  GLU A HG2  1 
ATOM   255  H HG3  . GLU A 1 17 ? -12.738 -9.547  0.783   1.00 14.50 ? 97  GLU A HG3  1 
ATOM   256  N N    . THR A 1 18 ? -7.791  -9.662  0.942   1.00 6.65  ? 98  THR A N    1 
ATOM   257  C CA   . THR A 1 18 ? -6.485  -9.524  1.600   1.00 6.75  ? 98  THR A CA   1 
ATOM   258  C C    . THR A 1 18 ? -5.747  -8.263  1.158   1.00 5.94  ? 98  THR A C    1 
ATOM   259  O O    . THR A 1 18 ? -4.667  -7.984  1.662   1.00 5.00  ? 98  THR A O    1 
ATOM   260  C CB   . THR A 1 18 ? -5.603  -10.755 1.337   1.00 9.44  ? 98  THR A CB   1 
ATOM   261  O OG1  . THR A 1 18 ? -5.543  -11.013 -0.067  1.00 11.43 ? 98  THR A OG1  1 
ATOM   262  C CG2  . THR A 1 18 ? -6.193  -11.958 2.050   1.00 9.23  ? 98  THR A CG2  1 
ATOM   263  H H    . THR A 1 18 ? -7.775  -10.153 0.237   1.00 7.97  ? 98  THR A H    1 
ATOM   264  H HA   . THR A 1 18 ? -6.626  -9.462  2.558   1.00 8.10  ? 98  THR A HA   1 
ATOM   265  H HB   . THR A 1 18 ? -4.709  -10.598 1.680   1.00 11.33 ? 98  THR A HB   1 
ATOM   266  H HG1  . THR A 1 18 ? -5.062  -11.685 -0.216  1.00 13.72 ? 98  THR A HG1  1 
ATOM   267  H HG21 . THR A 1 18 ? -5.643  -12.740 1.890   1.00 11.08 ? 98  THR A HG21 1 
ATOM   268  H HG22 . THR A 1 18 ? -6.234  -11.790 3.004   1.00 11.08 ? 98  THR A HG22 1 
ATOM   269  H HG23 . THR A 1 18 ? -7.090  -12.129 1.722   1.00 11.08 ? 98  THR A HG23 1 
ATOM   270  N N    . ASP A 1 19 ? -6.346  -7.500  0.241   1.00 6.06  ? 99  ASP A N    1 
ATOM   271  C CA   . ASP A 1 19 ? -5.849  -6.160  -0.097  1.00 5.96  ? 99  ASP A CA   1 
ATOM   272  C C    . ASP A 1 19 ? -6.176  -5.204  1.036   1.00 6.64  ? 99  ASP A C    1 
ATOM   273  O O    . ASP A 1 19 ? -7.150  -5.409  1.755   1.00 7.43  ? 99  ASP A O    1 
ATOM   274  C CB   . ASP A 1 19 ? -6.495  -5.597  -1.358  1.00 7.01  ? 99  ASP A CB   1 
ATOM   275  C CG   . ASP A 1 19 ? -5.907  -6.118  -2.643  1.00 8.84  ? 99  ASP A CG   1 
ATOM   276  O OD1  . ASP A 1 19 ? -6.454  -5.694  -3.691  1.00 7.92  ? 99  ASP A OD1  1 
ATOM   277  O OD2  . ASP A 1 19 ? -4.915  -6.878  -2.624  1.00 9.84  ? 99  ASP A OD2  1 
ATOM   278  H H    . ASP A 1 19 ? -7.045  -7.734  -0.204  1.00 7.28  ? 99  ASP A H    1 
ATOM   279  H HA   . ASP A 1 19 ? -4.888  -6.184  -0.219  1.00 7.16  ? 99  ASP A HA   1 
ATOM   280  H HB2  . ASP A 1 19 ? -7.437  -5.825  -1.352  1.00 8.41  ? 99  ASP A HB2  1 
ATOM   281  H HB3  . ASP A 1 19 ? -6.392  -4.632  -1.356  1.00 8.41  ? 99  ASP A HB3  1 
ATOM   282  N N    . LEU A 1 20 ? -5.383  -4.140  1.136   1.00 5.24  ? 100 LEU A N    1 
ATOM   283  C CA   . LEU A 1 20 ? -5.681  -3.002  1.971   1.00 4.07  ? 100 LEU A CA   1 
ATOM   284  C C    . LEU A 1 20 ? -6.250  -1.858  1.141   1.00 4.23  ? 100 LEU A C    1 
ATOM   285  O O    . LEU A 1 20 ? -5.581  -1.328  0.255   1.00 6.06  ? 100 LEU A O    1 
ATOM   286  C CB   . LEU A 1 20 ? -4.435  -2.532  2.699   1.00 4.18  ? 100 LEU A CB   1 
ATOM   287  C CG   . LEU A 1 20 ? -4.594  -1.310  3.596   1.00 4.85  ? 100 LEU A CG   1 
ATOM   288  C CD1  . LEU A 1 20 ? -5.576  -1.548  4.731   1.00 6.55  ? 100 LEU A CD1  1 
ATOM   289  C CD2  . LEU A 1 20 ? -3.211  -0.924  4.125   1.00 5.27  ? 100 LEU A CD2  1 
ATOM   290  H H    . LEU A 1 20 ? -4.639  -4.062  0.711   1.00 6.29  ? 100 LEU A H    1 
ATOM   291  H HA   . LEU A 1 20 ? -6.343  -3.255  2.632   1.00 4.88  ? 100 LEU A HA   1 
ATOM   292  H HB2  . LEU A 1 20 ? -4.118  -3.259  3.258   1.00 5.01  ? 100 LEU A HB2  1 
ATOM   293  H HB3  . LEU A 1 20 ? -3.759  -2.318  2.038   1.00 5.01  ? 100 LEU A HB3  1 
ATOM   294  H HG   . LEU A 1 20 ? -4.928  -0.571  3.063   1.00 5.83  ? 100 LEU A HG   1 
ATOM   295  H HD11 . LEU A 1 20 ? -5.639  -0.742  5.267   1.00 7.86  ? 100 LEU A HD11 1 
ATOM   296  H HD12 . LEU A 1 20 ? -6.444  -1.765  4.357   1.00 7.86  ? 100 LEU A HD12 1 
ATOM   297  H HD13 . LEU A 1 20 ? -5.255  -2.284  5.275   1.00 7.86  ? 100 LEU A HD13 1 
ATOM   298  H HD21 . LEU A 1 20 ? -3.299  -0.145  4.697   1.00 6.33  ? 100 LEU A HD21 1 
ATOM   299  H HD22 . LEU A 1 20 ? -2.848  -1.666  4.630   1.00 6.33  ? 100 LEU A HD22 1 
ATOM   300  H HD23 . LEU A 1 20 ? -2.632  -0.718  3.374   1.00 6.33  ? 100 LEU A HD23 1 
ATOM   301  N N    . SER A 1 21 ? -7.489  -1.481  1.431   1.00 5.35  ? 101 SER A N    1 
ATOM   302  C CA   . SER A 1 21 ? -8.033  -0.240  0.893   1.00 5.36  ? 101 SER A CA   1 
ATOM   303  C C    . SER A 1 21 ? -7.440  0.973   1.609   1.00 4.21  ? 101 SER A C    1 
ATOM   304  O O    . SER A 1 21 ? -7.285  0.967   2.818   1.00 4.41  ? 101 SER A O    1 
ATOM   305  C CB   . SER A 1 21 ? -9.558  -0.205  1.029   1.00 7.13  ? 101 SER A CB   1 
ATOM   306  O OG   . SER A 1 21 ? -10.176 -1.224  0.253   1.00 7.10  ? 101 SER A OG   1 
ATOM   307  H H    . SER A 1 21 ? -8.031  -1.922  1.932   1.00 6.42  ? 101 SER A H    1 
ATOM   308  H HA   . SER A 1 21 ? -7.810  -0.175  -0.050  1.00 6.43  ? 101 SER A HA   1 
ATOM   309  H HB2  . SER A 1 21 ? -9.792  -0.336  1.962   1.00 8.56  ? 101 SER A HB2  1 
ATOM   310  H HB3  . SER A 1 21 ? -9.880  0.657   0.727   1.00 8.56  ? 101 SER A HB3  1 
ATOM   311  H HG   . SER A 1 21 ? -11.010 -1.187  0.343   1.00 8.52  ? 101 SER A HG   1 
ATOM   312  N N    . PHE A 1 22 ? -7.123  2.024   0.857   1.00 4.22  ? 102 PHE A N    1 
ATOM   313  C CA   . PHE A 1 22 ? -6.569  3.244   1.468   1.00 3.76  ? 102 PHE A CA   1 
ATOM   314  C C    . PHE A 1 22 ? -6.907  4.441   0.600   1.00 3.33  ? 102 PHE A C    1 
ATOM   315  O O    . PHE A 1 22 ? -7.198  4.307   -0.604  1.00 4.53  ? 102 PHE A O    1 
ATOM   316  C CB   . PHE A 1 22 ? -5.053  3.129   1.691   1.00 3.54  ? 102 PHE A CB   1 
ATOM   317  C CG   . PHE A 1 22 ? -4.274  2.775   0.456   1.00 3.93  ? 102 PHE A CG   1 
ATOM   318  C CD1  . PHE A 1 22 ? -3.907  3.751   -0.451  1.00 3.70  ? 102 PHE A CD1  1 
ATOM   319  C CD2  . PHE A 1 22 ? -3.945  1.464   0.196   1.00 3.00  ? 102 PHE A CD2  1 
ATOM   320  C CE1  . PHE A 1 22 ? -3.207  3.424   -1.583  1.00 3.18  ? 102 PHE A CE1  1 
ATOM   321  C CE2  . PHE A 1 22 ? -3.245  1.129   -0.928  1.00 3.42  ? 102 PHE A CE2  1 
ATOM   322  C CZ   . PHE A 1 22 ? -2.875  2.114   -1.827  1.00 4.09  ? 102 PHE A CZ   1 
ATOM   323  H H    . PHE A 1 22 ? -7.215  2.062   0.002   1.00 5.07  ? 102 PHE A H    1 
ATOM   324  H HA   . PHE A 1 22 ? -6.986  3.377   2.334   1.00 4.51  ? 102 PHE A HA   1 
ATOM   325  H HB2  . PHE A 1 22 ? -4.720  3.981   2.014   1.00 4.25  ? 102 PHE A HB2  1 
ATOM   326  H HB3  . PHE A 1 22 ? -4.886  2.440   2.351   1.00 4.25  ? 102 PHE A HB3  1 
ATOM   327  H HD1  . PHE A 1 22 ? -4.130  4.639   -0.287  1.00 4.44  ? 102 PHE A HD1  1 
ATOM   328  H HD2  . PHE A 1 22 ? -4.192  0.800   0.799   1.00 3.59  ? 102 PHE A HD2  1 
ATOM   329  H HE1  . PHE A 1 22 ? -2.958  4.088   -2.186  1.00 3.82  ? 102 PHE A HE1  1 
ATOM   330  H HE2  . PHE A 1 22 ? -3.022  0.241   -1.091  1.00 4.10  ? 102 PHE A HE2  1 
ATOM   331  H HZ   . PHE A 1 22 ? -2.399  1.889   -2.594  1.00 4.91  ? 102 PHE A HZ   1 
ATOM   332  N N    . LYS A 1 23 ? -6.883  5.601   1.233   1.00 3.99  ? 103 LYS A N    1 
ATOM   333  C CA   . LYS A 1 23 ? -7.087  6.866   0.543   1.00 3.93  ? 103 LYS A CA   1 
ATOM   334  C C    . LYS A 1 23 ? -5.763  7.553   0.303   1.00 4.57  ? 103 LYS A C    1 
ATOM   335  O O    . LYS A 1 23 ? -4.783  7.359   1.047   1.00 4.79  ? 103 LYS A O    1 
ATOM   336  C CB   . LYS A 1 23 ? -8.015  7.780   1.369   1.00 5.49  ? 103 LYS A CB   1 
ATOM   337  C CG   . LYS A 1 23 ? -9.388  7.218   1.636   1.00 5.44  ? 103 LYS A CG   1 
ATOM   338  C CD   . LYS A 1 23 ? -10.187 7.097   0.352   1.00 10.96 ? 103 LYS A CD   1 
ATOM   339  C CE   . LYS A 1 23 ? -11.615 6.664   0.636   1.00 18.59 ? 103 LYS A CE   1 
ATOM   340  N NZ   . LYS A 1 23 ? -12.366 6.507   -0.644  1.00 22.36 ? 103 LYS A NZ   1 
ATOM   341  H H    . LYS A 1 23 ? -6.747  5.685   2.078   1.00 4.79  ? 103 LYS A H    1 
ATOM   342  H HA   . LYS A 1 23 ? -7.507  6.701   -0.316  1.00 4.71  ? 103 LYS A HA   1 
ATOM   343  H HB2  . LYS A 1 23 ? -7.596  7.950   2.227   1.00 6.59  ? 103 LYS A HB2  1 
ATOM   344  H HB3  . LYS A 1 23 ? -8.129  8.617   0.891   1.00 6.59  ? 103 LYS A HB3  1 
ATOM   345  H HG2  . LYS A 1 23 ? -9.303  6.334   2.028   1.00 6.53  ? 103 LYS A HG2  1 
ATOM   346  H HG3  . LYS A 1 23 ? -9.865  7.810   2.238   1.00 6.53  ? 103 LYS A HG3  1 
ATOM   347  H HD2  . LYS A 1 23 ? -10.213 7.958   -0.093  1.00 13.15 ? 103 LYS A HD2  1 
ATOM   348  H HD3  . LYS A 1 23 ? -9.774  6.432   -0.222  1.00 13.15 ? 103 LYS A HD3  1 
ATOM   349  H HE2  . LYS A 1 23 ? -11.610 5.810   1.097   1.00 22.30 ? 103 LYS A HE2  1 
ATOM   350  H HE3  . LYS A 1 23 ? -12.059 7.337   1.174   1.00 22.30 ? 103 LYS A HE3  1 
ATOM   351  H HZ1  . LYS A 1 23 ? -13.203 6.253   -0.476  1.00 26.83 ? 103 LYS A HZ1  1 
ATOM   352  H HZ2  . LYS A 1 23 ? -12.382 7.280   -1.083  1.00 26.83 ? 103 LYS A HZ2  1 
ATOM   353  H HZ3  . LYS A 1 23 ? -11.974 5.891   -1.153  1.00 26.83 ? 103 LYS A HZ3  1 
ATOM   354  N N    . LYS A 1 24 ? -5.723  8.366   -0.746  1.00 5.07  ? 104 LYS A N    1 
ATOM   355  C CA   . LYS A 1 24 ? -4.595  9.245   -0.993  1.00 4.56  ? 104 LYS A CA   1 
ATOM   356  C C    . LYS A 1 24 ? -4.203  9.961   0.292   1.00 4.11  ? 104 LYS A C    1 
ATOM   357  O O    . LYS A 1 24 ? -5.080  10.463  1.027   1.00 5.64  ? 104 LYS A O    1 
ATOM   358  C CB   . LYS A 1 24 ? -4.956  10.265  -2.084  1.00 5.59  ? 104 LYS A CB   1 
ATOM   359  C CG   . LYS A 1 24 ? -3.892  11.295  -2.347  1.00 7.74  ? 104 LYS A CG   1 
ATOM   360  C CD   . LYS A 1 24 ? -4.342  12.197  -3.507  1.00 13.96 ? 104 LYS A CD   1 
ATOM   361  C CE   . LYS A 1 24 ? -3.307  13.290  -3.781  1.00 22.41 ? 104 LYS A CE   1 
ATOM   362  N NZ   . LYS A 1 24 ? -3.812  14.299  -4.766  1.00 31.16 ? 104 LYS A NZ   1 
ATOM   363  H H    . LYS A 1 24 ? -6.347  8.425   -1.335  1.00 6.09  ? 104 LYS A H    1 
ATOM   364  H HA   . LYS A 1 24 ? -3.837  8.723   -1.299  1.00 5.47  ? 104 LYS A HA   1 
ATOM   365  H HB2  . LYS A 1 24 ? -5.116  9.789   -2.913  1.00 6.71  ? 104 LYS A HB2  1 
ATOM   366  H HB3  . LYS A 1 24 ? -5.761  10.735  -1.815  1.00 6.71  ? 104 LYS A HB3  1 
ATOM   367  H HG2  . LYS A 1 24 ? -3.764  11.843  -1.557  1.00 9.29  ? 104 LYS A HG2  1 
ATOM   368  H HG3  . LYS A 1 24 ? -3.064  10.854  -2.597  1.00 9.29  ? 104 LYS A HG3  1 
ATOM   369  H HD2  . LYS A 1 24 ? -4.443  11.662  -4.310  1.00 16.76 ? 104 LYS A HD2  1 
ATOM   370  H HD3  . LYS A 1 24 ? -5.183  12.622  -3.277  1.00 16.76 ? 104 LYS A HD3  1 
ATOM   371  H HE2  . LYS A 1 24 ? -3.105  13.752  -2.953  1.00 26.90 ? 104 LYS A HE2  1 
ATOM   372  H HE3  . LYS A 1 24 ? -2.505  12.886  -4.145  1.00 26.90 ? 104 LYS A HE3  1 
ATOM   373  H HZ1  . LYS A 1 24 ? -3.192  14.923  -4.907  1.00 37.39 ? 104 LYS A HZ1  1 
ATOM   374  H HZ2  . LYS A 1 24 ? -4.002  13.900  -5.540  1.00 37.39 ? 104 LYS A HZ2  1 
ATOM   375  H HZ3  . LYS A 1 24 ? -4.548  14.689  -4.453  1.00 37.39 ? 104 LYS A HZ3  1 
ATOM   376  N N    . GLY A 1 25 ? -2.909  10.008  0.576   1.00 4.05  ? 105 GLY A N    1 
ATOM   377  C CA   . GLY A 1 25 ? -2.421  10.770  1.715   1.00 4.84  ? 105 GLY A CA   1 
ATOM   378  C C    . GLY A 1 25 ? -2.242  9.968   2.988   1.00 6.11  ? 105 GLY A C    1 
ATOM   379  O O    . GLY A 1 25 ? -1.630  10.452  3.929   1.00 7.32  ? 105 GLY A O    1 
ATOM   380  H H    . GLY A 1 25 ? -2.294  9.608   0.126   1.00 4.86  ? 105 GLY A H    1 
ATOM   381  H HA2  . GLY A 1 25 ? -1.564  11.163  1.486   1.00 5.81  ? 105 GLY A HA2  1 
ATOM   382  H HA3  . GLY A 1 25 ? -3.042  11.491  1.900   1.00 5.81  ? 105 GLY A HA3  1 
ATOM   383  N N    . GLU A 1 26 ? -2.792  8.755   3.040   1.00 4.87  ? 106 GLU A N    1 
ATOM   384  C CA   . GLU A 1 26 ? -2.553  7.867   4.191   1.00 4.28  ? 106 GLU A CA   1 
ATOM   385  C C    . GLU A 1 26 ? -1.084  7.461   4.251   1.00 4.58  ? 106 GLU A C    1 
ATOM   386  O O    . GLU A 1 26 ? -0.439  7.241   3.214   1.00 5.58  ? 106 GLU A O    1 
ATOM   387  C CB   . GLU A 1 26 ? -3.435  6.606   4.124   1.00 6.12  ? 106 GLU A CB   1 
ATOM   388  C CG   . GLU A 1 26 ? -4.922  6.840   4.331   1.00 5.82  ? 106 GLU A CG   1 
ATOM   389  C CD   . GLU A 1 26 ? -5.708  5.548   4.480   1.00 5.03  ? 106 GLU A CD   1 
ATOM   390  O OE1  . GLU A 1 26 ? -6.887  5.541   4.101   1.00 5.12  ? 106 GLU A OE1  1 
ATOM   391  O OE2  . GLU A 1 26 ? -5.145  4.544   4.981   1.00 4.71  ? 106 GLU A OE2  1 
ATOM   392  H H    . GLU A 1 26 ? -3.303  8.421   2.434   1.00 5.85  ? 106 GLU A H    1 
ATOM   393  H HA   . GLU A 1 26 ? -2.768  8.343   5.008   1.00 5.14  ? 106 GLU A HA   1 
ATOM   394  H HB2  . GLU A 1 26 ? -3.323  6.199   3.251   1.00 7.34  ? 106 GLU A HB2  1 
ATOM   395  H HB3  . GLU A 1 26 ? -3.139  5.988   4.812   1.00 7.34  ? 106 GLU A HB3  1 
ATOM   396  H HG2  . GLU A 1 26 ? -5.050  7.363   5.138   1.00 6.98  ? 106 GLU A HG2  1 
ATOM   397  H HG3  . GLU A 1 26 ? -5.276  7.319   3.566   1.00 6.98  ? 106 GLU A HG3  1 
ATOM   398  N N    . ARG A 1 27 ? -0.556  7.371   5.465   1.00 5.64  ? 107 ARG A N    1 
ATOM   399  C CA   . ARG A 1 27 ? 0.764   6.785   5.711   1.00 6.20  ? 107 ARG A CA   1 
ATOM   400  C C    . ARG A 1 27 ? 0.609   5.282   5.882   1.00 6.21  ? 107 ARG A C    1 
ATOM   401  O O    . ARG A 1 27 ? -0.257  4.824   6.633   1.00 5.11  ? 107 ARG A O    1 
ATOM   402  C CB   . ARG A 1 27 ? 1.429   7.389   6.957   1.00 7.37  ? 107 ARG A CB   1 
ATOM   403  C CG   . ARG A 1 27 ? 2.010   8.785   6.763   1.00 12.82 ? 107 ARG A CG   1 
ATOM   404  C CD   . ARG A 1 27 ? 2.755   9.280   8.048   1.00 14.55 ? 107 ARG A CD   1 
ATOM   405  N NE   . ARG A 1 27 ? 1.944   9.113   9.258   1.00 18.99 ? 107 ARG A NE   1 
ATOM   406  C CZ   . ARG A 1 27 ? 2.437   8.933   10.487  1.00 18.57 ? 107 ARG A CZ   1 
ATOM   407  N NH1  . ARG A 1 27 ? 3.761   8.888   10.689  1.00 18.08 ? 107 ARG A NH1  1 
ATOM   408  N NH2  . ARG A 1 27 ? 1.601   8.776   11.517  1.00 18.21 ? 107 ARG A NH2  1 
ATOM   409  H H    . ARG A 1 27 ? -0.948  7.647   6.180   1.00 6.77  ? 107 ARG A H    1 
ATOM   410  H HA   . ARG A 1 27 ? 1.337   6.950   4.947   1.00 7.44  ? 107 ARG A HA   1 
ATOM   411  H HB2  . ARG A 1 27 ? 0.767   7.443   7.664   1.00 8.84  ? 107 ARG A HB2  1 
ATOM   412  H HB3  . ARG A 1 27 ? 2.153   6.806   7.233   1.00 8.84  ? 107 ARG A HB3  1 
ATOM   413  H HG2  . ARG A 1 27 ? 2.646   8.767   6.031   1.00 15.38 ? 107 ARG A HG2  1 
ATOM   414  H HG3  . ARG A 1 27 ? 1.292   9.407   6.569   1.00 15.38 ? 107 ARG A HG3  1 
ATOM   415  H HD2  . ARG A 1 27 ? 3.572   8.767   8.159   1.00 17.46 ? 107 ARG A HD2  1 
ATOM   416  H HD3  . ARG A 1 27 ? 2.964   10.222  7.952   1.00 17.46 ? 107 ARG A HD3  1 
ATOM   417  H HE   . ARG A 1 27 ? 1.089   9.133   9.171   1.00 22.78 ? 107 ARG A HE   1 
ATOM   418  H HH11 . ARG A 1 27 ? 4.301   8.983   10.026  1.00 21.69 ? 107 ARG A HH11 1 
ATOM   419  H HH12 . ARG A 1 27 ? 4.071   8.770   11.483  1.00 21.69 ? 107 ARG A HH12 1 
ATOM   420  H HH21 . ARG A 1 27 ? 0.750   8.805   11.388  1.00 21.85 ? 107 ARG A HH21 1 
ATOM   421  H HH22 . ARG A 1 27 ? 1.911   8.662   12.310  1.00 21.85 ? 107 ARG A HH22 1 
ATOM   422  N N    . LEU A 1 28 ? 1.458   4.521   5.195   1.00 5.83  ? 108 LEU A N    1 
ATOM   423  C CA   . LEU A 1 28 ? 1.368   3.071   5.144   1.00 5.45  ? 108 LEU A CA   1 
ATOM   424  C C    . LEU A 1 28 ? 2.706   2.481   5.540   1.00 5.31  ? 108 LEU A C    1 
ATOM   425  O O    . LEU A 1 28 ? 3.729   2.767   4.911   1.00 6.95  ? 108 LEU A O    1 
ATOM   426  C CB   . LEU A 1 28 ? 0.955   2.610   3.740   1.00 5.21  ? 108 LEU A CB   1 
ATOM   427  C CG   . LEU A 1 28 ? -0.333  3.243   3.221   1.00 5.00  ? 108 LEU A CG   1 
ATOM   428  C CD1  . LEU A 1 28 ? -0.503  3.083   1.721   1.00 6.94  ? 108 LEU A CD1  1 
ATOM   429  C CD2  . LEU A 1 28 ? -1.510  2.649   3.959   1.00 5.77  ? 108 LEU A CD2  1 
ATOM   430  H H    . LEU A 1 28 ? 2.114   4.835   4.737   1.00 7.00  ? 108 LEU A H    1 
ATOM   431  H HA   . LEU A 1 28 ? 0.699   2.766   5.777   1.00 6.54  ? 108 LEU A HA   1 
ATOM   432  H HB2  . LEU A 1 28 ? 1.665   2.834   3.118   1.00 6.26  ? 108 LEU A HB2  1 
ATOM   433  H HB3  . LEU A 1 28 ? 0.825   1.648   3.754   1.00 6.26  ? 108 LEU A HB3  1 
ATOM   434  H HG   . LEU A 1 28 ? -0.311  4.193   3.415   1.00 6.00  ? 108 LEU A HG   1 
ATOM   435  H HD11 . LEU A 1 28 ? -1.335  3.504   1.452   1.00 8.33  ? 108 LEU A HD11 1 
ATOM   436  H HD12 . LEU A 1 28 ? 0.244   3.509   1.271   1.00 8.33  ? 108 LEU A HD12 1 
ATOM   437  H HD13 . LEU A 1 28 ? -0.524  2.138   1.505   1.00 8.33  ? 108 LEU A HD13 1 
ATOM   438  H HD21 . LEU A 1 28 ? -2.327  3.054   3.627   1.00 6.92  ? 108 LEU A HD21 1 
ATOM   439  H HD22 . LEU A 1 28 ? -1.528  1.691   3.803   1.00 6.92  ? 108 LEU A HD22 1 
ATOM   440  H HD23 . LEU A 1 28 ? -1.412  2.829   4.906   1.00 6.92  ? 108 LEU A HD23 1 
ATOM   441  N N    . GLN A 1 29 ? 2.672   1.666   6.588   1.00 3.63  ? 109 GLN A N    1 
ATOM   442  C CA   . GLN A 1 29 ? 3.861   1.096   7.200   1.00 4.74  ? 109 GLN A CA   1 
ATOM   443  C C    . GLN A 1 29 ? 4.065   -0.321  6.714   1.00 5.18  ? 109 GLN A C    1 
ATOM   444  O O    . GLN A 1 29 ? 3.162   -1.145  6.806   1.00 4.93  ? 109 GLN A O    1 
ATOM   445  C CB   . GLN A 1 29 ? 3.733   1.112   8.715   1.00 5.16  ? 109 GLN A CB   1 
ATOM   446  C CG   . GLN A 1 29 ? 4.954   0.624   9.423   1.00 4.79  ? 109 GLN A CG   1 
ATOM   447  C CD   . GLN A 1 29 ? 6.134   1.589   9.346   1.00 4.88  ? 109 GLN A CD   1 
ATOM   448  O OE1  . GLN A 1 29 ? 5.998   2.747   8.943   1.00 6.96  ? 109 GLN A OE1  1 
ATOM   449  N NE2  . GLN A 1 29 ? 7.296   1.125   9.792   1.00 5.11  ? 109 GLN A NE2  1 
ATOM   450  H H    . GLN A 1 29 ? 1.943   1.422   6.974   1.00 4.36  ? 109 GLN A H    1 
ATOM   451  H HA   . GLN A 1 29 ? 4.637   1.621   6.952   1.00 5.69  ? 109 GLN A HA   1 
ATOM   452  H HB2  . GLN A 1 29 ? 3.565   2.022   9.004   1.00 6.19  ? 109 GLN A HB2  1 
ATOM   453  H HB3  . GLN A 1 29 ? 2.992   0.542   8.973   1.00 6.19  ? 109 GLN A HB3  1 
ATOM   454  H HG2  . GLN A 1 29 ? 4.739   0.491   10.360  1.00 5.74  ? 109 GLN A HG2  1 
ATOM   455  H HG3  . GLN A 1 29 ? 5.230   -0.216  9.026   1.00 5.74  ? 109 GLN A HG3  1 
ATOM   456  H HE21 . GLN A 1 29 ? 7.349   0.324   10.100  1.00 6.14  ? 109 GLN A HE21 1 
ATOM   457  H HE22 . GLN A 1 29 ? 7.994   1.625   9.773   1.00 6.14  ? 109 GLN A HE22 1 
ATOM   458  N N    . ILE A 1 30 ? 5.270   -0.623  6.239   1.00 5.99  ? 110 ILE A N    1 
ATOM   459  C CA   . ILE A 1 30 ? 5.572   -1.962  5.791   1.00 7.19  ? 110 ILE A CA   1 
ATOM   460  C C    . ILE A 1 30 ? 5.664   -2.873  6.989   1.00 6.22  ? 110 ILE A C    1 
ATOM   461  O O    . ILE A 1 30 ? 6.368   -2.579  7.959   1.00 7.90  ? 110 ILE A O    1 
ATOM   462  C CB   . ILE A 1 30 ? 6.900   -2.013  5.006   1.00 9.43  ? 110 ILE A CB   1 
ATOM   463  C CG1  . ILE A 1 30 ? 6.860   -1.037  3.816   1.00 11.46 ? 110 ILE A CG1  1 
ATOM   464  C CG2  . ILE A 1 30 ? 7.212   -3.450  4.578   1.00 11.39 ? 110 ILE A CG2  1 
ATOM   465  C CD1  . ILE A 1 30 ? 5.738   -1.280  2.843   1.00 11.20 ? 110 ILE A CD1  1 
ATOM   466  H H    . ILE A 1 30 ? 5.923   -0.069  6.169   1.00 7.19  ? 110 ILE A H    1 
ATOM   467  H HA   . ILE A 1 30 ? 4.859   -2.280  5.215   1.00 8.63  ? 110 ILE A HA   1 
ATOM   468  H HB   . ILE A 1 30 ? 7.607   -1.721  5.603   1.00 11.32 ? 110 ILE A HB   1 
ATOM   469  H HG12 . ILE A 1 30 ? 6.761   -0.134  4.159   1.00 13.75 ? 110 ILE A HG12 1 
ATOM   470  H HG13 . ILE A 1 30 ? 7.694   -1.110  3.327   1.00 13.75 ? 110 ILE A HG13 1 
ATOM   471  H HG21 . ILE A 1 30 ? 8.049   -3.458  4.088   1.00 13.66 ? 110 ILE A HG21 1 
ATOM   472  H HG22 . ILE A 1 30 ? 7.287   -4.006  5.370   1.00 13.66 ? 110 ILE A HG22 1 
ATOM   473  H HG23 . ILE A 1 30 ? 6.493   -3.773  4.013   1.00 13.66 ? 110 ILE A HG23 1 
ATOM   474  H HD11 . ILE A 1 30 ? 5.790   -0.624  2.131   1.00 13.44 ? 110 ILE A HD11 1 
ATOM   475  H HD12 . ILE A 1 30 ? 5.827   -2.174  2.477   1.00 13.44 ? 110 ILE A HD12 1 
ATOM   476  H HD13 . ILE A 1 30 ? 4.891   -1.196  3.310   1.00 13.44 ? 110 ILE A HD13 1 
ATOM   477  N N    . VAL A 1 31 ? 4.990   -4.007  6.897   1.00 6.89  ? 111 VAL A N    1 
ATOM   478  C CA   . VAL A 1 31 ? 4.979   -4.989  7.962   1.00 8.15  ? 111 VAL A CA   1 
ATOM   479  C C    . VAL A 1 31 ? 6.220   -5.883  7.861   1.00 14.62 ? 111 VAL A C    1 
ATOM   480  O O    . VAL A 1 31 ? 6.935   -6.080  8.860   1.00 13.52 ? 111 VAL A O    1 
ATOM   481  C CB   . VAL A 1 31 ? 3.681   -5.826  7.894   1.00 9.80  ? 111 VAL A CB   1 
ATOM   482  C CG1  . VAL A 1 31 ? 3.782   -7.093  8.771   1.00 11.18 ? 111 VAL A CG1  1 
ATOM   483  C CG2  . VAL A 1 31 ? 2.472   -4.950  8.254   1.00 9.58  ? 111 VAL A CG2  1 
ATOM   484  H H    . VAL A 1 31 ? 4.524   -4.236  6.212   1.00 8.26  ? 111 VAL A H    1 
ATOM   485  H HA   . VAL A 1 31 ? 5.003   -4.532  8.817   1.00 9.78  ? 111 VAL A HA   1 
ATOM   486  H HB   . VAL A 1 31 ? 3.558   -6.120  6.978   1.00 11.76 ? 111 VAL A HB   1 
ATOM   487  H HG11 . VAL A 1 31 ? 2.952   -7.591  8.704   1.00 13.42 ? 111 VAL A HG11 1 
ATOM   488  H HG12 . VAL A 1 31 ? 4.520   -7.637  8.455   1.00 13.42 ? 111 VAL A HG12 1 
ATOM   489  H HG13 . VAL A 1 31 ? 3.936   -6.829  9.692   1.00 13.42 ? 111 VAL A HG13 1 
ATOM   490  H HG21 . VAL A 1 31 ? 1.667   -5.488  8.207   1.00 11.50 ? 111 VAL A HG21 1 
ATOM   491  H HG22 . VAL A 1 31 ? 2.588   -4.605  9.153   1.00 11.50 ? 111 VAL A HG22 1 
ATOM   492  H HG23 . VAL A 1 31 ? 2.416   -4.215  7.623   1.00 11.50 ? 111 VAL A HG23 1 
ATOM   493  N N    . ASN A 1 32 ? 6.465   -6.391  6.676   1.00 13.11 ? 112 ASN A N    1 
ATOM   494  C CA   . ASN A 1 32 ? 7.664   -7.228  6.439   1.00 16.31 ? 112 ASN A CA   1 
ATOM   495  C C    . ASN A 1 32 ? 8.733   -6.665  5.503   1.00 18.03 ? 112 ASN A C    1 
ATOM   496  O O    . ASN A 1 32 ? 9.807   -6.239  5.924   1.00 15.71 ? 112 ASN A O    1 
ATOM   497  C CB   . ASN A 1 32 ? 7.252   -8.616  6.009   1.00 18.50 ? 112 ASN A CB   1 
ATOM   498  C CG   . ASN A 1 32 ? 6.277   -8.628  4.859   1.00 19.41 ? 112 ASN A CG   1 
ATOM   499  O OD1  . ASN A 1 32 ? 6.042   -7.660  4.202   1.00 18.42 ? 112 ASN A OD1  1 
ATOM   500  N ND2  . ASN A 1 32 ? 5.696   -9.785  4.636   1.00 21.76 ? 112 ASN A ND2  1 
ATOM   501  H H    . ASN A 1 32 ? 5.987   -6.266  5.999   1.00 15.73 ? 112 ASN A H    1 
ATOM   502  H HA   . ASN A 1 32 ? 8.092   -7.338  7.298   1.00 19.57 ? 112 ASN A HA   1 
ATOM   503  H HB2  . ASN A 1 32 ? 8.018   -9.131  5.757   1.00 22.20 ? 112 ASN A HB2  1 
ATOM   504  H HB3  . ASN A 1 32 ? 6.817   -9.032  6.768   1.00 22.20 ? 112 ASN A HB3  1 
ATOM   505  H HD21 . ASN A 1 32 ? 5.881   -10.278 3.822   1.00 26.11 ? 112 ASN A HD21 1 
ATOM   506  H HD22 . ASN A 1 32 ? 5.076   -10.151 5.278   1.00 26.11 ? 112 ASN A HD22 1 
ATOM   507  N N    . ASN A 1 33 ? 8.424   -6.645  4.214   1.00 17.84 ? 113 ASN A N    1 
ATOM   508  C CA   . ASN A 1 33 ? 9.413   -6.192  3.238   1.00 15.06 ? 113 ASN A CA   1 
ATOM   509  C C    . ASN A 1 33 ? 8.790   -5.608  1.977   1.00 11.42 ? 113 ASN A C    1 
ATOM   510  O O    . ASN A 1 33 ? 7.578   -5.681  1.777   1.00 11.81 ? 113 ASN A O    1 
ATOM   511  C CB   . ASN A 1 33 ? 10.318  -7.356  2.851   1.00 16.04 ? 113 ASN A CB   1 
ATOM   512  C CG   . ASN A 1 33 ? 9.559   -8.466  2.169   1.00 18.24 ? 113 ASN A CG   1 
ATOM   513  O OD1  . ASN A 1 33 ? 9.159   -8.344  1.008   1.00 21.94 ? 113 ASN A OD1  1 
ATOM   514  N ND2  . ASN A 1 33 ? 9.347   -9.567  2.890   1.00 23.45 ? 113 ASN A ND2  1 
ATOM   515  H H    . ASN A 1 33 ? 7.670   -6.874  3.872   1.00 21.41 ? 113 ASN A H    1 
ATOM   516  H HA   . ASN A 1 33 ? 9.965   -5.506  3.644   1.00 18.07 ? 113 ASN A HA   1 
ATOM   517  H HB2  . ASN A 1 33 ? 11.001  -7.038  2.240   1.00 19.25 ? 113 ASN A HB2  1 
ATOM   518  H HB3  . ASN A 1 33 ? 10.728  -7.720  3.651   1.00 19.25 ? 113 ASN A HB3  1 
ATOM   519  H HD21 . ASN A 1 33 ? 8.918   -10.229 2.547   1.00 28.15 ? 113 ASN A HD21 1 
ATOM   520  H HD22 . ASN A 1 33 ? 9.639   -9.615  3.697   1.00 28.15 ? 113 ASN A HD22 1 
ATOM   521  N N    . THR A 1 34 ? 9.646   -5.039  1.131   1.00 10.62 ? 114 THR A N    1 
ATOM   522  C CA   . THR A 1 34 ? 9.224   -4.408  -0.117  1.00 7.12  ? 114 THR A CA   1 
ATOM   523  C C    . THR A 1 34 ? 9.676   -5.182  -1.349  1.00 8.95  ? 114 THR A C    1 
ATOM   524  O O    . THR A 1 34 ? 9.874   -4.605  -2.412  1.00 9.93  ? 114 THR A O    1 
ATOM   525  C CB   . THR A 1 34 ? 9.763   -2.990  -0.220  1.00 7.94  ? 114 THR A CB   1 
ATOM   526  O OG1  . THR A 1 34 ? 11.174  -3.003  0.029   1.00 12.19 ? 114 THR A OG1  1 
ATOM   527  C CG2  . THR A 1 34 ? 9.089   -2.096  0.800   1.00 8.45  ? 114 THR A CG2  1 
ATOM   528  H H    . THR A 1 34 ? 10.495  -5.005  1.261   1.00 12.75 ? 114 THR A H    1 
ATOM   529  H HA   . THR A 1 34 ? 8.256   -4.362  -0.133  1.00 8.54  ? 114 THR A HA   1 
ATOM   530  H HB   . THR A 1 34 ? 9.589   -2.637  -1.107  1.00 9.53  ? 114 THR A HB   1 
ATOM   531  H HG1  . THR A 1 34 ? 11.482  -2.223  -0.026  1.00 14.63 ? 114 THR A HG1  1 
ATOM   532  H HG21 . THR A 1 34 ? 9.436   -1.193  0.731   1.00 10.14 ? 114 THR A HG21 1 
ATOM   533  H HG22 . THR A 1 34 ? 8.131   -2.079  0.645   1.00 10.14 ? 114 THR A HG22 1 
ATOM   534  H HG23 . THR A 1 34 ? 9.258   -2.430  1.696   1.00 10.14 ? 114 THR A HG23 1 
ATOM   535  N N    . GLU A 1 35 ? 9.835   -6.491  -1.213  1.00 10.88 ? 115 GLU A N    1 
ATOM   536  C CA   . GLU A 1 35 ? 10.099  -7.317  -2.384  1.00 10.71 ? 115 GLU A CA   1 
ATOM   537  C C    . GLU A 1 35 ? 8.832   -7.494  -3.225  1.00 10.05 ? 115 GLU A C    1 
ATOM   538  O O    . GLU A 1 35 ? 7.735   -7.581  -2.695  1.00 11.06 ? 115 GLU A O    1 
ATOM   539  C CB   . GLU A 1 35 ? 10.674  -8.670  -1.955  1.00 12.92 ? 115 GLU A CB   1 
ATOM   540  C CG   . GLU A 1 35 ? 12.100  -8.580  -1.377  1.00 18.62 ? 115 GLU A CG   1 
ATOM   541  C CD   . GLU A 1 35 ? 13.116  -7.911  -2.323  1.00 30.04 ? 115 GLU A CD   1 
ATOM   542  O OE1  . GLU A 1 35 ? 13.242  -8.339  -3.495  1.00 26.50 ? 115 GLU A OE1  1 
ATOM   543  O OE2  . GLU A 1 35 ? 13.800  -6.946  -1.893  1.00 34.03 ? 115 GLU A OE2  1 
ATOM   544  H H    . GLU A 1 35 ? 9.796   -6.921  -0.469  1.00 13.05 ? 115 GLU A H    1 
ATOM   545  H HA   . GLU A 1 35 ? 10.761  -6.873  -2.936  1.00 12.85 ? 115 GLU A HA   1 
ATOM   546  H HB2  . GLU A 1 35 ? 10.101  -9.053  -1.272  1.00 15.51 ? 115 GLU A HB2  1 
ATOM   547  H HB3  . GLU A 1 35 ? 10.704  -9.257  -2.727  1.00 15.51 ? 115 GLU A HB3  1 
ATOM   548  H HG2  . GLU A 1 35 ? 12.072  -8.061  -0.557  1.00 22.35 ? 115 GLU A HG2  1 
ATOM   549  H HG3  . GLU A 1 35 ? 12.417  -9.476  -1.187  1.00 22.35 ? 115 GLU A HG3  1 
ATOM   550  N N    . GLY A 1 36 ? 8.994   -7.536  -4.544  1.00 10.87 ? 116 GLY A N    1 
ATOM   551  C CA   . GLY A 1 36 ? 7.871   -7.721  -5.438  1.00 9.40  ? 116 GLY A CA   1 
ATOM   552  C C    . GLY A 1 36 ? 7.015   -6.473  -5.567  1.00 7.09  ? 116 GLY A C    1 
ATOM   553  O O    . GLY A 1 36 ? 7.478   -5.369  -5.276  1.00 8.25  ? 116 GLY A O    1 
ATOM   554  H H    . GLY A 1 36 ? 9.752   -7.457  -4.943  1.00 13.04 ? 116 GLY A H    1 
ATOM   555  H HA2  . GLY A 1 36 ? 8.197   -7.962  -6.319  1.00 11.28 ? 116 GLY A HA2  1 
ATOM   556  H HA3  . GLY A 1 36 ? 7.313   -8.443  -5.108  1.00 11.28 ? 116 GLY A HA3  1 
ATOM   557  N N    . ASP A 1 37 ? 5.764   -6.677  -5.978  1.00 6.66  ? 117 ASP A N    1 
ATOM   558  C CA   . ASP A 1 37 ? 4.866   -5.586  -6.346  1.00 7.49  ? 117 ASP A CA   1 
ATOM   559  C C    . ASP A 1 37 ? 3.740   -5.360  -5.347  1.00 5.69  ? 117 ASP A C    1 
ATOM   560  O O    . ASP A 1 37 ? 3.090   -4.310  -5.383  1.00 7.55  ? 117 ASP A O    1 
ATOM   561  C CB   . ASP A 1 37 ? 4.230   -5.852  -7.712  1.00 8.73  ? 117 ASP A CB   1 
ATOM   562  C CG   . ASP A 1 37 ? 5.241   -6.093  -8.809  1.00 14.34 ? 117 ASP A CG   1 
ATOM   563  O OD1  . ASP A 1 37 ? 6.316   -5.438  -8.819  1.00 12.98 ? 117 ASP A OD1  1 
ATOM   564  O OD2  . ASP A 1 37 ? 4.931   -6.936  -9.692  1.00 14.52 ? 117 ASP A OD2  1 
ATOM   565  H H    . ASP A 1 37 ? 5.407   -7.456  -6.053  1.00 7.99  ? 117 ASP A H    1 
ATOM   566  H HA   . ASP A 1 37 ? 5.378   -4.764  -6.409  1.00 8.99  ? 117 ASP A HA   1 
ATOM   567  H HB2  . ASP A 1 37 ? 3.666   -6.640  -7.647  1.00 10.48 ? 117 ASP A HB2  1 
ATOM   568  H HB3  . ASP A 1 37 ? 3.695   -5.084  -7.963  1.00 10.48 ? 117 ASP A HB3  1 
ATOM   569  N N    . TRP A 1 38 ? 3.476   -6.360  -4.507  1.00 5.58  ? 118 TRP A N    1 
ATOM   570  C CA   . TRP A 1 38 ? 2.408   -6.285  -3.502  1.00 5.97  ? 118 TRP A CA   1 
ATOM   571  C C    . TRP A 1 38 ? 3.065   -6.357  -2.148  1.00 5.92  ? 118 TRP A C    1 
ATOM   572  O O    . TRP A 1 38 ? 3.729   -7.333  -1.830  1.00 7.29  ? 118 TRP A O    1 
ATOM   573  C CB   . TRP A 1 38 ? 1.394   -7.408  -3.659  1.00 6.54  ? 118 TRP A CB   1 
ATOM   574  C CG   . TRP A 1 38 ? 0.638   -7.301  -4.917  1.00 5.74  ? 118 TRP A CG   1 
ATOM   575  C CD1  . TRP A 1 38 ? 0.900   -7.966  -6.071  1.00 5.80  ? 118 TRP A CD1  1 
ATOM   576  C CD2  . TRP A 1 38 ? -0.510  -6.480  -5.177  1.00 5.00  ? 118 TRP A CD2  1 
ATOM   577  N NE1  . TRP A 1 38 ? 0.009   -7.589  -7.052  1.00 6.61  ? 118 TRP A NE1  1 
ATOM   578  C CE2  . TRP A 1 38 ? -0.875  -6.688  -6.525  1.00 6.10  ? 118 TRP A CE2  1 
ATOM   579  C CE3  . TRP A 1 38 ? -1.257  -5.587  -4.409  1.00 4.97  ? 118 TRP A CE3  1 
ATOM   580  C CZ2  . TRP A 1 38 ? -1.964  -6.050  -7.112  1.00 8.20  ? 118 TRP A CZ2  1 
ATOM   581  C CZ3  . TRP A 1 38 ? -2.338  -4.958  -5.003  1.00 7.23  ? 118 TRP A CZ3  1 
ATOM   582  C CH2  . TRP A 1 38 ? -2.673  -5.187  -6.333  1.00 5.28  ? 118 TRP A CH2  1 
ATOM   583  H H    . TRP A 1 38 ? 3.907   -7.103  -4.497  1.00 6.70  ? 118 TRP A H    1 
ATOM   584  H HA   . TRP A 1 38 ? 1.945   -5.436  -3.578  1.00 7.17  ? 118 TRP A HA   1 
ATOM   585  H HB2  . TRP A 1 38 ? 1.860   -8.259  -3.658  1.00 7.85  ? 118 TRP A HB2  1 
ATOM   586  H HB3  . TRP A 1 38 ? 0.763   -7.372  -2.923  1.00 7.85  ? 118 TRP A HB3  1 
ATOM   587  H HD1  . TRP A 1 38 ? 1.607   -8.557  -6.195  1.00 6.96  ? 118 TRP A HD1  1 
ATOM   588  H HE1  . TRP A 1 38 ? -0.009  -7.894  -7.856  1.00 7.93  ? 118 TRP A HE1  1 
ATOM   589  H HE3  . TRP A 1 38 ? -1.040  -5.425  -3.520  1.00 5.96  ? 118 TRP A HE3  1 
ATOM   590  H HZ2  . TRP A 1 38 ? -2.194  -6.202  -8.001  1.00 9.83  ? 118 TRP A HZ2  1 
ATOM   591  H HZ3  . TRP A 1 38 ? -2.843  -4.358  -4.504  1.00 8.68  ? 118 TRP A HZ3  1 
ATOM   592  H HH2  . TRP A 1 38 ? -3.404  -4.743  -6.699  1.00 6.34  ? 118 TRP A HH2  1 
ATOM   593  N N    . TRP A 1 39 ? 2.871   -5.313  -1.355  1.00 5.03  ? 119 TRP A N    1 
ATOM   594  C CA   . TRP A 1 39 ? 3.541   -5.207  -0.065  1.00 4.02  ? 119 TRP A CA   1 
ATOM   595  C C    . TRP A 1 39 ? 2.536   -5.305  1.055   1.00 4.44  ? 119 TRP A C    1 
ATOM   596  O O    . TRP A 1 39 ? 1.500   -4.639  1.013   1.00 4.19  ? 119 TRP A O    1 
ATOM   597  C CB   . TRP A 1 39 ? 4.288   -3.877  0.037   1.00 5.60  ? 119 TRP A CB   1 
ATOM   598  C CG   . TRP A 1 39 ? 5.324   -3.659  -1.006  1.00 3.96  ? 119 TRP A CG   1 
ATOM   599  C CD1  . TRP A 1 39 ? 5.925   -4.599  -1.788  1.00 5.88  ? 119 TRP A CD1  1 
ATOM   600  C CD2  . TRP A 1 39 ? 5.880   -2.399  -1.395  1.00 5.19  ? 119 TRP A CD2  1 
ATOM   601  N NE1  . TRP A 1 39 ? 6.842   -3.998  -2.623  1.00 4.87  ? 119 TRP A NE1  1 
ATOM   602  C CE2  . TRP A 1 39 ? 6.823   -2.649  -2.402  1.00 6.62  ? 119 TRP A CE2  1 
ATOM   603  C CE3  . TRP A 1 39 ? 5.668   -1.088  -0.984  1.00 5.14  ? 119 TRP A CE3  1 
ATOM   604  C CZ2  . TRP A 1 39 ? 7.566   -1.636  -2.985  1.00 6.45  ? 119 TRP A CZ2  1 
ATOM   605  C CZ3  . TRP A 1 39 ? 6.394   -0.086  -1.563  1.00 5.23  ? 119 TRP A CZ3  1 
ATOM   606  C CH2  . TRP A 1 39 ? 7.327   -0.357  -2.563  1.00 7.29  ? 119 TRP A CH2  1 
ATOM   607  H H    . TRP A 1 39 ? 2.356   -4.649  -1.539  1.00 6.03  ? 119 TRP A H    1 
ATOM   608  H HA   . TRP A 1 39 ? 4.181   -5.929  0.030   1.00 4.83  ? 119 TRP A HA   1 
ATOM   609  H HB2  . TRP A 1 39 ? 3.644   -3.155  -0.034  1.00 6.73  ? 119 TRP A HB2  1 
ATOM   610  H HB3  . TRP A 1 39 ? 4.729   -3.836  0.900   1.00 6.73  ? 119 TRP A HB3  1 
ATOM   611  H HD1  . TRP A 1 39 ? 5.760   -5.513  -1.747  1.00 7.06  ? 119 TRP A HD1  1 
ATOM   612  H HE1  . TRP A 1 39 ? 7.338   -4.404  -3.196  1.00 5.84  ? 119 TRP A HE1  1 
ATOM   613  H HE3  . TRP A 1 39 ? 5.054   -0.898  -0.311  1.00 6.16  ? 119 TRP A HE3  1 
ATOM   614  H HZ2  . TRP A 1 39 ? 8.180   -1.815  -3.661  1.00 7.74  ? 119 TRP A HZ2  1 
ATOM   615  H HZ3  . TRP A 1 39 ? 6.260   0.793   -1.290  1.00 6.27  ? 119 TRP A HZ3  1 
ATOM   616  H HH2  . TRP A 1 39 ? 7.804   0.345   -2.944  1.00 8.75  ? 119 TRP A HH2  1 
ATOM   617  N N    . LEU A 1 40 ? 2.829   -6.141  2.047   1.00 4.73  ? 120 LEU A N    1 
ATOM   618  C CA   . LEU A 1 40 ? 1.986   -6.202  3.248   1.00 5.02  ? 120 LEU A CA   1 
ATOM   619  C C    . LEU A 1 40 ? 2.258   -4.957  4.096   1.00 4.47  ? 120 LEU A C    1 
ATOM   620  O O    . LEU A 1 40 ? 3.392   -4.710  4.513   1.00 6.18  ? 120 LEU A O    1 
ATOM   621  C CB   . LEU A 1 40 ? 2.264   -7.477  4.044   1.00 6.67  ? 120 LEU A CB   1 
ATOM   622  C CG   . LEU A 1 40 ? 1.349   -7.698  5.241   1.00 8.57  ? 120 LEU A CG   1 
ATOM   623  C CD1  . LEU A 1 40 ? -0.099  -7.871  4.836   1.00 7.84  ? 120 LEU A CD1  1 
ATOM   624  C CD2  . LEU A 1 40 ? 1.822   -8.917  6.040   1.00 12.77 ? 120 LEU A CD2  1 
ATOM   625  H H    . LEU A 1 40 ? 3.502   -6.677  2.054   1.00 5.67  ? 120 LEU A H    1 
ATOM   626  H HA   . LEU A 1 40 ? 1.053   -6.199  2.988   1.00 6.02  ? 120 LEU A HA   1 
ATOM   627  H HB2  . LEU A 1 40 ? 2.161   -8.239  3.453   1.00 8.00  ? 120 LEU A HB2  1 
ATOM   628  H HB3  . LEU A 1 40 ? 3.175   -7.442  4.375   1.00 8.00  ? 120 LEU A HB3  1 
ATOM   629  H HG   . LEU A 1 40 ? 1.403   -6.924  5.822   1.00 10.29 ? 120 LEU A HG   1 
ATOM   630  H HD11 . LEU A 1 40 ? -0.636  -8.008  5.632   1.00 9.40  ? 120 LEU A HD11 1 
ATOM   631  H HD12 . LEU A 1 40 ? -0.394  -7.072  4.372   1.00 9.40  ? 120 LEU A HD12 1 
ATOM   632  H HD13 . LEU A 1 40 ? -0.174  -8.640  4.250   1.00 9.40  ? 120 LEU A HD13 1 
ATOM   633  H HD21 . LEU A 1 40 ? 1.231   -9.046  6.798   1.00 15.32 ? 120 LEU A HD21 1 
ATOM   634  H HD22 . LEU A 1 40 ? 1.800   -9.699  5.466   1.00 15.32 ? 120 LEU A HD22 1 
ATOM   635  H HD23 . LEU A 1 40 ? 2.727   -8.759  6.350   1.00 15.32 ? 120 LEU A HD23 1 
ATOM   636  N N    . ALA A 1 41 ? 1.215   -4.161  4.292   1.00 5.20  ? 121 ALA A N    1 
ATOM   637  C CA   . ALA A 1 41 ? 1.335   -2.874  4.945   1.00 4.51  ? 121 ALA A CA   1 
ATOM   638  C C    . ALA A 1 41 ? 0.210   -2.641  5.946   1.00 4.27  ? 121 ALA A C    1 
ATOM   639  O O    . ALA A 1 41 ? -0.840  -3.288  5.923   1.00 5.23  ? 121 ALA A O    1 
ATOM   640  C CB   . ALA A 1 41 ? 1.369   -1.781  3.909   1.00 6.32  ? 121 ALA A CB   1 
ATOM   641  H H    . ALA A 1 41 ? 0.412   -4.352  4.050   1.00 6.23  ? 121 ALA A H    1 
ATOM   642  H HA   . ALA A 1 41 ? 2.175   -2.848  5.431   1.00 5.41  ? 121 ALA A HA   1 
ATOM   643  H HB1  . ALA A 1 41 ? 1.450   -0.924  4.357   1.00 7.59  ? 121 ALA A HB1  1 
ATOM   644  H HB2  . ALA A 1 41 ? 2.131   -1.922  3.326   1.00 7.59  ? 121 ALA A HB2  1 
ATOM   645  H HB3  . ALA A 1 41 ? 0.547   -1.809  3.394   1.00 7.59  ? 121 ALA A HB3  1 
ATOM   646  N N    . HIS A 1 42 ? 0.454   -1.694  6.832   1.00 3.44  ? 122 HIS A N    1 
ATOM   647  C CA   . HIS A 1 42 ? -0.447  -1.342  7.905   1.00 4.22  ? 122 HIS A CA   1 
ATOM   648  C C    . HIS A 1 42 ? -0.672  0.160   7.847   1.00 5.17  ? 122 HIS A C    1 
ATOM   649  O O    . HIS A 1 42 ? 0.307   0.925   7.899   1.00 5.44  ? 122 HIS A O    1 
ATOM   650  C CB   . HIS A 1 42 ? 0.161   -1.746  9.241   1.00 5.00  ? 122 HIS A CB   1 
ATOM   651  C CG   . HIS A 1 42 ? -0.605  -1.245  10.415  1.00 4.19  ? 122 HIS A CG   1 
ATOM   652  N ND1  . HIS A 1 42 ? -1.798  -1.802  10.809  1.00 4.10  ? 122 HIS A ND1  1 
ATOM   653  C CD2  . HIS A 1 42 ? -0.349  -0.236  11.282  1.00 4.96  ? 122 HIS A CD2  1 
ATOM   654  C CE1  . HIS A 1 42 ? -2.241  -1.160  11.877  1.00 5.45  ? 122 HIS A CE1  1 
ATOM   655  N NE2  . HIS A 1 42 ? -1.391  -0.198  12.175  1.00 6.16  ? 122 HIS A NE2  1 
ATOM   656  H H    . HIS A 1 42 ? 1.171   -1.220  6.828   1.00 4.13  ? 122 HIS A H    1 
ATOM   657  H HA   . HIS A 1 42 ? -1.296  -1.796  7.791   1.00 5.07  ? 122 HIS A HA   1 
ATOM   658  H HB2  . HIS A 1 42 ? 0.186   -2.714  9.294   1.00 6.00  ? 122 HIS A HB2  1 
ATOM   659  H HB3  . HIS A 1 42 ? 1.060   -1.388  9.298   1.00 6.00  ? 122 HIS A HB3  1 
ATOM   660  H HD2  . HIS A 1 42 ? 0.387   0.331   11.268  1.00 5.95  ? 122 HIS A HD2  1 
ATOM   661  H HE1  . HIS A 1 42 ? -3.032  -1.344  12.331  1.00 6.54  ? 122 HIS A HE1  1 
ATOM   662  N N    . SER A 1 43 ? -1.918  0.592   7.698   1.00 4.71  ? 123 SER A N    1 
ATOM   663  C CA   . SER A 1 43 ? -2.208  2.027   7.648   1.00 4.29  ? 123 SER A CA   1 
ATOM   664  C C    . SER A 1 43 ? -2.064  2.711   9.005   1.00 4.93  ? 123 SER A C    1 
ATOM   665  O O    . SER A 1 43 ? -2.749  2.351   9.968   1.00 5.90  ? 123 SER A O    1 
ATOM   666  C CB   . SER A 1 43 ? -3.616  2.293   7.135   1.00 3.90  ? 123 SER A CB   1 
ATOM   667  O OG   . SER A 1 43 ? -3.850  3.696   7.187   1.00 4.67  ? 123 SER A OG   1 
ATOM   668  H H    . SER A 1 43 ? -2.609  0.084   7.623   1.00 5.65  ? 123 SER A H    1 
ATOM   669  H HA   . SER A 1 43 ? -1.585  2.450   7.036   1.00 5.14  ? 123 SER A HA   1 
ATOM   670  H HB2  . SER A 1 43 ? -3.690  1.986   6.219   1.00 4.68  ? 123 SER A HB2  1 
ATOM   671  H HB3  . SER A 1 43 ? -4.259  1.836   7.701   1.00 4.68  ? 123 SER A HB3  1 
ATOM   672  H HG   . SER A 1 43 ? -4.623  3.869   6.908   1.00 5.60  ? 123 SER A HG   1 
ATOM   673  N N    . LEU A 1 44 ? -1.205  3.728   9.058   1.00 5.01  ? 124 LEU A N    1 
ATOM   674  C CA   . LEU A 1 44 ? -1.078  4.518   10.271  1.00 5.81  ? 124 LEU A CA   1 
ATOM   675  C C    . LEU A 1 44 ? -2.273  5.457   10.434  1.00 7.19  ? 124 LEU A C    1 
ATOM   676  O O    . LEU A 1 44 ? -2.467  6.066   11.482  1.00 8.55  ? 124 LEU A O    1 
ATOM   677  C CB   . LEU A 1 44 ? 0.232   5.300   10.255  1.00 6.41  ? 124 LEU A CB   1 
ATOM   678  C CG   . LEU A 1 44 ? 1.505   4.458   10.081  1.00 7.83  ? 124 LEU A CG   1 
ATOM   679  C CD1  . LEU A 1 44 ? 2.762   5.322   10.119  1.00 9.92  ? 124 LEU A CD1  1 
ATOM   680  C CD2  . LEU A 1 44 ? 1.611   3.365   11.135  1.00 9.55  ? 124 LEU A CD2  1 
ATOM   681  H H    . LEU A 1 44 ? -0.693  3.977   8.412   1.00 6.01  ? 124 LEU A H    1 
ATOM   682  H HA   . LEU A 1 44 ? -1.061  3.921   11.036  1.00 6.97  ? 124 LEU A HA   1 
ATOM   683  H HB2  . LEU A 1 44 ? 0.202   5.934   9.522   1.00 7.69  ? 124 LEU A HB2  1 
ATOM   684  H HB3  . LEU A 1 44 ? 0.314   5.778   11.094  1.00 7.69  ? 124 LEU A HB3  1 
ATOM   685  H HG   . LEU A 1 44 ? 1.473   4.025   9.213   1.00 9.39  ? 124 LEU A HG   1 
ATOM   686  H HD11 . LEU A 1 44 ? 3.541   4.753   10.005  1.00 11.90 ? 124 LEU A HD11 1 
ATOM   687  H HD12 . LEU A 1 44 ? 2.721   5.972   9.400   1.00 11.90 ? 124 LEU A HD12 1 
ATOM   688  H HD13 . LEU A 1 44 ? 2.806   5.777   10.975  1.00 11.90 ? 124 LEU A HD13 1 
ATOM   689  H HD21 . LEU A 1 44 ? 2.426   2.862   10.987  1.00 11.46 ? 124 LEU A HD21 1 
ATOM   690  H HD22 . LEU A 1 44 ? 1.630   3.777   12.014  1.00 11.46 ? 124 LEU A HD22 1 
ATOM   691  H HD23 . LEU A 1 44 ? 0.841   2.780   11.061  1.00 11.46 ? 124 LEU A HD23 1 
ATOM   692  N N    . THR A 1 45 ? -3.068  5.589   9.387   1.00 6.01  ? 125 THR A N    1 
ATOM   693  C CA   . THR A 1 45 ? -4.264  6.407   9.440   1.00 4.29  ? 125 THR A CA   1 
ATOM   694  C C    . THR A 1 45 ? -5.461  5.613   9.976   1.00 6.18  ? 125 THR A C    1 
ATOM   695  O O    . THR A 1 45 ? -6.122  6.041   10.913  1.00 7.28  ? 125 THR A O    1 
ATOM   696  C CB   . THR A 1 45 ? -4.603  6.971   8.054   1.00 8.07  ? 125 THR A CB   1 
ATOM   697  O OG1  . THR A 1 45 ? -3.530  7.809   7.611   1.00 11.94 ? 125 THR A OG1  1 
ATOM   698  C CG2  . THR A 1 45 ? -5.908  7.784   8.078   1.00 9.73  ? 125 THR A CG2  1 
ATOM   699  H H    . THR A 1 45 ? -2.934  5.212   8.627   1.00 7.21  ? 125 THR A H    1 
ATOM   700  H HA   . THR A 1 45 ? -4.109  7.155   10.037  1.00 5.15  ? 125 THR A HA   1 
ATOM   701  H HB   . THR A 1 45 ? -4.714  6.238   7.430   1.00 9.69  ? 125 THR A HB   1 
ATOM   702  H HG1  . THR A 1 45 ? -3.706  8.123   6.852   1.00 14.33 ? 125 THR A HG1  1 
ATOM   703  H HG21 . THR A 1 45 ? -6.099  8.129   7.192   1.00 11.68 ? 125 THR A HG21 1 
ATOM   704  H HG22 . THR A 1 45 ? -6.644  7.221   8.363   1.00 11.68 ? 125 THR A HG22 1 
ATOM   705  H HG23 . THR A 1 45 ? -5.823  8.528   8.695   1.00 11.68 ? 125 THR A HG23 1 
ATOM   706  N N    . THR A 1 46 ? -5.730  4.456   9.376   1.00 6.04  ? 126 THR A N    1 
ATOM   707  C CA   . THR A 1 46 ? -6.917  3.656   9.669   1.00 5.68  ? 126 THR A CA   1 
ATOM   708  C C    . THR A 1 46 ? -6.685  2.444   10.551  1.00 4.82  ? 126 THR A C    1 
ATOM   709  O O    . THR A 1 46 ? -7.652  1.819   11.011  1.00 6.45  ? 126 THR A O    1 
ATOM   710  C CB   . THR A 1 46 ? -7.550  3.106   8.399   1.00 6.38  ? 126 THR A CB   1 
ATOM   711  O OG1  . THR A 1 46 ? -6.671  2.121   7.840   1.00 4.62  ? 126 THR A OG1  1 
ATOM   712  C CG2  . THR A 1 46 ? -7.827  4.205   7.403   1.00 8.21  ? 126 THR A CG2  1 
ATOM   713  H H    . THR A 1 46 ? -5.224  4.102   8.777   1.00 7.24  ? 126 THR A H    1 
ATOM   714  H HA   . THR A 1 46 ? -7.572  4.220   10.108  1.00 6.82  ? 126 THR A HA   1 
ATOM   715  H HB   . THR A 1 46 ? -8.394  2.685   8.624   1.00 7.65  ? 126 THR A HB   1 
ATOM   716  H HG1  . THR A 1 46 ? -7.005  1.805   7.137   1.00 5.54  ? 126 THR A HG1  1 
ATOM   717  H HG21 . THR A 1 46 ? -8.229  3.833   6.603   1.00 9.85  ? 126 THR A HG21 1 
ATOM   718  H HG22 . THR A 1 46 ? -8.435  4.856   7.789   1.00 9.85  ? 126 THR A HG22 1 
ATOM   719  H HG23 . THR A 1 46 ? -7.000  4.650   7.163   1.00 9.85  ? 126 THR A HG23 1 
ATOM   720  N N    . GLY A 1 47 ? -5.425  2.073   10.758  1.00 3.90  ? 127 GLY A N    1 
ATOM   721  C CA   . GLY A 1 47 ? -5.117  0.884   11.511  1.00 4.46  ? 127 GLY A CA   1 
ATOM   722  C C    . GLY A 1 47 ? -5.339  -0.434  10.781  1.00 4.90  ? 127 GLY A C    1 
ATOM   723  O O    . GLY A 1 47 ? -5.144  -1.476  11.354  1.00 5.53  ? 127 GLY A O    1 
ATOM   724  H H    . GLY A 1 47 ? -4.736  2.498   10.469  1.00 4.68  ? 127 GLY A H    1 
ATOM   725  H HA2  . GLY A 1 47 ? -4.186  0.919   11.783  1.00 5.35  ? 127 GLY A HA2  1 
ATOM   726  H HA3  . GLY A 1 47 ? -5.661  0.873   12.314  1.00 5.35  ? 127 GLY A HA3  1 
ATOM   727  N N    . GLN A 1 48 ? -5.728  -0.391  9.515   1.00 4.17  ? 128 GLN A N    1 
ATOM   728  C CA   . GLN A 1 48 ? -6.009  -1.622  8.793   1.00 4.14  ? 128 GLN A CA   1 
ATOM   729  C C    . GLN A 1 48 ? -4.743  -2.157  8.142   1.00 4.70  ? 128 GLN A C    1 
ATOM   730  O O    . GLN A 1 48 ? -3.809  -1.410  7.866   1.00 4.47  ? 128 GLN A O    1 
ATOM   731  C CB   . GLN A 1 48 ? -7.125  -1.379  7.777   1.00 5.90  ? 128 GLN A CB   1 
ATOM   732  C CG   . GLN A 1 48 ? -8.372  -0.798  8.436   1.00 4.63  ? 128 GLN A CG   1 
ATOM   733  C CD   . GLN A 1 48 ? -8.751  -1.568  9.686   1.00 4.81  ? 128 GLN A CD   1 
ATOM   734  O OE1  . GLN A 1 48 ? -8.673  -1.050  10.821  1.00 6.82  ? 128 GLN A OE1  1 
ATOM   735  N NE2  . GLN A 1 48 ? -9.174  -2.782  9.497   1.00 3.83  ? 128 GLN A NE2  1 
ATOM   736  H H    . GLN A 1 48 ? -5.834  0.328   9.055   1.00 5.00  ? 128 GLN A H    1 
ATOM   737  H HA   . GLN A 1 48 ? -6.323  -2.290  9.424   1.00 4.97  ? 128 GLN A HA   1 
ATOM   738  H HB2  . GLN A 1 48 ? -6.814  -0.749  7.107   1.00 7.08  ? 128 GLN A HB2  1 
ATOM   739  H HB3  . GLN A 1 48 ? -7.366  -2.221  7.359   1.00 7.08  ? 128 GLN A HB3  1 
ATOM   740  H HG2  . GLN A 1 48 ? -8.202  0.124   8.686   1.00 5.56  ? 128 GLN A HG2  1 
ATOM   741  H HG3  . GLN A 1 48 ? -9.115  -0.846  7.813   1.00 5.56  ? 128 GLN A HG3  1 
ATOM   742  H HE21 . GLN A 1 48 ? -9.224  -3.101  8.700   1.00 4.60  ? 128 GLN A HE21 1 
ATOM   743  H HE22 . GLN A 1 48 ? -9.403  -3.267  10.169  1.00 4.60  ? 128 GLN A HE22 1 
ATOM   744  N N    . THR A 1 49 ? -4.715  -3.475  7.966   1.00 3.84  ? 129 THR A N    1 
ATOM   745  C CA   . THR A 1 49 ? -3.556  -4.181  7.449   1.00 4.81  ? 129 THR A CA   1 
ATOM   746  C C    . THR A 1 49 ? -3.896  -5.047  6.248   1.00 4.36  ? 129 THR A C    1 
ATOM   747  O O    . THR A 1 49 ? -4.852  -5.822  6.280   1.00 5.89  ? 129 THR A O    1 
ATOM   748  C CB   . THR A 1 49 ? -2.959  -5.063  8.524   1.00 6.14  ? 129 THR A CB   1 
ATOM   749  O OG1  . THR A 1 49 ? -2.511  -4.241  9.602   1.00 5.66  ? 129 THR A OG1  1 
ATOM   750  C CG2  . THR A 1 49 ? -1.792  -5.887  7.994   1.00 5.28  ? 129 THR A CG2  1 
ATOM   751  H H    . THR A 1 49 ? -5.377  -3.994  8.145   1.00 4.60  ? 129 THR A H    1 
ATOM   752  H HA   . THR A 1 49 ? -2.884  -3.536  7.179   1.00 5.78  ? 129 THR A HA   1 
ATOM   753  H HB   . THR A 1 49 ? -3.638  -5.673  8.850   1.00 7.37  ? 129 THR A HB   1 
ATOM   754  H HG1  . THR A 1 49 ? -1.930  -3.699  9.328   1.00 6.79  ? 129 THR A HG1  1 
ATOM   755  H HG21 . THR A 1 49 ? -1.430  -6.442  8.703   1.00 6.34  ? 129 THR A HG21 1 
ATOM   756  H HG22 . THR A 1 49 ? -2.093  -6.458  7.270   1.00 6.34  ? 129 THR A HG22 1 
ATOM   757  H HG23 . THR A 1 49 ? -1.095  -5.300  7.664   1.00 6.34  ? 129 THR A HG23 1 
ATOM   758  N N    . GLY A 1 50 ? -3.101  -4.938  5.195   1.00 4.61  ? 130 GLY A N    1 
ATOM   759  C CA   . GLY A 1 50 ? -3.330  -5.735  4.003   1.00 4.39  ? 130 GLY A CA   1 
ATOM   760  C C    . GLY A 1 50 ? -2.321  -5.438  2.915   1.00 3.72  ? 130 GLY A C    1 
ATOM   761  O O    . GLY A 1 50 ? -1.407  -4.647  3.116   1.00 4.74  ? 130 GLY A O    1 
ATOM   762  H H    . GLY A 1 50 ? -2.423  -4.411  5.145   1.00 5.54  ? 130 GLY A H    1 
ATOM   763  H HA2  . GLY A 1 50 ? -3.274  -6.677  4.227   1.00 5.27  ? 130 GLY A HA2  1 
ATOM   764  H HA3  . GLY A 1 50 ? -4.217  -5.553  3.657   1.00 5.27  ? 130 GLY A HA3  1 
ATOM   765  N N    . TYR A 1 51 ? -2.490  -6.065  1.752   1.00 4.59  ? 131 TYR A N    1 
ATOM   766  C CA   . TYR A 1 51 ? -1.553  -5.843  0.664   1.00 4.80  ? 131 TYR A CA   1 
ATOM   767  C C    . TYR A 1 51 ? -1.851  -4.572  -0.107  1.00 4.52  ? 131 TYR A C    1 
ATOM   768  O O    . TYR A 1 51 ? -3.015  -4.254  -0.365  1.00 4.89  ? 131 TYR A O    1 
ATOM   769  C CB   . TYR A 1 51 ? -1.554  -7.057  -0.273  1.00 3.96  ? 131 TYR A CB   1 
ATOM   770  C CG   . TYR A 1 51 ? -0.758  -8.216  0.281   1.00 5.19  ? 131 TYR A CG   1 
ATOM   771  C CD1  . TYR A 1 51 ? 0.619   -8.214  0.200   1.00 5.34  ? 131 TYR A CD1  1 
ATOM   772  C CD2  . TYR A 1 51 ? -1.377  -9.284  0.912   1.00 8.35  ? 131 TYR A CD2  1 
ATOM   773  C CE1  . TYR A 1 51 ? 1.372   -9.243  0.705   1.00 7.47  ? 131 TYR A CE1  1 
ATOM   774  C CE2  . TYR A 1 51 ? -0.615  -10.342 1.427   1.00 9.31  ? 131 TYR A CE2  1 
ATOM   775  C CZ   . TYR A 1 51 ? 0.750   -10.299 1.315   1.00 10.12 ? 131 TYR A CZ   1 
ATOM   776  O OH   . TYR A 1 51 ? 1.544   -11.301 1.833   1.00 15.99 ? 131 TYR A OH   1 
ATOM   777  H H    . TYR A 1 51 ? -3.129  -6.613  1.574   1.00 5.51  ? 131 TYR A H    1 
ATOM   778  H HA   . TYR A 1 51 ? -0.661  -5.760  1.035   1.00 5.75  ? 131 TYR A HA   1 
ATOM   779  H HB2  . TYR A 1 51 ? -2.467  -7.354  -0.405  1.00 4.75  ? 131 TYR A HB2  1 
ATOM   780  H HB3  . TYR A 1 51 ? -1.161  -6.801  -1.123  1.00 4.75  ? 131 TYR A HB3  1 
ATOM   781  H HD1  . TYR A 1 51 ? 1.048   -7.501  -0.214  1.00 6.40  ? 131 TYR A HD1  1 
ATOM   782  H HD2  . TYR A 1 51 ? -2.304  -9.306  0.981   1.00 10.02 ? 131 TYR A HD2  1 
ATOM   783  H HE1  . TYR A 1 51 ? 2.300   -9.221  0.639   1.00 8.96  ? 131 TYR A HE1  1 
ATOM   784  H HE2  . TYR A 1 51 ? -1.031  -11.058 1.850   1.00 11.17 ? 131 TYR A HE2  1 
ATOM   785  H HH   . TYR A 1 51 ? 1.064   -11.897 2.181   1.00 19.19 ? 131 TYR A HH   1 
ATOM   786  N N    . ILE A 1 52 ? -0.777  -3.864  -0.481  1.00 4.28  ? 132 ILE A N    1 
ATOM   787  C CA   . ILE A 1 52 ? -0.892  -2.633  -1.260  1.00 5.47  ? 132 ILE A CA   1 
ATOM   788  C C    . ILE A 1 52 ? -0.067  -2.752  -2.537  1.00 5.05  ? 132 ILE A C    1 
ATOM   789  O O    . ILE A 1 52 ? 0.965   -3.429  -2.556  1.00 5.90  ? 132 ILE A O    1 
ATOM   790  C CB   . ILE A 1 52 ? -0.429  -1.403  -0.468  1.00 4.32  ? 132 ILE A CB   1 
ATOM   791  C CG1  . ILE A 1 52 ? 1.065   -1.485  -0.118  1.00 5.67  ? 132 ILE A CG1  1 
ATOM   792  C CG2  . ILE A 1 52 ? -1.266  -1.258  0.792   1.00 3.18  ? 132 ILE A CG2  1 
ATOM   793  C CD1  . ILE A 1 52 ? 1.625   -0.243  0.546   1.00 6.44  ? 132 ILE A CD1  1 
ATOM   794  H H    . ILE A 1 52 ? 0.033   -4.081  -0.292  1.00 5.13  ? 132 ILE A H    1 
ATOM   795  H HA   . ILE A 1 52 ? -1.820  -2.500  -1.510  1.00 6.57  ? 132 ILE A HA   1 
ATOM   796  H HB   . ILE A 1 52 ? -0.569  -0.616  -1.018  1.00 5.19  ? 132 ILE A HB   1 
ATOM   797  H HG12 . ILE A 1 52 ? 1.200   -2.229  0.489   1.00 6.80  ? 132 ILE A HG12 1 
ATOM   798  H HG13 . ILE A 1 52 ? 1.567   -1.635  -0.934  1.00 6.80  ? 132 ILE A HG13 1 
ATOM   799  H HG21 . ILE A 1 52 ? -0.965  -0.478  1.284   1.00 3.81  ? 132 ILE A HG21 1 
ATOM   800  H HG22 . ILE A 1 52 ? -2.198  -1.153  0.542   1.00 3.81  ? 132 ILE A HG22 1 
ATOM   801  H HG23 . ILE A 1 52 ? -1.158  -2.055  1.336   1.00 3.81  ? 132 ILE A HG23 1 
ATOM   802  H HD11 . ILE A 1 52 ? 2.568   -0.382  0.730   1.00 7.73  ? 132 ILE A HD11 1 
ATOM   803  H HD12 . ILE A 1 52 ? 1.513   0.512   -0.053  1.00 7.73  ? 132 ILE A HD12 1 
ATOM   804  H HD13 . ILE A 1 52 ? 1.145   -0.084  1.373   1.00 7.73  ? 132 ILE A HD13 1 
ATOM   805  N N    . PRO A 1 53 ? -0.535  -2.107  -3.610  1.00 4.67  ? 133 PRO A N    1 
ATOM   806  C CA   . PRO A 1 53 ? 0.188   -2.123  -4.876  1.00 5.97  ? 133 PRO A CA   1 
ATOM   807  C C    . PRO A 1 53 ? 1.322   -1.103  -4.838  1.00 5.33  ? 133 PRO A C    1 
ATOM   808  O O    . PRO A 1 53 ? 1.085   0.053   -4.498  1.00 4.83  ? 133 PRO A O    1 
ATOM   809  C CB   . PRO A 1 53 ? -0.896  -1.756  -5.896  1.00 4.31  ? 133 PRO A CB   1 
ATOM   810  C CG   . PRO A 1 53 ? -1.869  -0.910  -5.135  1.00 5.88  ? 133 PRO A CG   1 
ATOM   811  C CD   . PRO A 1 53 ? -1.841  -1.422  -3.713  1.00 5.38  ? 133 PRO A CD   1 
ATOM   812  H HA   . PRO A 1 53 ? 0.539   -3.007  -5.066  1.00 7.16  ? 133 PRO A HA   1 
ATOM   813  H HB2  . PRO A 1 53 ? -0.502  -1.253  -6.627  1.00 5.17  ? 133 PRO A HB2  1 
ATOM   814  H HB3  . PRO A 1 53 ? -1.325  -2.561  -6.224  1.00 5.17  ? 133 PRO A HB3  1 
ATOM   815  H HG2  . PRO A 1 53 ? -1.587  0.017   -5.169  1.00 7.06  ? 133 PRO A HG2  1 
ATOM   816  H HG3  . PRO A 1 53 ? -2.755  -1.012  -5.518  1.00 7.06  ? 133 PRO A HG3  1 
ATOM   817  H HD2  . PRO A 1 53 ? -1.885  -0.682  -3.088  1.00 6.46  ? 133 PRO A HD2  1 
ATOM   818  H HD3  . PRO A 1 53 ? -2.564  -2.052  -3.569  1.00 6.46  ? 133 PRO A HD3  1 
ATOM   819  N N    . SER A 1 54 ? 2.551   -1.536  -5.111  1.00 5.83  ? 134 SER A N    1 
ATOM   820  C CA   . SER A 1 54 ? 3.712   -0.675  -4.904  1.00 5.46  ? 134 SER A CA   1 
ATOM   821  C C    . SER A 1 54 ? 3.683   0.584   -5.761  1.00 4.56  ? 134 SER A C    1 
ATOM   822  O O    . SER A 1 54 ? 4.262   1.605   -5.380  1.00 4.95  ? 134 SER A O    1 
ATOM   823  C CB   . SER A 1 54 ? 5.006   -1.439  -5.185  1.00 8.08  ? 134 SER A CB   1 
ATOM   824  O OG   . SER A 1 54 ? 5.053   -1.837  -6.536  1.00 8.68  ? 134 SER A OG   1 
ATOM   825  H H    . SER A 1 54 ? 2.738   -2.318  -5.414  1.00 7.00  ? 134 SER A H    1 
ATOM   826  H HA   . SER A 1 54 ? 3.730   -0.398  -3.975  1.00 6.55  ? 134 SER A HA   1 
ATOM   827  H HB2  . SER A 1 54 ? 5.764   -0.863  -4.997  1.00 9.69  ? 134 SER A HB2  1 
ATOM   828  H HB3  . SER A 1 54 ? 5.039   -2.228  -4.621  1.00 9.69  ? 134 SER A HB3  1 
ATOM   829  H HG   . SER A 1 54 ? 5.765   -2.256  -6.687  1.00 10.41 ? 134 SER A HG   1 
ATOM   830  N N    . ASN A 1 55 ? 2.983   0.550   -6.892  1.00 5.13  ? 135 ASN A N    1 
ATOM   831  C CA   . ASN A 1 55 ? 2.985   1.726   -7.755  1.00 4.97  ? 135 ASN A CA   1 
ATOM   832  C C    . ASN A 1 55 ? 2.021   2.821   -7.282  1.00 4.91  ? 135 ASN A C    1 
ATOM   833  O O    . ASN A 1 55 ? 1.999   3.899   -7.855  1.00 4.64  ? 135 ASN A O    1 
ATOM   834  C CB   . ASN A 1 55 ? 2.718   1.344   -9.215  1.00 5.82  ? 135 ASN A CB   1 
ATOM   835  C CG   . ASN A 1 55 ? 1.437   0.583   -9.425  1.00 4.54  ? 135 ASN A CG   1 
ATOM   836  O OD1  . ASN A 1 55 ? 0.880   -0.005  -8.502  1.00 4.93  ? 135 ASN A OD1  1 
ATOM   837  N ND2  . ASN A 1 55 ? 0.999   0.524   -10.687 1.00 6.42  ? 135 ASN A ND2  1 
ATOM   838  H H    . ASN A 1 55 ? 2.516   -0.116  -7.174  1.00 6.16  ? 135 ASN A H    1 
ATOM   839  H HA   . ASN A 1 55 ? 3.875   2.110   -7.727  1.00 5.97  ? 135 ASN A HA   1 
ATOM   840  H HB2  . ASN A 1 55 ? 2.670   2.154   -9.746  1.00 6.99  ? 135 ASN A HB2  1 
ATOM   841  H HB3  . ASN A 1 55 ? 3.447   0.787   -9.530  1.00 6.99  ? 135 ASN A HB3  1 
ATOM   842  H HD21 . ASN A 1 55 ? 0.272   0.103   -10.870 1.00 7.70  ? 135 ASN A HD21 1 
ATOM   843  H HD22 . ASN A 1 55 ? 1.445   0.907   -11.315 1.00 7.70  ? 135 ASN A HD22 1 
ATOM   844  N N    . TYR A 1 56 ? 1.245   2.558   -6.225  1.00 3.16  ? 136 TYR A N    1 
ATOM   845  C CA   . TYR A 1 56 ? 0.322   3.553   -5.691  1.00 4.24  ? 136 TYR A CA   1 
ATOM   846  C C    . TYR A 1 56 ? 0.920   4.402   -4.574  1.00 5.04  ? 136 TYR A C    1 
ATOM   847  O O    . TYR A 1 56 ? 0.243   5.288   -4.084  1.00 5.11  ? 136 TYR A O    1 
ATOM   848  C CB   . TYR A 1 56 ? -0.949  2.863   -5.172  1.00 4.03  ? 136 TYR A CB   1 
ATOM   849  C CG   . TYR A 1 56 ? -1.982  2.643   -6.264  1.00 3.81  ? 136 TYR A CG   1 
ATOM   850  C CD1  . TYR A 1 56 ? -3.255  3.211   -6.183  1.00 6.39  ? 136 TYR A CD1  1 
ATOM   851  C CD2  . TYR A 1 56 ? -1.677  1.899   -7.383  1.00 4.64  ? 136 TYR A CD2  1 
ATOM   852  C CE1  . TYR A 1 56 ? -4.186  3.032   -7.194  1.00 5.59  ? 136 TYR A CE1  1 
ATOM   853  C CE2  . TYR A 1 56 ? -2.600  1.741   -8.403  1.00 5.68  ? 136 TYR A CE2  1 
ATOM   854  C CZ   . TYR A 1 56 ? -3.858  2.290   -8.287  1.00 6.99  ? 136 TYR A CZ   1 
ATOM   855  O OH   . TYR A 1 56 ? -4.765  2.137   -9.310  1.00 8.45  ? 136 TYR A OH   1 
ATOM   856  H H    . TYR A 1 56 ? 1.238   1.810   -5.802  1.00 3.79  ? 136 TYR A H    1 
ATOM   857  H HA   . TYR A 1 56 ? 0.061   4.151   -6.409  1.00 5.09  ? 136 TYR A HA   1 
ATOM   858  H HB2  . TYR A 1 56 ? -0.712  1.998   -4.803  1.00 4.84  ? 136 TYR A HB2  1 
ATOM   859  H HB3  . TYR A 1 56 ? -1.352  3.418   -4.485  1.00 4.84  ? 136 TYR A HB3  1 
ATOM   860  H HD1  . TYR A 1 56 ? -3.483  3.718   -5.436  1.00 7.67  ? 136 TYR A HD1  1 
ATOM   861  H HD2  . TYR A 1 56 ? -0.830  1.526   -7.469  1.00 5.57  ? 136 TYR A HD2  1 
ATOM   862  H HE1  . TYR A 1 56 ? -5.031  3.417   -7.127  1.00 6.71  ? 136 TYR A HE1  1 
ATOM   863  H HE2  . TYR A 1 56 ? -2.382  1.234   -9.152  1.00 6.81  ? 136 TYR A HE2  1 
ATOM   864  H HH   . TYR A 1 56 ? -4.435  1.659   -9.917  1.00 10.15 ? 136 TYR A HH   1 
ATOM   865  N N    . VAL A 1 57 ? 2.158   4.123   -4.173  1.00 4.32  ? 137 VAL A N    1 
ATOM   866  C CA   . VAL A 1 57 ? 2.753   4.779   -3.009  1.00 4.90  ? 137 VAL A CA   1 
ATOM   867  C C    . VAL A 1 57 ? 4.159   5.288   -3.275  1.00 5.52  ? 137 VAL A C    1 
ATOM   868  O O    . VAL A 1 57 ? 4.871   4.800   -4.159  1.00 5.40  ? 137 VAL A O    1 
ATOM   869  C CB   . VAL A 1 57 ? 2.765   3.820   -1.794  1.00 6.29  ? 137 VAL A CB   1 
ATOM   870  C CG1  . VAL A 1 57 ? 1.376   3.278   -1.532  1.00 5.70  ? 137 VAL A CG1  1 
ATOM   871  C CG2  . VAL A 1 57 ? 3.735   2.660   -2.016  1.00 5.68  ? 137 VAL A CG2  1 
ATOM   872  H H    . VAL A 1 57 ? 2.676   3.556   -4.559  1.00 5.19  ? 137 VAL A H    1 
ATOM   873  H HA   . VAL A 1 57 ? 2.206   5.543   -2.773  1.00 5.88  ? 137 VAL A HA   1 
ATOM   874  H HB   . VAL A 1 57 ? 3.053   4.307   -1.006  1.00 7.55  ? 137 VAL A HB   1 
ATOM   875  H HG11 . VAL A 1 57 ? 1.408   2.681   -0.768  1.00 6.84  ? 137 VAL A HG11 1 
ATOM   876  H HG12 . VAL A 1 57 ? 0.778   4.019   -1.348  1.00 6.84  ? 137 VAL A HG12 1 
ATOM   877  H HG13 . VAL A 1 57 ? 1.073   2.796   -2.317  1.00 6.84  ? 137 VAL A HG13 1 
ATOM   878  H HG21 . VAL A 1 57 ? 3.718   2.081   -1.239  1.00 6.82  ? 137 VAL A HG21 1 
ATOM   879  H HG22 . VAL A 1 57 ? 3.459   2.165   -2.804  1.00 6.82  ? 137 VAL A HG22 1 
ATOM   880  H HG23 . VAL A 1 57 ? 4.629   3.015   -2.145  1.00 6.82  ? 137 VAL A HG23 1 
ATOM   881  N N    . ALA A 1 58 ? 4.558   6.283   -2.494  1.00 5.40  ? 138 ALA A N    1 
ATOM   882  C CA   . ALA A 1 58 ? 5.915   6.819   -2.526  1.00 5.32  ? 138 ALA A CA   1 
ATOM   883  C C    . ALA A 1 58 ? 6.433   6.897   -1.101  1.00 6.32  ? 138 ALA A C    1 
ATOM   884  O O    . ALA A 1 58 ? 5.645   6.990   -0.162  1.00 7.43  ? 138 ALA A O    1 
ATOM   885  C CB   . ALA A 1 58 ? 5.957   8.187   -3.180  1.00 6.17  ? 138 ALA A CB   1 
ATOM   886  H H    . ALA A 1 58 ? 4.049   6.675   -1.923  1.00 6.48  ? 138 ALA A H    1 
ATOM   887  H HA   . ALA A 1 58 ? 6.488   6.220   -3.030  1.00 6.39  ? 138 ALA A HA   1 
ATOM   888  H HB1  . ALA A 1 58 ? 6.873   8.507   -3.182  1.00 7.41  ? 138 ALA A HB1  1 
ATOM   889  H HB2  . ALA A 1 58 ? 5.631   8.112   -4.091  1.00 7.41  ? 138 ALA A HB2  1 
ATOM   890  H HB3  . ALA A 1 58 ? 5.394   8.795   -2.676  1.00 7.41  ? 138 ALA A HB3  1 
ATOM   891  N N    . PRO A 1 59 ? 7.754   6.888   -0.937  1.00 7.31  ? 139 PRO A N    1 
ATOM   892  C CA   . PRO A 1 59 ? 8.278   7.026   0.424   1.00 8.48  ? 139 PRO A CA   1 
ATOM   893  C C    . PRO A 1 59 ? 7.775   8.281   1.084   1.00 8.59  ? 139 PRO A C    1 
ATOM   894  O O    . PRO A 1 59 ? 7.696   9.344   0.465   1.00 10.53 ? 139 PRO A O    1 
ATOM   895  C CB   . PRO A 1 59 ? 9.787   7.086   0.214   1.00 9.78  ? 139 PRO A CB   1 
ATOM   896  C CG   . PRO A 1 59 ? 10.016  6.414   -1.048  1.00 9.14  ? 139 PRO A CG   1 
ATOM   897  C CD   . PRO A 1 59 ? 8.844   6.737   -1.915  1.00 9.23  ? 139 PRO A CD   1 
ATOM   898  H HA   . PRO A 1 59 ? 8.049   6.253   0.962   1.00 10.17 ? 139 PRO A HA   1 
ATOM   899  H HB2  . PRO A 1 59 ? 10.075  8.011   0.168   1.00 11.73 ? 139 PRO A HB2  1 
ATOM   900  H HB3  . PRO A 1 59 ? 10.236  6.621   0.937   1.00 11.73 ? 139 PRO A HB3  1 
ATOM   901  H HG2  . PRO A 1 59 ? 10.835  6.746   -1.447  1.00 10.96 ? 139 PRO A HG2  1 
ATOM   902  H HG3  . PRO A 1 59 ? 10.074  5.457   -0.899  1.00 10.96 ? 139 PRO A HG3  1 
ATOM   903  H HD2  . PRO A 1 59 ? 8.991   7.569   -2.391  1.00 11.08 ? 139 PRO A HD2  1 
ATOM   904  H HD3  . PRO A 1 59 ? 8.657   6.004   -2.522  1.00 11.08 ? 139 PRO A HD3  1 
ATOM   905  N N    . SER A 1 60 ? 7.414   8.166   2.348   1.00 9.26  ? 140 SER A N    1 
ATOM   906  C CA   . SER A 1 60 ? 6.974   9.339   3.059   1.00 14.31 ? 140 SER A CA   1 
ATOM   907  C C    . SER A 1 60 ? 8.226   10.198  3.172   1.00 21.98 ? 140 SER A C    1 
ATOM   908  O O    . SER A 1 60 ? 9.156   9.849   3.895   1.00 25.87 ? 140 SER A O    1 
ATOM   909  C CB   . SER A 1 60 ? 6.363   8.967   4.404   1.00 16.40 ? 140 SER A CB   1 
ATOM   910  O OG   . SER A 1 60 ? 7.337   8.377   5.247   1.00 23.39 ? 140 SER A OG   1 
ATOM   911  H H    . SER A 1 60 ? 7.414   7.438   2.805   1.00 11.12 ? 140 SER A H    1 
ATOM   912  H HA   . SER A 1 60 ? 6.312   9.816   2.535   1.00 17.17 ? 140 SER A HA   1 
ATOM   913  H HB2  . SER A 1 60 ? 6.019   9.768   4.829   1.00 19.68 ? 140 SER A HB2  1 
ATOM   914  H HB3  . SER A 1 60 ? 5.643   8.331   4.260   1.00 19.68 ? 140 SER A HB3  1 
ATOM   915  H HG   . SER A 1 60 ? 7.643   7.683   4.889   1.00 28.07 ? 140 SER A HG   1 
ATOM   916  N N    . ASP A 1 61 ? 8.246   11.291  2.401   1.00 29.78 ? 141 ASP A N    1 
ATOM   917  C CA   . ASP A 1 61 ? 9.458   12.077  2.131   1.00 29.75 ? 141 ASP A CA   1 
ATOM   918  C C    . ASP A 1 61 ? 9.677   13.224  3.115   1.00 29.90 ? 141 ASP A C    1 
ATOM   919  O O    . ASP A 1 61 ? 8.723   13.858  3.566   1.00 29.90 ? 141 ASP A O    1 
ATOM   920  C CB   . ASP A 1 61 ? 9.400   12.635  0.704   1.00 20.04 ? 141 ASP A CB   1 
ATOM   921  H H    . ASP A 1 61 ? 7.547   11.605  2.010   1.00 35.74 ? 141 ASP A H    1 
ATOM   922  H HA   . ASP A 1 61 ? 10.227  11.489  2.187   1.00 35.70 ? 141 ASP A HA   1 
HETATM 923  C C    . ACE B 2 1  ? -4.929  8.507   -11.749 1.00 19.36 ? 0   ACE B C    1 
HETATM 924  O O    . ACE B 2 1  ? -4.823  8.918   -10.601 1.00 19.77 ? 0   ACE B O    1 
HETATM 925  C CH3  . ACE B 2 1  ? -5.614  9.294   -12.833 1.00 19.73 ? 0   ACE B CH3  1 
ATOM   926  N N    . ALA B 2 2  ? -4.853  7.226   -12.013 1.00 12.86 ? 1   ALA B N    1 
ATOM   927  C CA   . ALA B 2 2  ? -4.218  6.213   -11.187 1.00 9.53  ? 1   ALA B CA   1 
ATOM   928  C C    . ALA B 2 2  ? -3.813  5.073   -12.130 1.00 6.81  ? 1   ALA B C    1 
ATOM   929  O O    . ALA B 2 2  ? -4.526  4.789   -13.094 1.00 8.61  ? 1   ALA B O    1 
ATOM   930  C CB   . ALA B 2 2  ? -5.152  5.715   -10.120 1.00 8.14  ? 1   ALA B CB   1 
ATOM   931  H H    . ALA B 2 2  ? -5.193  6.886   -12.726 1.00 15.43 ? 1   ALA B H    1 
ATOM   932  H HA   . ALA B 2 2  ? -3.422  6.576   -10.767 1.00 11.44 ? 1   ALA B HA   1 
ATOM   933  H HB1  . ALA B 2 2  ? -4.696  5.042   -9.590  1.00 9.77  ? 1   ALA B HB1  1 
ATOM   934  H HB2  . ALA B 2 2  ? -5.414  6.460   -9.557  1.00 9.77  ? 1   ALA B HB2  1 
ATOM   935  H HB3  . ALA B 2 2  ? -5.935  5.328   -10.542 1.00 9.77  ? 1   ALA B HB3  1 
ATOM   936  N N    . PRO B 2 3  ? -2.670  4.424   -11.868 1.00 8.06  ? 2   PRO B N    1 
ATOM   937  C CA   . PRO B 2 3  ? -2.190  3.423   -12.819 1.00 6.74  ? 2   PRO B CA   1 
ATOM   938  C C    . PRO B 2 3  ? -2.880  2.071   -12.637 1.00 6.90  ? 2   PRO B C    1 
ATOM   939  O O    . PRO B 2 3  ? -3.473  1.821   -11.597 1.00 5.79  ? 2   PRO B O    1 
ATOM   940  C CB   . PRO B 2 3  ? -0.701  3.331   -12.486 1.00 6.62  ? 2   PRO B CB   1 
ATOM   941  C CG   . PRO B 2 3  ? -0.664  3.544   -11.058 1.00 6.93  ? 2   PRO B CG   1 
ATOM   942  C CD   . PRO B 2 3  ? -1.699  4.624   -10.778 1.00 8.68  ? 2   PRO B CD   1 
ATOM   943  H HA   . PRO B 2 3  ? -2.304  3.732   -13.732 1.00 8.09  ? 2   PRO B HA   1 
ATOM   944  H HB2  . PRO B 2 3  ? -0.363  2.450   -12.716 1.00 7.94  ? 2   PRO B HB2  1 
ATOM   945  H HB3  . PRO B 2 3  ? -0.212  4.025   -12.955 1.00 7.94  ? 2   PRO B HB3  1 
ATOM   946  H HG2  . PRO B 2 3  ? -0.897  2.721   -10.600 1.00 8.31  ? 2   PRO B HG2  1 
ATOM   947  H HG3  . PRO B 2 3  ? 0.222   3.843   -10.796 1.00 8.31  ? 2   PRO B HG3  1 
ATOM   948  H HD2  . PRO B 2 3  ? -2.119  4.479   -9.917  1.00 10.41 ? 2   PRO B HD2  1 
ATOM   949  H HD3  . PRO B 2 3  ? -1.296  5.505   -10.837 1.00 10.41 ? 2   PRO B HD3  1 
ATOM   950  N N    . PRO B 2 4  ? -2.770  1.187   -13.641 1.00 6.79  ? 3   PRO B N    1 
ATOM   951  C CA   . PRO B 2 4  ? -3.291  -0.167  -13.474 1.00 7.48  ? 3   PRO B CA   1 
ATOM   952  C C    . PRO B 2 4  ? -2.523  -0.883  -12.375 1.00 6.66  ? 3   PRO B C    1 
ATOM   953  O O    . PRO B 2 4  ? -1.380  -0.542  -12.129 1.00 6.65  ? 3   PRO B O    1 
ATOM   954  C CB   . PRO B 2 4  ? -3.030  -0.825  -14.827 1.00 10.99 ? 3   PRO B CB   1 
ATOM   955  C CG   . PRO B 2 4  ? -2.732  0.272   -15.751 1.00 14.98 ? 3   PRO B CG   1 
ATOM   956  C CD   . PRO B 2 4  ? -2.171  1.381   -14.963 1.00 10.22 ? 3   PRO B CD   1 
ATOM   957  H HA   . PRO B 2 4  ? -4.241  -0.161  -13.277 1.00 8.98  ? 3   PRO B HA   1 
ATOM   958  H HB2  . PRO B 2 4  ? -2.272  -1.427  -14.755 1.00 13.19 ? 3   PRO B HB2  1 
ATOM   959  H HB3  . PRO B 2 4  ? -3.822  -1.306  -15.113 1.00 13.19 ? 3   PRO B HB3  1 
ATOM   960  H HG2  . PRO B 2 4  ? -2.087  -0.032  -16.409 1.00 17.98 ? 3   PRO B HG2  1 
ATOM   961  H HG3  . PRO B 2 4  ? -3.551  0.551   -16.188 1.00 17.98 ? 3   PRO B HG3  1 
ATOM   962  H HD2  . PRO B 2 4  ? -1.205  1.307   -14.911 1.00 12.26 ? 3   PRO B HD2  1 
ATOM   963  H HD3  . PRO B 2 4  ? -2.445  2.234   -15.336 1.00 12.26 ? 3   PRO B HD3  1 
ATOM   964  N N    . ILE B 2 5  ? -3.136  -1.861  -11.732 1.00 4.81  ? 4   ILE B N    1 
ATOM   965  C CA   . ILE B 2 5  ? -2.441  -2.574  -10.671 1.00 4.93  ? 4   ILE B CA   1 
ATOM   966  C C    . ILE B 2 5  ? -1.316  -3.406  -11.269 1.00 7.37  ? 4   ILE B C    1 
ATOM   967  O O    . ILE B 2 5  ? -1.339  -3.719  -12.464 1.00 9.08  ? 4   ILE B O    1 
ATOM   968  C CB   . ILE B 2 5  ? -3.375  -3.486  -9.881  1.00 7.53  ? 4   ILE B CB   1 
ATOM   969  C CG1  . ILE B 2 5  ? -4.155  -4.420  -10.815 1.00 7.00  ? 4   ILE B CG1  1 
ATOM   970  C CG2  . ILE B 2 5  ? -4.349  -2.634  -9.056  1.00 7.74  ? 4   ILE B CG2  1 
ATOM   971  C CD1  . ILE B 2 5  ? -4.744  -5.622  -10.117 1.00 7.50  ? 4   ILE B CD1  1 
ATOM   972  H H    . ILE B 2 5  ? -3.939  -2.129  -11.884 1.00 5.77  ? 4   ILE B H    1 
ATOM   973  H HA   . ILE B 2 5  ? -2.051  -1.932  -10.056 1.00 5.92  ? 4   ILE B HA   1 
ATOM   974  H HB   . ILE B 2 5  ? -2.844  -4.025  -9.275  1.00 9.03  ? 4   ILE B HB   1 
ATOM   975  H HG12 . ILE B 2 5  ? -4.885  -3.923  -11.215 1.00 8.40  ? 4   ILE B HG12 1 
ATOM   976  H HG13 . ILE B 2 5  ? -3.556  -4.742  -11.506 1.00 8.40  ? 4   ILE B HG13 1 
ATOM   977  H HG21 . ILE B 2 5  ? -4.938  -3.221  -8.558  1.00 9.29  ? 4   ILE B HG21 1 
ATOM   978  H HG22 . ILE B 2 5  ? -3.841  -2.079  -8.443  1.00 9.29  ? 4   ILE B HG22 1 
ATOM   979  H HG23 . ILE B 2 5  ? -4.867  -2.076  -9.657  1.00 9.29  ? 4   ILE B HG23 1 
ATOM   980  H HD11 . ILE B 2 5  ? -5.219  -6.162  -10.768 1.00 9.00  ? 4   ILE B HD11 1 
ATOM   981  H HD12 . ILE B 2 5  ? -4.026  -6.139  -9.719  1.00 9.00  ? 4   ILE B HD12 1 
ATOM   982  H HD13 . ILE B 2 5  ? -5.356  -5.319  -9.428  1.00 9.00  ? 4   ILE B HD13 1 
ATOM   983  N N    . PRO B 2 6  ? -0.332  -3.770  -10.436 1.00 6.36  ? 5   PRO B N    1 
ATOM   984  C CA   . PRO B 2 6  ? 0.640   -4.761  -10.902 1.00 6.50  ? 5   PRO B CA   1 
ATOM   985  C C    . PRO B 2 6  ? -0.002  -6.126  -11.057 1.00 5.89  ? 5   PRO B C    1 
ATOM   986  O O    . PRO B 2 6  ? -1.118  -6.332  -10.602 1.00 7.54  ? 5   PRO B O    1 
ATOM   987  C CB   . PRO B 2 6  ? 1.695   -4.792  -9.786  1.00 6.86  ? 5   PRO B CB   1 
ATOM   988  C CG   . PRO B 2 6  ? 1.365   -3.621  -8.880  1.00 10.32 ? 5   PRO B CG   1 
ATOM   989  C CD   . PRO B 2 6  ? -0.081  -3.353  -9.051  1.00 7.11  ? 5   PRO B CD   1 
ATOM   990  H HA   . PRO B 2 6  ? 1.048   -4.485  -11.737 1.00 7.80  ? 5   PRO B HA   1 
ATOM   991  H HB2  . PRO B 2 6  ? 1.628   -5.630  -9.300  1.00 8.23  ? 5   PRO B HB2  1 
ATOM   992  H HB3  . PRO B 2 6  ? 2.579   -4.689  -10.171 1.00 8.23  ? 5   PRO B HB3  1 
ATOM   993  H HG2  . PRO B 2 6  ? 1.558   -3.859  -7.960  1.00 12.38 ? 5   PRO B HG2  1 
ATOM   994  H HG3  . PRO B 2 6  ? 1.887   -2.849  -9.148  1.00 12.38 ? 5   PRO B HG3  1 
ATOM   995  H HD2  . PRO B 2 6  ? -0.602  -3.891  -8.435  1.00 8.53  ? 5   PRO B HD2  1 
ATOM   996  H HD3  . PRO B 2 6  ? -0.265  -2.406  -8.943  1.00 8.53  ? 5   PRO B HD3  1 
ATOM   997  N N    . PRO B 2 7  ? 0.699   -7.063  -11.701 1.00 6.63  ? 6   PRO B N    1 
ATOM   998  C CA   . PRO B 2 7  ? 0.195   -8.430  -11.845 1.00 6.70  ? 6   PRO B CA   1 
ATOM   999  C C    . PRO B 2 7  ? -0.315  -8.995  -10.512 1.00 6.26  ? 6   PRO B C    1 
ATOM   1000 O O    . PRO B 2 7  ? 0.381   -8.939  -9.474  1.00 7.82  ? 6   PRO B O    1 
ATOM   1001 C CB   . PRO B 2 7  ? 1.413   -9.201  -12.372 1.00 9.00  ? 6   PRO B CB   1 
ATOM   1002 C CG   . PRO B 2 7  ? 2.278   -8.175  -13.008 1.00 7.73  ? 6   PRO B CG   1 
ATOM   1003 C CD   . PRO B 2 7  ? 2.062   -6.886  -12.239 1.00 6.93  ? 6   PRO B CD   1 
ATOM   1004 H HA   . PRO B 2 7  ? -0.516  -8.461  -12.503 1.00 8.04  ? 6   PRO B HA   1 
ATOM   1005 H HB2  . PRO B 2 7  ? 1.874   -9.629  -11.633 1.00 10.80 ? 6   PRO B HB2  1 
ATOM   1006 H HB3  . PRO B 2 7  ? 1.126   -9.860  -13.024 1.00 10.80 ? 6   PRO B HB3  1 
ATOM   1007 H HG2  . PRO B 2 7  ? 3.205   -8.454  -12.950 1.00 9.28  ? 6   PRO B HG2  1 
ATOM   1008 H HG3  . PRO B 2 7  ? 2.016   -8.062  -13.936 1.00 9.28  ? 6   PRO B HG3  1 
ATOM   1009 H HD2  . PRO B 2 7  ? 2.706   -6.809  -11.517 1.00 8.32  ? 6   PRO B HD2  1 
ATOM   1010 H HD3  . PRO B 2 7  ? 2.098   -6.122  -12.835 1.00 8.32  ? 6   PRO B HD3  1 
ATOM   1011 N N    . PRO B 2 8  ? -1.552  -9.494  -10.502 1.00 7.65  ? 7   PRO B N    1 
ATOM   1012 C CA   . PRO B 2 8  ? -2.144  -9.868  -9.221  1.00 7.50  ? 7   PRO B CA   1 
ATOM   1013 C C    . PRO B 2 8  ? -1.604  -11.152 -8.607  1.00 9.48  ? 7   PRO B C    1 
ATOM   1014 O O    . PRO B 2 8  ? -1.059  -12.013 -9.301  1.00 9.54  ? 7   PRO B O    1 
ATOM   1015 C CB   . PRO B 2 8  ? -3.631  -10.022 -9.551  1.00 13.36 ? 7   PRO B CB   1 
ATOM   1016 C CG   . PRO B 2 8  ? -3.694  -10.249 -10.983 1.00 11.10 ? 7   PRO B CG   1 
ATOM   1017 C CD   . PRO B 2 8  ? -2.543  -9.514  -11.591 1.00 10.04 ? 7   PRO B CD   1 
ATOM   1018 H HA   . PRO B 2 8  ? -2.036  -9.145  -8.584  1.00 9.00  ? 7   PRO B HA   1 
ATOM   1019 H HB2  . PRO B 2 8  ? -3.995  -10.780 -9.068  1.00 16.03 ? 7   PRO B HB2  1 
ATOM   1020 H HB3  . PRO B 2 8  ? -4.103  -9.207  -9.314  1.00 16.03 ? 7   PRO B HB3  1 
ATOM   1021 H HG2  . PRO B 2 8  ? -3.618  -11.201 -11.161 1.00 13.32 ? 7   PRO B HG2  1 
ATOM   1022 H HG3  . PRO B 2 8  ? -4.533  -9.908  -11.328 1.00 13.32 ? 7   PRO B HG3  1 
ATOM   1023 H HD2  . PRO B 2 8  ? -2.197  -9.997  -12.357 1.00 12.05 ? 7   PRO B HD2  1 
ATOM   1024 H HD3  . PRO B 2 8  ? -2.805  -8.609  -11.826 1.00 12.05 ? 7   PRO B HD3  1 
ATOM   1025 N N    . ARG B 2 9  ? -1.784  -11.248 -7.293  1.00 8.47  ? 8   ARG B N    1 
ATOM   1026 C CA   . ARG B 2 9  ? -1.373  -12.398 -6.511  1.00 8.76  ? 8   ARG B CA   1 
ATOM   1027 C C    . ARG B 2 9  ? -2.229  -13.605 -6.845  1.00 13.39 ? 8   ARG B C    1 
ATOM   1028 O O    . ARG B 2 9  ? -1.898  -14.718 -6.397  1.00 19.95 ? 8   ARG B O    1 
ATOM   1029 C CB   . ARG B 2 9  ? -1.462  -12.084 -5.010  1.00 13.19 ? 8   ARG B CB   1 
ATOM   1030 C CG   . ARG B 2 9  ? -0.683  -10.861 -4.604  1.00 13.98 ? 8   ARG B CG   1 
ATOM   1031 C CD   . ARG B 2 9  ? -0.681  -10.618 -3.075  1.00 12.24 ? 8   ARG B CD   1 
ATOM   1032 N NE   . ARG B 2 9  ? -2.009  -10.479 -2.474  1.00 12.98 ? 8   ARG B NE   1 
ATOM   1033 C CZ   . ARG B 2 9  ? -2.770  -9.395  -2.550  1.00 12.94 ? 8   ARG B CZ   1 
ATOM   1034 N NH1  . ARG B 2 9  ? -2.353  -8.335  -3.229  1.00 13.69 ? 8   ARG B NH1  1 
ATOM   1035 N NH2  . ARG B 2 9  ? -3.951  -9.367  -1.932  1.00 10.62 ? 8   ARG B NH2  1 
ATOM   1036 H H    . ARG B 2 9  ? -2.156  -10.635 -6.819  1.00 10.17 ? 8   ARG B H    1 
ATOM   1037 H HA   . ARG B 2 9  ? -0.451  -12.614 -6.721  1.00 10.51 ? 8   ARG B HA   1 
ATOM   1038 H HB2  . ARG B 2 9  ? -2.392  -11.935 -4.776  1.00 15.83 ? 8   ARG B HB2  1 
ATOM   1039 H HB3  . ARG B 2 9  ? -1.113  -12.839 -4.511  1.00 15.83 ? 8   ARG B HB3  1 
ATOM   1040 H HG2  . ARG B 2 9  ? 0.239   -10.966 -4.890  1.00 16.77 ? 8   ARG B HG2  1 
ATOM   1041 H HG3  . ARG B 2 9  ? -1.075  -10.083 -5.029  1.00 16.77 ? 8   ARG B HG3  1 
ATOM   1042 H HD2  . ARG B 2 9  ? -0.240  -11.365 -2.643  1.00 14.69 ? 8   ARG B HD2  1 
ATOM   1043 H HD3  . ARG B 2 9  ? -0.190  -9.801  -2.893  1.00 14.69 ? 8   ARG B HD3  1 
ATOM   1044 H HE   . ARG B 2 9  ? -2.320  -11.153 -2.038  1.00 15.58 ? 8   ARG B HE   1 
ATOM   1045 H HH11 . ARG B 2 9  ? -1.587  -8.348  -3.619  1.00 16.43 ? 8   ARG B HH11 1 
ATOM   1046 H HH12 . ARG B 2 9  ? -2.849  -7.634  -3.279  1.00 16.43 ? 8   ARG B HH12 1 
ATOM   1047 H HH21 . ARG B 2 9  ? -4.226  -10.056 -1.496  1.00 12.74 ? 8   ARG B HH21 1 
ATOM   1048 H HH22 . ARG B 2 9  ? -4.452  -8.670  -1.991  1.00 12.74 ? 8   ARG B HH22 1 
HETATM 1049 O O    . HOH C 3 .  ? -6.399  2.159   5.165   1.00 3.42  ? 201 HOH A O    1 
HETATM 1050 O O    . HOH C 3 .  ? -7.398  1.502   -9.031  1.00 5.69  ? 202 HOH A O    1 
HETATM 1051 O O    . HOH C 3 .  ? 3.203   -8.905  -9.088  1.00 8.26  ? 203 HOH A O    1 
HETATM 1052 O O    . HOH C 3 .  ? 5.490   -2.505  10.645  1.00 5.44  ? 204 HOH A O    1 
HETATM 1053 O O    . HOH C 3 .  ? -9.221  -0.765  -7.115  1.00 6.50  ? 205 HOH A O    1 
HETATM 1054 O O    . HOH C 3 .  ? -5.264  -8.440  5.866   1.00 6.56  ? 206 HOH A O    1 
HETATM 1055 O O    . HOH C 3 .  ? -8.538  7.512   5.016   1.00 6.12  ? 207 HOH A O    1 
HETATM 1056 O O    . HOH C 3 .  ? -7.401  11.716  0.506   1.00 8.34  ? 208 HOH A O    1 
HETATM 1057 O O    . HOH C 3 .  ? -3.519  -9.332  3.966   1.00 9.58  ? 209 HOH A O    1 
HETATM 1058 O O    . HOH C 3 .  ? -8.872  -0.221  4.954   1.00 6.67  ? 210 HOH A O    1 
HETATM 1059 O O    . HOH C 3 .  ? -9.155  4.016   3.932   1.00 5.74  ? 211 HOH A O    1 
HETATM 1060 O O    . HOH C 3 .  ? -6.643  -1.686  13.683  1.00 5.89  ? 212 HOH A O    1 
HETATM 1061 O O    . HOH C 3 .  ? -7.211  4.996   13.185  1.00 13.64 ? 213 HOH A O    1 
HETATM 1062 O O    . HOH C 3 .  ? -10.204 3.253   -0.792  1.00 13.59 ? 214 HOH A O    1 
HETATM 1063 O O    . HOH C 3 .  ? 4.506   -9.313  -6.561  1.00 11.50 ? 215 HOH A O    1 
HETATM 1064 O O    . HOH C 3 .  ? -11.344 -8.181  -8.222  1.00 16.74 ? 216 HOH A O    1 
HETATM 1065 O O    . HOH C 3 .  ? -10.616 3.593   1.669   1.00 12.23 ? 217 HOH A O    1 
HETATM 1066 O O    . HOH C 3 .  ? 5.307   -7.567  1.790   1.00 13.77 ? 218 HOH A O    1 
HETATM 1067 O O    . HOH C 3 .  ? -2.697  -11.920 3.811   1.00 8.66  ? 219 HOH A O    1 
HETATM 1068 O O    . HOH C 3 .  ? -6.715  9.705   -5.674  1.00 14.22 ? 220 HOH A O    1 
HETATM 1069 O O    . HOH C 3 .  ? -5.076  8.796   11.966  1.00 11.54 ? 221 HOH A O    1 
HETATM 1070 O O    . HOH C 3 .  ? -0.247  11.878  -1.710  1.00 12.77 ? 222 HOH A O    1 
HETATM 1071 O O    . HOH C 3 .  ? -1.255  10.914  6.540   1.00 11.99 ? 223 HOH A O    1 
HETATM 1072 O O    . HOH C 3 .  ? 5.299   -8.948  -3.539  1.00 17.50 ? 224 HOH A O    1 
HETATM 1073 O O    . HOH C 3 .  ? -15.253 -13.092 1.462   1.00 12.27 ? 225 HOH A O    1 
HETATM 1074 O O    . HOH C 3 .  ? -9.119  -3.485  2.661   1.00 16.19 ? 226 HOH A O    1 
HETATM 1075 O O    . HOH C 3 .  ? -8.995  10.828  -1.565  1.00 11.79 ? 227 HOH A O    1 
HETATM 1076 O O    . HOH C 3 .  ? -10.340 2.024   5.402   1.00 14.87 ? 228 HOH A O    1 
HETATM 1077 O O    . HOH C 3 .  ? -12.834 -3.084  -5.882  1.00 14.23 ? 229 HOH A O    1 
HETATM 1078 O O    . HOH C 3 .  ? -11.662 -1.635  -7.783  1.00 15.51 ? 230 HOH A O    1 
HETATM 1079 O O    . HOH C 3 .  ? 4.088   -10.676 2.355   1.00 21.73 ? 231 HOH A O    1 
HETATM 1080 O O    . HOH C 3 .  ? 5.965   9.271   8.952   1.00 14.22 ? 232 HOH A O    1 
HETATM 1081 O O    . HOH C 3 .  ? 5.766   -5.582  -12.038 1.00 19.87 ? 233 HOH A O    1 
HETATM 1082 O O    . HOH C 3 .  ? 13.498  -4.214  -1.941  1.00 31.10 ? 234 HOH A O    1 
HETATM 1083 O O    . HOH C 3 .  ? 10.150  3.815   8.290   1.00 16.44 ? 235 HOH A O    1 
HETATM 1084 O O    . HOH C 3 .  ? 0.614   11.486  -8.435  1.00 20.21 ? 236 HOH A O    1 
HETATM 1085 O O    . HOH C 3 .  ? 1.458   7.336   -11.342 1.00 13.77 ? 237 HOH A O    1 
HETATM 1086 O O    . HOH C 3 .  ? -0.189  12.888  3.738   1.00 20.36 ? 238 HOH A O    1 
HETATM 1087 O O    . HOH C 3 .  ? -9.132  -14.717 -1.957  1.00 18.79 ? 239 HOH A O    1 
HETATM 1088 O O    . HOH C 3 .  ? 4.338   -2.302  -9.015  1.00 26.40 ? 240 HOH A O    1 
HETATM 1089 O O    . HOH C 3 .  ? -8.493  -14.877 -4.564  1.00 26.37 ? 241 HOH A O    1 
HETATM 1090 O O    . HOH C 3 .  ? 6.337   -8.703  -0.329  1.00 24.79 ? 242 HOH A O    1 
HETATM 1091 O O    . HOH C 3 .  ? -9.915  -5.745  1.464   1.00 20.60 ? 243 HOH A O    1 
HETATM 1092 O O    . HOH C 3 .  ? 16.295  -7.115  -0.732  1.00 27.73 ? 244 HOH A O    1 
HETATM 1093 O O    . HOH C 3 .  ? -13.561 -3.047  -2.221  1.00 28.72 ? 245 HOH A O    1 
HETATM 1094 O O    . HOH C 3 .  ? -1.837  1.780   13.992  1.00 20.80 ? 246 HOH A O    1 
HETATM 1095 O O    . HOH C 3 .  ? -10.005 -16.826 -0.957  1.00 9.67  ? 247 HOH A O    1 
HETATM 1096 O O    . HOH C 3 .  ? -11.156 5.002   -2.291  1.00 23.49 ? 248 HOH A O    1 
HETATM 1097 O O    . HOH C 3 .  ? -5.237  -7.206  -5.898  1.00 18.43 ? 249 HOH A O    1 
HETATM 1098 O O    . HOH C 3 .  ? -6.695  6.725   15.541  1.00 24.27 ? 250 HOH A O    1 
HETATM 1099 O O    . HOH C 3 .  ? -17.866 -12.924 0.954   1.00 27.29 ? 251 HOH A O    1 
HETATM 1100 O O    . HOH C 3 .  ? -14.521 4.642   -1.432  1.00 29.53 ? 252 HOH A O    1 
HETATM 1101 O O    . HOH C 3 .  ? 12.523  -1.356  2.060   1.00 28.22 ? 253 HOH A O    1 
HETATM 1102 O O    . HOH C 3 .  ? -4.376  5.099   13.763  1.00 32.25 ? 254 HOH A O    1 
HETATM 1103 O O    . HOH C 3 .  ? -8.120  11.913  -4.545  1.00 29.50 ? 255 HOH A O    1 
HETATM 1104 O O    . HOH C 3 .  ? -15.461 -2.236  -5.794  1.00 29.13 ? 256 HOH A O    1 
HETATM 1105 O O    . HOH C 3 .  ? 8.489   12.162  5.989   1.00 25.73 ? 257 HOH A O    1 
HETATM 1106 O O    . HOH C 3 .  ? -3.974  11.530  -7.008  1.00 28.84 ? 258 HOH A O    1 
HETATM 1107 O O    . HOH C 3 .  ? 1.510   -12.500 6.595   1.00 30.51 ? 259 HOH A O    1 
HETATM 1108 O O    . HOH C 3 .  ? -0.352  -12.345 5.151   1.00 25.91 ? 260 HOH A O    1 
HETATM 1109 O O    . HOH C 3 .  ? 12.641  -1.732  -2.159  1.00 28.25 ? 261 HOH A O    1 
HETATM 1110 O O    . HOH C 3 .  ? 0.357   13.404  1.075   1.00 25.47 ? 262 HOH A O    1 
HETATM 1111 O O    . HOH C 3 .  ? 6.372   -11.079 -4.701  1.00 22.89 ? 263 HOH A O    1 
HETATM 1112 O O    . HOH C 3 .  ? -1.372  5.049   13.730  1.00 30.82 ? 264 HOH A O    1 
HETATM 1113 O O    . HOH C 3 .  ? 3.265   -10.382 -2.287  1.00 27.83 ? 265 HOH A O    1 
HETATM 1114 O O    . HOH C 3 .  ? -0.788  11.936  -6.120  1.00 23.51 ? 266 HOH A O    1 
HETATM 1115 O O    . HOH C 3 .  ? 14.201  -2.747  6.103   1.00 20.94 ? 267 HOH A O    1 
HETATM 1116 O O    . HOH C 3 .  ? 12.353  -5.241  5.268   1.00 22.04 ? 268 HOH A O    1 
HETATM 1117 O O    . HOH C 3 .  ? 13.908  -10.227 -4.599  1.00 29.53 ? 269 HOH A O    1 
HETATM 1118 O O    . HOH C 3 .  ? -1.157  8.813   8.481   1.00 25.25 ? 270 HOH A O    1 
HETATM 1119 O O    . HOH C 3 .  ? -0.985  16.069  -3.169  1.00 33.35 ? 271 HOH A O    1 
HETATM 1120 O O    . HOH C 3 .  ? -7.827  -12.514 -0.996  1.00 23.37 ? 272 HOH A O    1 
HETATM 1121 O O    . HOH C 3 .  ? 7.783   14.699  -0.331  1.00 30.07 ? 273 HOH A O    1 
HETATM 1122 O O    . HOH C 3 .  ? 11.709  4.319   6.162   1.00 30.06 ? 274 HOH A O    1 
HETATM 1123 O O    . HOH C 3 .  ? 10.327  6.041   4.902   1.00 30.07 ? 275 HOH A O    1 
HETATM 1124 O O    . HOH C 3 .  ? 11.409  -10.072 5.430   1.00 30.07 ? 276 HOH A O    1 
HETATM 1125 O O    . HOH D 3 .  ? -3.050  -13.493 -1.037  1.00 21.29 ? 101 HOH B O    1 
HETATM 1126 O O    . HOH D 3 .  ? -2.814  -12.949 1.134   1.00 22.13 ? 102 HOH B O    1 
HETATM 1127 O O    . HOH D 3 .  ? -4.293  -14.716 0.498   1.00 17.26 ? 103 HOH B O    1 
HETATM 1128 O O    . HOH D 3 .  ? -3.004  -15.040 -2.886  1.00 32.55 ? 104 HOH B O    1 
HETATM 1129 O O    . HOH D 3 .  ? -1.816  -5.232  -14.591 1.00 10.60 ? 105 HOH B O    1 
HETATM 1130 O O    . HOH D 3 .  ? -3.842  -9.538  -6.177  1.00 13.58 ? 106 HOH B O    1 
HETATM 1131 O O    . HOH D 3 .  ? -1.595  -7.987  -14.890 1.00 8.38  ? 107 HOH B O    1 
HETATM 1132 O O    . HOH D 3 .  ? -2.180  -17.256 -6.390  1.00 18.39 ? 108 HOH B O    1 
HETATM 1133 O O    . HOH D 3 .  ? -3.742  -14.438 -9.523  1.00 14.65 ? 109 HOH B O    1 
HETATM 1134 O O    . HOH D 3 .  ? 0.295   -3.661  -15.578 1.00 25.82 ? 110 HOH B O    1 
HETATM 1135 O O    . HOH D 3 .  ? -4.045  4.958   -15.690 1.00 16.99 ? 111 HOH B O    1 
HETATM 1136 O O    . HOH D 3 .  ? 0.968   -1.861  -13.466 1.00 19.92 ? 112 HOH B O    1 
HETATM 1137 O O    . HOH D 3 .  ? -3.256  -16.931 -9.128  1.00 18.19 ? 113 HOH B O    1 
HETATM 1138 O O    . HOH D 3 .  ? -4.818  7.484   -15.746 1.00 25.37 ? 114 HOH B O    1 
HETATM 1139 O O    . HOH D 3 .  ? 1.552   -5.598  -16.853 1.00 24.18 ? 115 HOH B O    1 
HETATM 1140 O O    . HOH D 3 .  ? -5.475  11.243  -9.751  1.00 24.00 ? 116 HOH B O    1 
HETATM 1141 O O    . HOH D 3 .  ? -6.903  8.789   -9.424  1.00 27.98 ? 117 HOH B O    1 
HETATM 1142 O O    . HOH D 3 .  ? 1.053   0.420   -14.798 1.00 26.76 ? 118 HOH B O    1 
# 
loop_
_atom_site_anisotrop.id 
_atom_site_anisotrop.type_symbol 
_atom_site_anisotrop.pdbx_label_atom_id 
_atom_site_anisotrop.pdbx_label_alt_id 
_atom_site_anisotrop.pdbx_label_comp_id 
_atom_site_anisotrop.pdbx_label_asym_id 
_atom_site_anisotrop.pdbx_label_seq_id 
_atom_site_anisotrop.pdbx_PDB_ins_code 
_atom_site_anisotrop.U[1][1] 
_atom_site_anisotrop.U[2][2] 
_atom_site_anisotrop.U[3][3] 
_atom_site_anisotrop.U[1][2] 
_atom_site_anisotrop.U[1][3] 
_atom_site_anisotrop.U[2][3] 
_atom_site_anisotrop.pdbx_auth_seq_id 
_atom_site_anisotrop.pdbx_auth_comp_id 
_atom_site_anisotrop.pdbx_auth_asym_id 
_atom_site_anisotrop.pdbx_auth_atom_id 
1    N N   . SER A 2  ? 0.3786 0.3786 0.3786 0.0000  0.0000  0.0000  82  SER A N   
2    C CA  . SER A 2  ? 0.3764 0.3772 0.3770 -0.0004 -0.0004 0.0009  82  SER A CA  
3    C C   . SER A 2  ? 0.3788 0.3787 0.3787 0.0000  0.0000  -0.0001 82  SER A C   
4    O O   . SER A 2  ? 0.3786 0.3786 0.3786 0.0000  0.0000  0.0000  82  SER A O   
5    C CB  . SER A 2  ? 0.2543 0.2533 0.2536 0.0004  0.0003  -0.0009 82  SER A CB  
6    O OG  . SER A 2  ? 0.2521 0.2521 0.2521 0.0000  0.0000  0.0000  82  SER A OG  
11   N N   . HIS A 3  ? 0.3841 0.3887 0.3875 -0.0022 -0.0017 0.0048  83  HIS A N   
12   C CA  . HIS A 3  ? 0.2623 0.2622 0.2624 0.0000  -0.0001 0.0002  83  HIS A CA  
13   C C   . HIS A 3  ? 0.1437 0.1383 0.1400 0.0026  0.0024  -0.0056 83  HIS A C   
14   O O   . HIS A 3  ? 0.1727 0.1742 0.1736 -0.0005 0.0000  0.0009  83  HIS A O   
15   C CB  . HIS A 3  ? 0.2514 0.2511 0.2512 0.0002  0.0003  -0.0003 83  HIS A CB  
16   C CG  . HIS A 3  ? 0.2504 0.2503 0.2506 0.0000  0.0001  -0.0001 83  HIS A CG  
17   N ND1 . HIS A 3  ? 0.2507 0.2510 0.2508 -0.0002 0.0001  -0.0001 83  HIS A ND1 
18   C CD2 . HIS A 3  ? 0.2505 0.2505 0.2509 0.0000  0.0000  0.0000  83  HIS A CD2 
19   C CE1 . HIS A 3  ? 0.2505 0.2501 0.2506 -0.0001 0.0002  0.0000  83  HIS A CE1 
20   N NE2 . HIS A 3  ? 0.2506 0.2507 0.2508 0.0000  0.0002  0.0003  83  HIS A NE2 
27   N N   . MET A 4  ? 0.1569 0.1585 0.1589 -0.0004 -0.0011 0.0017  84  MET A N   
28   C CA  . MET A 4  ? 0.1177 0.1164 0.1167 0.0010  0.0008  -0.0015 84  MET A CA  
29   C C   . MET A 4  ? 0.1044 0.1037 0.1037 0.0001  0.0003  -0.0006 84  MET A C   
30   O O   . MET A 4  ? 0.0987 0.0991 0.0989 0.0005  0.0000  -0.0003 84  MET A O   
31   C CB  . MET A 4  ? 0.1451 0.1457 0.1453 0.0000  -0.0005 0.0001  84  MET A CB  
32   C CG  . MET A 4  ? 0.1618 0.1607 0.1609 0.0007  0.0002  -0.0012 84  MET A CG  
33   S SD  . MET A 4  ? 0.1993 0.1923 0.1956 0.0048  0.0030  -0.0077 84  MET A SD  
34   C CE  . MET A 4  ? 0.4448 0.4537 0.4510 -0.0044 -0.0038 0.0093  84  MET A CE  
44   N N   . THR A 5  ? 0.1045 0.1048 0.1051 -0.0006 -0.0008 0.0010  85  THR A N   
45   C CA  . THR A 5  ? 0.0770 0.0761 0.0763 0.0006  0.0006  -0.0013 85  THR A CA  
46   C C   . THR A 5  ? 0.0725 0.0712 0.0715 0.0008  0.0009  -0.0017 85  THR A C   
47   O O   . THR A 5  ? 0.1122 0.1138 0.1127 -0.0011 -0.0009 0.0014  85  THR A O   
48   C CB  . THR A 5  ? 0.0889 0.0895 0.0895 -0.0004 -0.0004 0.0007  85  THR A CB  
49   O OG1 . THR A 5  ? 0.0810 0.0810 0.0806 -0.0001 -0.0002 -0.0001 85  THR A OG1 
50   C CG2 . THR A 5  ? 0.0886 0.0883 0.0885 -0.0002 -0.0001 -0.0001 85  THR A CG2 
58   N N   . PHE A 6  ? 0.0806 0.0813 0.0804 -0.0006 -0.0004 0.0007  86  PHE A N   
59   C CA  . PHE A 6  ? 0.0615 0.0601 0.0609 0.0007  0.0007  -0.0013 86  PHE A CA  
60   C C   . PHE A 6  ? 0.0663 0.0651 0.0659 0.0002  0.0003  -0.0008 86  PHE A C   
61   O O   . PHE A 6  ? 0.0823 0.0834 0.0834 0.0002  0.0000  0.0010  86  PHE A O   
62   C CB  . PHE A 6  ? 0.0739 0.0746 0.0745 -0.0003 0.0001  0.0005  86  PHE A CB  
63   C CG  . PHE A 6  ? 0.0769 0.0770 0.0774 -0.0003 -0.0001 0.0005  86  PHE A CG  
64   C CD1 . PHE A 6  ? 0.0718 0.0711 0.0709 0.0006  0.0008  -0.0014 86  PHE A CD1 
65   C CD2 . PHE A 6  ? 0.0668 0.0660 0.0661 0.0002  0.0003  -0.0007 86  PHE A CD2 
66   C CE1 . PHE A 6  ? 0.1018 0.1036 0.1031 -0.0007 -0.0009 0.0019  86  PHE A CE1 
67   C CE2 . PHE A 6  ? 0.0721 0.0721 0.0722 -0.0001 0.0001  -0.0001 86  PHE A CE2 
68   C CZ  . PHE A 6  ? 0.0789 0.0791 0.0787 0.0002  0.0001  -0.0005 86  PHE A CZ  
78   N N   . VAL A 7  ? 0.0746 0.0746 0.0741 -0.0002 0.0001  -0.0001 87  VAL A N   
79   C CA  . VAL A 7  ? 0.0833 0.0830 0.0830 -0.0001 0.0000  -0.0003 87  VAL A CA  
80   C C   . VAL A 7  ? 0.0682 0.0684 0.0680 0.0003  -0.0001 -0.0001 87  VAL A C   
81   O O   . VAL A 7  ? 0.0600 0.0603 0.0596 0.0002  0.0002  -0.0004 87  VAL A O   
82   C CB  . VAL A 7  ? 0.1102 0.1105 0.1104 0.0000  0.0000  0.0002  87  VAL A CB  
83   C CG1 . VAL A 7  ? 0.1473 0.1482 0.1481 -0.0007 -0.0007 0.0014  87  VAL A CG1 
84   C CG2 . VAL A 7  ? 0.0942 0.0931 0.0941 0.0002  0.0003  -0.0007 87  VAL A CG2 
94   N N   . ALA A 8  ? 0.0691 0.0697 0.0691 0.0000  0.0003  0.0003  88  ALA A N   
95   C CA  . ALA A 8  ? 0.0569 0.0570 0.0570 0.0005  0.0001  -0.0003 88  ALA A CA  
96   C C   . ALA A 8  ? 0.0664 0.0673 0.0672 -0.0003 -0.0003 0.0008  88  ALA A C   
97   O O   . ALA A 8  ? 0.0635 0.0629 0.0633 -0.0002 0.0000  -0.0002 88  ALA A O   
98   C CB  . ALA A 8  ? 0.0398 0.0387 0.0394 0.0003  0.0001  -0.0007 88  ALA A CB  
104  N N   . LEU A 9  ? 0.0556 0.0558 0.0555 0.0002  0.0004  -0.0004 89  LEU A N   
105  C CA  . LEU A 9  ? 0.0521 0.0506 0.0511 0.0006  0.0006  -0.0014 89  LEU A CA  
106  C C   . LEU A 9  ? 0.0776 0.0787 0.0782 -0.0005 -0.0005 0.0010  89  LEU A C   
107  O O   . LEU A 9  ? 0.0844 0.0842 0.0851 -0.0001 -0.0003 0.0004  89  LEU A O   
108  C CB  . LEU A 9  ? 0.0561 0.0550 0.0556 0.0001  0.0009  -0.0005 89  LEU A CB  
109  C CG  . LEU A 9  ? 0.0772 0.0758 0.0761 0.0005  0.0003  -0.0010 89  LEU A CG  
110  C CD1 . LEU A 9  ? 0.1218 0.1235 0.1231 -0.0008 -0.0004 0.0018  89  LEU A CD1 
111  C CD2 . LEU A 9  ? 0.0821 0.0821 0.0818 -0.0003 0.0001  0.0001  89  LEU A CD2 
123  N N   . TYR A 10 ? 0.0654 0.0645 0.0652 0.0005  0.0002  -0.0007 90  TYR A N   
124  C CA  . TYR A 10 ? 0.0704 0.0706 0.0711 -0.0001 -0.0002 0.0004  90  TYR A CA  
125  C C   . TYR A 10 ? 0.0690 0.0691 0.0688 -0.0003 0.0000  0.0002  90  TYR A C   
126  O O   . TYR A 10 ? 0.0658 0.0656 0.0661 0.0002  -0.0001 -0.0001 90  TYR A O   
127  C CB  . TYR A 10 ? 0.0672 0.0670 0.0670 0.0003  0.0002  -0.0002 90  TYR A CB  
128  C CG  . TYR A 10 ? 0.0768 0.0765 0.0766 0.0002  0.0003  -0.0007 90  TYR A CG  
129  C CD1 . TYR A 10 ? 0.0811 0.0808 0.0811 -0.0001 -0.0004 -0.0002 90  TYR A CD1 
130  C CD2 . TYR A 10 ? 0.0958 0.0961 0.0962 -0.0005 -0.0002 0.0009  90  TYR A CD2 
131  C CE1 . TYR A 10 ? 0.0875 0.0871 0.0871 0.0003  0.0005  -0.0006 90  TYR A CE1 
132  C CE2 . TYR A 10 ? 0.0962 0.0960 0.0960 0.0004  0.0003  -0.0005 90  TYR A CE2 
133  C CZ  . TYR A 10 ? 0.1118 0.1122 0.1120 0.0000  0.0001  0.0001  90  TYR A CZ  
134  O OH  . TYR A 10 ? 0.1472 0.1482 0.1475 -0.0012 -0.0003 0.0017  90  TYR A OH  
144  N N   . ASP A 11 ? 0.0660 0.0652 0.0666 0.0003  0.0002  0.0000  91  ASP A N   
145  C CA  . ASP A 11 ? 0.0676 0.0671 0.0674 0.0002  0.0002  -0.0003 91  ASP A CA  
146  C C   . ASP A 11 ? 0.0618 0.0609 0.0612 -0.0001 0.0001  -0.0003 91  ASP A C   
147  O O   . ASP A 11 ? 0.0583 0.0576 0.0584 0.0001  0.0000  0.0001  91  ASP A O   
148  C CB  . ASP A 11 ? 0.0838 0.0835 0.0836 0.0007  0.0003  -0.0012 91  ASP A CB  
149  C CG  . ASP A 11 ? 0.1317 0.1331 0.1331 -0.0006 -0.0008 0.0016  91  ASP A CG  
150  O OD1 . ASP A 11 ? 0.0945 0.0931 0.0936 0.0009  0.0008  -0.0013 91  ASP A OD1 
151  O OD2 . ASP A 11 ? 0.1724 0.1748 0.1739 -0.0002 -0.0011 0.0014  91  ASP A OD2 
156  N N   . TYR A 12 ? 0.0650 0.0653 0.0652 -0.0006 -0.0006 0.0007  92  TYR A N   
157  C CA  . TYR A 12 ? 0.0446 0.0435 0.0438 0.0007  0.0005  -0.0012 92  TYR A CA  
158  C C   . TYR A 12 ? 0.0511 0.0501 0.0504 0.0002  0.0003  -0.0008 92  TYR A C   
159  O O   . TYR A 12 ? 0.0656 0.0666 0.0662 0.0003  -0.0002 0.0004  92  TYR A O   
160  C CB  . TYR A 12 ? 0.0517 0.0518 0.0511 0.0001  0.0002  -0.0003 92  TYR A CB  
161  C CG  . TYR A 12 ? 0.0626 0.0633 0.0635 0.0003  -0.0001 0.0002  92  TYR A CG  
162  C CD1 . TYR A 12 ? 0.0732 0.0719 0.0725 0.0004  0.0006  -0.0009 92  TYR A CD1 
163  C CD2 . TYR A 12 ? 0.0663 0.0668 0.0667 -0.0003 0.0002  0.0003  92  TYR A CD2 
164  C CE1 . TYR A 12 ? 0.1076 0.1094 0.1088 -0.0011 -0.0006 0.0021  92  TYR A CE1 
165  C CE2 . TYR A 12 ? 0.0619 0.0608 0.0615 0.0005  0.0007  -0.0008 92  TYR A CE2 
166  C CZ  . TYR A 12 ? 0.0825 0.0808 0.0815 0.0004  0.0004  -0.0012 92  TYR A CZ  
167  O OH  . TYR A 12 ? 0.1123 0.1131 0.1116 -0.0008 -0.0001 0.0010  92  TYR A OH  
177  N N   . GLU A 13 ? 0.0576 0.0568 0.0563 0.0000  0.0001  -0.0006 93  GLU A N   
178  C CA  . GLU A 13 ? 0.0796 0.0777 0.0785 0.0008  0.0008  -0.0019 93  GLU A CA  
179  C C   . GLU A 13 ? 0.0849 0.0846 0.0850 0.0005  0.0004  -0.0006 93  GLU A C   
180  O O   . GLU A 13 ? 0.1048 0.1056 0.1050 -0.0006 -0.0003 0.0006  93  GLU A O   
181  C CB  . GLU A 13 ? 0.1445 0.1430 0.1438 0.0004  0.0005  -0.0014 93  GLU A CB  
182  C CG  . GLU A 13 ? 0.2481 0.2488 0.2484 -0.0003 -0.0002 0.0008  93  GLU A CG  
183  C CD  . GLU A 13 ? 0.3324 0.3352 0.3344 -0.0015 -0.0011 0.0029  93  GLU A CD  
184  O OE1 . GLU A 13 ? 0.2886 0.2872 0.2878 0.0006  0.0008  -0.0017 93  GLU A OE1 
185  O OE2 . GLU A 13 ? 0.3774 0.3790 0.3786 -0.0009 -0.0004 0.0019  93  GLU A OE2 
192  N N   . SER A 14 ? 0.0876 0.0871 0.0872 0.0006  0.0002  -0.0010 94  SER A N   
193  C CA  . SER A 14 ? 0.1147 0.1148 0.1144 0.0000  0.0001  -0.0002 94  SER A CA  
194  C C   . SER A 14 ? 0.1197 0.1198 0.1199 -0.0002 0.0000  0.0004  94  SER A C   
195  O O   . SER A 14 ? 0.1148 0.1145 0.1137 -0.0004 -0.0007 -0.0005 94  SER A O   
196  C CB  . SER A 14 ? 0.1431 0.1416 0.1421 0.0013  0.0011  -0.0019 94  SER A CB  
197  O OG  . SER A 14 ? 0.2315 0.2346 0.2337 -0.0017 -0.0012 0.0034  94  SER A OG  
203  N N   . ARG A 15 ? 0.1164 0.1146 0.1153 0.0004  0.0003  -0.0013 95  ARG A N   
204  C CA  . ARG A 15 ? 0.1488 0.1495 0.1493 -0.0005 -0.0006 0.0008  95  ARG A CA  
205  C C   . ARG A 15 ? 0.1527 0.1524 0.1525 -0.0001 -0.0001 0.0000  95  ARG A C   
206  O O   . ARG A 15 ? 0.1728 0.1726 0.1727 -0.0008 -0.0006 0.0006  95  ARG A O   
207  C CB  . ARG A 15 ? 0.1471 0.1449 0.1459 0.0007  0.0006  -0.0017 95  ARG A CB  
208  C CG  . ARG A 15 ? 0.1918 0.1927 0.1925 -0.0008 -0.0005 0.0014  95  ARG A CG  
209  C CD  . ARG A 15 ? 0.1983 0.1986 0.1983 -0.0002 -0.0002 0.0002  95  ARG A CD  
210  N NE  . ARG A 15 ? 0.1984 0.1987 0.1985 -0.0005 -0.0006 0.0009  95  ARG A NE  
211  C CZ  . ARG A 15 ? 0.1744 0.1755 0.1751 -0.0005 -0.0004 0.0014  95  ARG A CZ  
212  N NH1 . ARG A 15 ? 0.1411 0.1393 0.1397 0.0004  0.0010  -0.0011 95  ARG A NH1 
213  N NH2 . ARG A 15 ? 0.1474 0.1456 0.1468 0.0004  0.0004  -0.0009 95  ARG A NH2 
227  N N   . THR A 16 ? 0.1433 0.1428 0.1425 -0.0002 -0.0002 -0.0002 96  THR A N   
228  C CA  . THR A 16 ? 0.1317 0.1285 0.1295 0.0014  0.0012  -0.0031 96  THR A CA  
229  C C   . THR A 16 ? 0.1324 0.1347 0.1337 -0.0009 -0.0008 0.0019  96  THR A C   
230  O O   . THR A 16 ? 0.1065 0.1045 0.1056 0.0004  0.0000  -0.0013 96  THR A O   
231  C CB  . THR A 16 ? 0.2132 0.2168 0.2159 -0.0018 -0.0016 0.0038  96  THR A CB  
232  O OG1 . THR A 16 ? 0.2615 0.2631 0.2630 -0.0010 -0.0008 0.0021  96  THR A OG1 
233  C CG2 . THR A 16 ? 0.1396 0.1367 0.1380 0.0013  0.0010  -0.0027 96  THR A CG2 
241  N N   . GLU A 17 ? 0.1023 0.0997 0.1009 0.0003  0.0002  -0.0017 97  GLU A N   
242  C CA  . GLU A 17 ? 0.1142 0.1142 0.1145 0.0000  -0.0002 0.0002  97  GLU A CA  
243  C C   . GLU A 17 ? 0.1092 0.1096 0.1094 -0.0006 -0.0001 0.0009  97  GLU A C   
244  O O   . GLU A 17 ? 0.1070 0.1066 0.1071 -0.0004 0.0003  0.0000  97  GLU A O   
245  C CB  . GLU A 17 ? 0.1269 0.1266 0.1263 0.0000  0.0004  -0.0007 97  GLU A CB  
246  C CG  . GLU A 17 ? 0.1541 0.1523 0.1528 0.0007  0.0009  -0.0021 97  GLU A CG  
247  C CD  . GLU A 17 ? 0.2390 0.2420 0.2408 -0.0014 -0.0010 0.0029  97  GLU A CD  
248  O OE1 . GLU A 17 ? 0.2753 0.2772 0.2760 -0.0007 -0.0012 0.0013  97  GLU A OE1 
249  O OE2 . GLU A 17 ? 0.2094 0.2078 0.2088 0.0001  0.0004  -0.0009 97  GLU A OE2 
256  N N   . THR A 18 ? 0.0848 0.0836 0.0841 0.0002  0.0002  -0.0010 98  THR A N   
257  C CA  . THR A 18 ? 0.0860 0.0848 0.0856 0.0005  0.0003  -0.0008 98  THR A CA  
258  C C   . THR A 18 ? 0.0752 0.0749 0.0754 -0.0001 0.0000  -0.0001 98  THR A C   
259  O O   . THR A 18 ? 0.0636 0.0629 0.0635 -0.0001 0.0004  -0.0002 98  THR A O   
260  C CB  . THR A 18 ? 0.1194 0.1195 0.1196 -0.0002 -0.0002 0.0004  98  THR A CB  
261  O OG1 . THR A 18 ? 0.1446 0.1450 0.1449 -0.0006 -0.0003 0.0007  98  THR A OG1 
262  C CG2 . THR A 18 ? 0.1171 0.1167 0.1170 0.0000  0.0001  -0.0002 98  THR A CG2 
270  N N   . ASP A 19 ? 0.0770 0.0766 0.0766 -0.0004 -0.0003 0.0001  99  ASP A N   
271  C CA  . ASP A 19 ? 0.0761 0.0749 0.0755 0.0003  0.0003  -0.0009 99  ASP A CA  
272  C C   . ASP A 19 ? 0.0839 0.0840 0.0843 -0.0002 0.0000  0.0007  99  ASP A C   
273  O O   . ASP A 19 ? 0.0942 0.0938 0.0944 -0.0004 -0.0001 0.0005  99  ASP A O   
274  C CB  . ASP A 19 ? 0.0891 0.0883 0.0888 0.0001  0.0003  -0.0005 99  ASP A CB  
275  C CG  . ASP A 19 ? 0.1116 0.1123 0.1119 -0.0003 -0.0001 0.0007  99  ASP A CG  
276  O OD1 . ASP A 19 ? 0.1008 0.1002 0.0999 -0.0001 0.0005  -0.0003 99  ASP A OD1 
277  O OD2 . ASP A 19 ? 0.1244 0.1248 0.1246 -0.0001 -0.0003 0.0005  99  ASP A OD2 
282  N N   . LEU A 20 ? 0.0663 0.0663 0.0664 0.0000  0.0004  0.0000  100 LEU A N   
283  C CA  . LEU A 20 ? 0.0520 0.0512 0.0513 0.0005  0.0005  -0.0006 100 LEU A CA  
284  C C   . LEU A 20 ? 0.0543 0.0530 0.0533 0.0009  0.0010  -0.0009 100 LEU A C   
285  O O   . LEU A 20 ? 0.0759 0.0771 0.0771 0.0001  -0.0002 0.0009  100 LEU A O   
286  C CB  . LEU A 20 ? 0.0531 0.0526 0.0530 0.0001  0.0002  -0.0004 100 LEU A CB  
287  C CG  . LEU A 20 ? 0.0619 0.0613 0.0613 0.0004  0.0003  -0.0005 100 LEU A CG  
288  C CD1 . LEU A 20 ? 0.0824 0.0833 0.0832 0.0000  -0.0004 0.0008  100 LEU A CD1 
289  C CD2 . LEU A 20 ? 0.0666 0.0668 0.0668 -0.0004 0.0003  0.0002  100 LEU A CD2 
301  N N   . SER A 21 ? 0.0673 0.0682 0.0679 -0.0002 0.0000  0.0007  101 SER A N   
302  C CA  . SER A 21 ? 0.0681 0.0675 0.0681 0.0001  0.0002  -0.0001 101 SER A CA  
303  C C   . SER A 21 ? 0.0539 0.0527 0.0534 -0.0001 0.0001  -0.0006 101 SER A C   
304  O O   . SER A 21 ? 0.0563 0.0547 0.0565 -0.0004 0.0000  0.0001  101 SER A O   
305  C CB  . SER A 21 ? 0.0898 0.0906 0.0907 -0.0001 -0.0003 0.0009  101 SER A CB  
306  O OG  . SER A 21 ? 0.0897 0.0898 0.0901 0.0001  -0.0003 -0.0002 101 SER A OG  
312  N N   . PHE A 22 ? 0.0540 0.0536 0.0528 -0.0005 -0.0007 -0.0002 102 PHE A N   
313  C CA  . PHE A 22 ? 0.0478 0.0471 0.0479 0.0000  -0.0003 0.0000  102 PHE A CA  
314  C C   . PHE A 22 ? 0.0427 0.0420 0.0420 0.0002  0.0008  -0.0008 102 PHE A C   
315  O O   . PHE A 22 ? 0.0565 0.0576 0.0582 0.0003  -0.0003 0.0007  102 PHE A O   
316  C CB  . PHE A 22 ? 0.0453 0.0445 0.0447 0.0000  0.0001  -0.0005 102 PHE A CB  
317  C CG  . PHE A 22 ? 0.0493 0.0503 0.0497 -0.0001 -0.0001 0.0009  102 PHE A CG  
318  C CD1 . PHE A 22 ? 0.0467 0.0470 0.0469 0.0000  -0.0002 0.0001  102 PHE A CD1 
319  C CD2 . PHE A 22 ? 0.0383 0.0378 0.0378 0.0004  0.0003  -0.0004 102 PHE A CD2 
320  C CE1 . PHE A 22 ? 0.0405 0.0403 0.0402 0.0003  0.0004  -0.0008 102 PHE A CE1 
321  C CE2 . PHE A 22 ? 0.0433 0.0433 0.0431 0.0003  -0.0003 -0.0001 102 PHE A CE2 
322  C CZ  . PHE A 22 ? 0.0514 0.0521 0.0521 -0.0006 0.0000  0.0008  102 PHE A CZ  
332  N N   . LYS A 23 ? 0.0503 0.0505 0.0508 0.0003  0.0004  0.0005  103 LYS A N   
333  C CA  . LYS A 23 ? 0.0501 0.0496 0.0495 0.0006  0.0003  -0.0010 103 LYS A CA  
334  C C   . LYS A 23 ? 0.0581 0.0576 0.0579 0.0001  0.0001  0.0001  103 LYS A C   
335  O O   . LYS A 23 ? 0.0606 0.0605 0.0607 0.0001  0.0000  0.0003  103 LYS A O   
336  C CB  . LYS A 23 ? 0.0694 0.0692 0.0699 -0.0003 -0.0005 0.0004  103 LYS A CB  
337  C CG  . LYS A 23 ? 0.0699 0.0680 0.0688 0.0016  0.0011  -0.0024 103 LYS A CG  
338  C CD  . LYS A 23 ? 0.1393 0.1383 0.1389 0.0003  0.0007  -0.0009 103 LYS A CD  
339  C CE  . LYS A 23 ? 0.2343 0.2362 0.2357 -0.0010 -0.0008 0.0017  103 LYS A CE  
340  N NZ  . LYS A 23 ? 0.2821 0.2840 0.2834 -0.0009 -0.0010 0.0018  103 LYS A NZ  
354  N N   . LYS A 24 ? 0.0644 0.0644 0.0639 -0.0003 -0.0005 0.0003  104 LYS A N   
355  C CA  . LYS A 24 ? 0.0581 0.0575 0.0575 0.0005  0.0003  -0.0004 104 LYS A CA  
356  C C   . LYS A 24 ? 0.0528 0.0515 0.0519 0.0003  0.0000  -0.0009 104 LYS A C   
357  O O   . LYS A 24 ? 0.0708 0.0723 0.0712 0.0001  -0.0004 0.0005  104 LYS A O   
358  C CB  . LYS A 24 ? 0.0711 0.0709 0.0704 0.0003  0.0003  -0.0004 104 LYS A CB  
359  C CG  . LYS A 24 ? 0.0994 0.0970 0.0978 0.0010  0.0010  -0.0018 104 LYS A CG  
360  C CD  . LYS A 24 ? 0.1775 0.1762 0.1768 0.0005  0.0005  -0.0010 104 LYS A CD  
361  C CE  . LYS A 24 ? 0.2840 0.2837 0.2839 -0.0001 0.0000  0.0002  104 LYS A CE  
362  N NZ  . LYS A 24 ? 0.3925 0.3965 0.3950 -0.0020 -0.0017 0.0042  104 LYS A NZ  
376  N N   . GLY A 25 ? 0.0514 0.0510 0.0515 0.0008  0.0003  -0.0006 105 GLY A N   
377  C CA  . GLY A 25 ? 0.0614 0.0613 0.0614 0.0002  0.0000  -0.0001 105 GLY A CA  
378  C C   . GLY A 25 ? 0.0771 0.0778 0.0775 -0.0001 0.0000  0.0007  105 GLY A C   
379  O O   . GLY A 25 ? 0.0930 0.0920 0.0931 -0.0005 -0.0002 0.0003  105 GLY A O   
383  N N   . GLU A 26 ? 0.0622 0.0614 0.0616 -0.0001 -0.0001 -0.0005 106 GLU A N   
384  C CA  . GLU A 26 ? 0.0551 0.0537 0.0539 0.0003  0.0003  -0.0012 106 GLU A CA  
385  C C   . GLU A 26 ? 0.0586 0.0574 0.0579 0.0004  0.0004  -0.0008 106 GLU A C   
386  O O   . GLU A 26 ? 0.0700 0.0712 0.0709 0.0000  -0.0005 0.0005  106 GLU A O   
387  C CB  . GLU A 26 ? 0.0770 0.0779 0.0776 -0.0002 -0.0005 0.0010  106 GLU A CB  
388  C CG  . GLU A 26 ? 0.0735 0.0734 0.0740 -0.0002 0.0003  0.0003  106 GLU A CG  
389  C CD  . GLU A 26 ? 0.0639 0.0638 0.0635 0.0002  0.0000  -0.0006 106 GLU A CD  
390  O OE1 . GLU A 26 ? 0.0644 0.0651 0.0648 0.0001  0.0000  0.0000  106 GLU A OE1 
391  O OE2 . GLU A 26 ? 0.0604 0.0592 0.0596 -0.0004 -0.0002 -0.0003 106 GLU A OE2 
398  N N   . ARG A 27 ? 0.0716 0.0711 0.0716 -0.0002 -0.0001 0.0000  107 ARG A N   
399  C CA  . ARG A 27 ? 0.0787 0.0785 0.0785 0.0000  0.0002  -0.0004 107 ARG A CA  
400  C C   . ARG A 27 ? 0.0784 0.0790 0.0787 -0.0003 0.0001  0.0005  107 ARG A C   
401  O O   . ARG A 27 ? 0.0651 0.0637 0.0652 0.0004  0.0009  -0.0002 107 ARG A O   
402  C CB  . ARG A 27 ? 0.0947 0.0923 0.0930 0.0007  0.0005  -0.0019 107 ARG A CB  
403  C CG  . ARG A 27 ? 0.1617 0.1631 0.1623 -0.0009 -0.0009 0.0015  107 ARG A CG  
404  C CD  . ARG A 27 ? 0.1849 0.1837 0.1841 0.0005  0.0004  -0.0012 107 ARG A CD  
405  N NE  . ARG A 27 ? 0.2397 0.2411 0.2406 -0.0012 -0.0012 0.0021  107 ARG A NE  
406  C CZ  . ARG A 27 ? 0.2350 0.2352 0.2351 -0.0001 -0.0001 0.0003  107 ARG A CZ  
407  N NH1 . ARG A 27 ? 0.2294 0.2287 0.2288 0.0001  -0.0002 -0.0003 107 ARG A NH1 
408  N NH2 . ARG A 27 ? 0.2307 0.2303 0.2308 0.0002  0.0002  -0.0004 107 ARG A NH2 
422  N N   . LEU A 28 ? 0.0738 0.0733 0.0744 0.0002  0.0000  0.0003  108 LEU A N   
423  C CA  . LEU A 28 ? 0.0687 0.0694 0.0691 0.0001  0.0001  0.0001  108 LEU A CA  
424  C C   . LEU A 28 ? 0.0673 0.0671 0.0672 0.0001  0.0003  0.0000  108 LEU A C   
425  O O   . LEU A 28 ? 0.0869 0.0884 0.0887 0.0001  -0.0004 0.0010  108 LEU A O   
426  C CB  . LEU A 28 ? 0.0659 0.0662 0.0660 0.0002  0.0002  -0.0004 108 LEU A CB  
427  C CG  . LEU A 28 ? 0.0640 0.0630 0.0630 0.0006  0.0007  -0.0013 108 LEU A CG  
428  C CD1 . LEU A 28 ? 0.0872 0.0885 0.0880 -0.0004 -0.0004 0.0008  108 LEU A CD1 
429  C CD2 . LEU A 28 ? 0.0730 0.0731 0.0729 -0.0003 -0.0004 0.0003  108 LEU A CD2 
441  N N   . GLN A 29 ? 0.0469 0.0455 0.0455 0.0008  0.0002  -0.0016 109 GLN A N   
442  C CA  . GLN A 29 ? 0.0598 0.0602 0.0601 0.0000  0.0001  0.0001  109 GLN A CA  
443  C C   . GLN A 29 ? 0.0655 0.0655 0.0655 0.0001  0.0000  -0.0002 109 GLN A C   
444  O O   . GLN A 29 ? 0.0625 0.0623 0.0626 0.0000  0.0001  -0.0001 109 GLN A O   
445  C CB  . GLN A 29 ? 0.0653 0.0653 0.0654 -0.0003 -0.0002 0.0004  109 GLN A CB  
446  C CG  . GLN A 29 ? 0.0608 0.0603 0.0608 0.0003  0.0000  -0.0003 109 GLN A CG  
447  C CD  . GLN A 29 ? 0.0623 0.0614 0.0617 0.0004  0.0006  -0.0009 109 GLN A CD  
448  O OE1 . GLN A 29 ? 0.0878 0.0885 0.0881 -0.0004 -0.0005 0.0012  109 GLN A OE1 
449  N NE2 . GLN A 29 ? 0.0649 0.0642 0.0652 0.0000  0.0000  0.0003  109 GLN A NE2 
458  N N   . ILE A 30 ? 0.0760 0.0761 0.0756 -0.0001 0.0005  -0.0003 110 ILE A N   
459  C CA  . ILE A 30 ? 0.0911 0.0910 0.0911 0.0002  0.0001  0.0000  110 ILE A CA  
460  C C   . ILE A 30 ? 0.0796 0.0783 0.0785 0.0008  0.0007  -0.0015 110 ILE A C   
461  O O   . ILE A 30 ? 0.0995 0.1003 0.1004 0.0001  -0.0010 0.0003  110 ILE A O   
462  C CB  . ILE A 30 ? 0.1199 0.1191 0.1193 0.0004  0.0006  -0.0006 110 ILE A CB  
463  C CG1 . ILE A 30 ? 0.1447 0.1455 0.1451 -0.0004 -0.0006 0.0010  110 ILE A CG1 
464  C CG2 . ILE A 30 ? 0.1439 0.1447 0.1440 -0.0005 0.0000  0.0009  110 ILE A CG2 
465  C CD1 . ILE A 30 ? 0.1422 0.1418 0.1417 -0.0004 0.0002  0.0000  110 ILE A CD1 
477  N N   . VAL A 31 ? 0.0877 0.0870 0.0870 -0.0002 -0.0003 -0.0005 111 VAL A N   
478  C CA  . VAL A 31 ? 0.1049 0.1019 0.1029 0.0012  0.0009  -0.0028 111 VAL A CA  
479  C C   . VAL A 31 ? 0.1831 0.1868 0.1856 -0.0017 -0.0015 0.0039  111 VAL A C   
480  O O   . VAL A 31 ? 0.1715 0.1712 0.1711 0.0003  -0.0002 -0.0002 111 VAL A O   
481  C CB  . VAL A 31 ? 0.1239 0.1244 0.1241 -0.0001 0.0001  0.0003  111 VAL A CB  
482  C CG1 . VAL A 31 ? 0.1411 0.1420 0.1418 -0.0002 -0.0004 0.0008  111 VAL A CG1 
483  C CG2 . VAL A 31 ? 0.1217 0.1210 0.1214 -0.0001 0.0001  -0.0002 111 VAL A CG2 
493  N N   . ASN A 32 ? 0.1670 0.1653 0.1657 0.0013  0.0008  -0.0021 112 ASN A N   
494  C CA  . ASN A 32 ? 0.2066 0.2063 0.2068 0.0002  0.0000  -0.0002 112 ASN A CA  
495  C C   . ASN A 32 ? 0.2274 0.2292 0.2285 -0.0008 -0.0007 0.0018  112 ASN A C   
496  O O   . ASN A 32 ? 0.1996 0.1987 0.1987 0.0004  0.0005  -0.0011 112 ASN A O   
497  C CB  . ASN A 32 ? 0.2340 0.2344 0.2346 -0.0002 -0.0004 0.0004  112 ASN A CB  
498  C CG  . ASN A 32 ? 0.2461 0.2456 0.2460 0.0000  0.0000  -0.0003 112 ASN A CG  
499  O OD1 . ASN A 32 ? 0.2339 0.2327 0.2332 -0.0002 0.0000  -0.0007 112 ASN A OD1 
500  N ND2 . ASN A 32 ? 0.2749 0.2760 0.2758 -0.0005 -0.0005 0.0012  112 ASN A ND2 
507  N N   . ASN A 33 ? 0.2252 0.2266 0.2261 -0.0006 -0.0005 0.0013  113 ASN A N   
508  C CA  . ASN A 33 ? 0.1908 0.1907 0.1906 0.0003  0.0002  0.0000  113 ASN A CA  
509  C C   . ASN A 33 ? 0.1454 0.1442 0.1445 0.0007  0.0007  -0.0011 113 ASN A C   
510  O O   . ASN A 33 ? 0.1496 0.1496 0.1493 -0.0001 -0.0001 0.0005  113 ASN A O   
511  C CB  . ASN A 33 ? 0.2036 0.2028 0.2030 0.0007  0.0003  -0.0009 113 ASN A CB  
512  C CG  . ASN A 33 ? 0.2326 0.2297 0.2307 0.0013  0.0011  -0.0028 113 ASN A CG  
513  O OD1 . ASN A 33 ? 0.2772 0.2784 0.2781 -0.0008 -0.0007 0.0017  113 ASN A OD1 
514  N ND2 . ASN A 33 ? 0.2959 0.2978 0.2974 -0.0011 -0.0007 0.0025  113 ASN A ND2 
521  N N   . THR A 34 ? 0.1337 0.1352 0.1346 -0.0001 -0.0003 0.0011  114 THR A N   
522  C CA  . THR A 34 ? 0.0917 0.0892 0.0895 0.0014  0.0011  -0.0028 114 THR A CA  
523  C C   . THR A 34 ? 0.1138 0.1131 0.1132 0.0004  0.0003  -0.0006 114 THR A C   
524  O O   . THR A 34 ? 0.1254 0.1258 0.1262 0.0000  0.0002  0.0006  114 THR A O   
525  C CB  . THR A 34 ? 0.1016 0.1001 0.1002 0.0009  0.0008  -0.0018 114 THR A CB  
526  O OG1 . THR A 34 ? 0.1538 0.1551 0.1544 -0.0012 -0.0008 0.0020  114 THR A OG1 
527  C CG2 . THR A 34 ? 0.1068 0.1072 0.1070 -0.0001 -0.0002 0.0002  114 THR A CG2 
535  N N   . GLU A 35 ? 0.1372 0.1386 0.1376 -0.0002 0.0000  0.0008  115 GLU A N   
536  C CA  . GLU A 35 ? 0.1362 0.1350 0.1358 0.0004  0.0001  -0.0009 115 GLU A CA  
537  C C   . GLU A 35 ? 0.1278 0.1266 0.1275 0.0006  0.0005  -0.0010 115 GLU A C   
538  O O   . GLU A 35 ? 0.1400 0.1396 0.1407 -0.0001 -0.0003 0.0005  115 GLU A O   
539  C CB  . GLU A 35 ? 0.1647 0.1627 0.1637 0.0008  0.0008  -0.0017 115 GLU A CB  
540  C CG  . GLU A 35 ? 0.2372 0.2348 0.2356 0.0013  0.0008  -0.0024 115 GLU A CG  
541  C CD  . GLU A 35 ? 0.3779 0.3823 0.3810 -0.0021 -0.0020 0.0046  115 GLU A CD  
542  O OE1 . GLU A 35 ? 0.3366 0.3350 0.3352 0.0008  0.0004  -0.0016 115 GLU A OE1 
543  O OE2 . GLU A 35 ? 0.4299 0.4318 0.4312 -0.0011 -0.0011 0.0020  115 GLU A OE2 
550  N N   . GLY A 36 ? 0.1371 0.1378 0.1381 -0.0002 -0.0006 0.0010  116 GLY A N   
551  C CA  . GLY A 36 ? 0.1188 0.1191 0.1192 0.0000  -0.0003 0.0002  116 GLY A CA  
552  C C   . GLY A 36 ? 0.0905 0.0888 0.0901 0.0008  0.0003  -0.0013 116 GLY A C   
553  O O   . GLY A 36 ? 0.1040 0.1046 0.1050 0.0002  -0.0002 0.0006  116 GLY A O   
557  N N   . ASP A 37 ? 0.0844 0.0840 0.0845 0.0009  0.0002  -0.0008 117 ASP A N   
558  C CA  . ASP A 37 ? 0.0948 0.0949 0.0949 -0.0002 -0.0002 0.0004  117 ASP A CA  
559  C C   . ASP A 37 ? 0.0728 0.0714 0.0719 0.0006  0.0007  -0.0015 117 ASP A C   
560  O O   . ASP A 37 ? 0.0950 0.0960 0.0959 0.0001  -0.0001 0.0008  117 ASP A O   
561  C CB  . ASP A 37 ? 0.1117 0.1100 0.1101 0.0008  0.0007  -0.0018 117 ASP A CB  
562  C CG  . ASP A 37 ? 0.1800 0.1829 0.1820 -0.0012 -0.0011 0.0027  117 ASP A CG  
563  O OD1 . ASP A 37 ? 0.1646 0.1646 0.1642 0.0001  0.0002  -0.0007 117 ASP A OD1 
564  O OD2 . ASP A 37 ? 0.1834 0.1837 0.1845 0.0001  -0.0002 0.0002  117 ASP A OD2 
569  N N   . TRP A 38 ? 0.0709 0.0708 0.0705 0.0004  0.0007  -0.0003 118 TRP A N   
570  C CA  . TRP A 38 ? 0.0757 0.0756 0.0755 0.0001  0.0001  0.0001  118 TRP A CA  
571  C C   . TRP A 38 ? 0.0753 0.0752 0.0745 -0.0001 -0.0002 -0.0005 118 TRP A C   
572  O O   . TRP A 38 ? 0.0923 0.0926 0.0921 -0.0002 -0.0006 0.0005  118 TRP A O   
573  C CB  . TRP A 38 ? 0.0824 0.0835 0.0825 -0.0003 -0.0001 0.0006  118 TRP A CB  
574  C CG  . TRP A 38 ? 0.0724 0.0730 0.0725 0.0000  -0.0001 0.0001  118 TRP A CG  
575  C CD1 . TRP A 38 ? 0.0736 0.0733 0.0736 0.0002  0.0000  -0.0005 118 TRP A CD1 
576  C CD2 . TRP A 38 ? 0.0639 0.0627 0.0634 0.0006  0.0004  -0.0010 118 TRP A CD2 
577  N NE1 . TRP A 38 ? 0.0835 0.0840 0.0834 -0.0002 -0.0006 0.0002  118 TRP A NE1 
578  C CE2 . TRP A 38 ? 0.0775 0.0771 0.0773 0.0004  0.0001  -0.0005 118 TRP A CE2 
579  C CE3 . TRP A 38 ? 0.0635 0.0624 0.0628 0.0003  0.0004  -0.0010 118 TRP A CE3 
580  C CZ2 . TRP A 38 ? 0.1026 0.1046 0.1040 -0.0012 -0.0010 0.0022  118 TRP A CZ2 
581  C CZ3 . TRP A 38 ? 0.0906 0.0923 0.0920 -0.0009 -0.0007 0.0018  118 TRP A CZ3 
582  C CH2 . TRP A 38 ? 0.0681 0.0658 0.0667 0.0007  0.0011  -0.0020 118 TRP A CH2 
593  N N   . TRP A 39 ? 0.0636 0.0635 0.0637 0.0001  0.0001  -0.0001 119 TRP A N   
594  C CA  . TRP A 39 ? 0.0516 0.0507 0.0506 0.0005  0.0004  -0.0011 119 TRP A CA  
595  C C   . TRP A 39 ? 0.0566 0.0560 0.0561 -0.0003 0.0001  -0.0001 119 TRP A C   
596  O O   . TRP A 39 ? 0.0528 0.0527 0.0537 0.0003  0.0001  0.0003  119 TRP A O   
597  C CB  . TRP A 39 ? 0.0703 0.0713 0.0713 -0.0005 -0.0004 0.0014  119 TRP A CB  
598  C CG  . TRP A 39 ? 0.0509 0.0495 0.0503 0.0014  0.0007  -0.0018 119 TRP A CG  
599  C CD1 . TRP A 39 ? 0.0737 0.0752 0.0746 -0.0004 -0.0005 0.0011  119 TRP A CD1 
600  C CD2 . TRP A 39 ? 0.0653 0.0659 0.0659 0.0003  0.0001  -0.0002 119 TRP A CD2 
601  N NE1 . TRP A 39 ? 0.0624 0.0614 0.0611 0.0007  0.0008  -0.0011 119 TRP A NE1 
602  C CE2 . TRP A 39 ? 0.0831 0.0847 0.0837 -0.0008 -0.0006 0.0014  119 TRP A CE2 
603  C CE3 . TRP A 39 ? 0.0648 0.0652 0.0650 0.0000  0.0000  -0.0002 119 TRP A CE3 
604  C CZ2 . TRP A 39 ? 0.0821 0.0815 0.0815 0.0001  0.0004  -0.0003 119 TRP A CZ2 
605  C CZ3 . TRP A 39 ? 0.0665 0.0658 0.0663 0.0005  0.0005  -0.0006 119 TRP A CZ3 
606  C CH2 . TRP A 39 ? 0.0918 0.0930 0.0923 -0.0004 -0.0004 0.0013  119 TRP A CH2 
617  N N   . LEU A 40 ? 0.0596 0.0603 0.0596 0.0007  -0.0001 0.0000  120 LEU A N   
618  C CA  . LEU A 40 ? 0.0639 0.0635 0.0634 0.0002  0.0003  -0.0002 120 LEU A CA  
619  C C   . LEU A 40 ? 0.0573 0.0563 0.0562 0.0006  0.0006  -0.0012 120 LEU A C   
620  O O   . LEU A 40 ? 0.0781 0.0784 0.0784 -0.0001 -0.0004 0.0007  120 LEU A O   
621  C CB  . LEU A 40 ? 0.0848 0.0841 0.0844 0.0001  0.0002  -0.0002 120 LEU A CB  
622  C CG  . LEU A 40 ? 0.1090 0.1081 0.1087 0.0004  0.0004  -0.0005 120 LEU A CG  
623  C CD1 . LEU A 40 ? 0.0996 0.0992 0.0989 0.0002  0.0001  -0.0003 120 LEU A CD1 
624  C CD2 . LEU A 40 ? 0.1608 0.1626 0.1619 -0.0011 -0.0008 0.0020  120 LEU A CD2 
636  N N   . ALA A 41 ? 0.0660 0.0655 0.0659 -0.0004 -0.0001 0.0003  121 ALA A N   
637  C CA  . ALA A 41 ? 0.0578 0.0568 0.0567 0.0003  0.0002  -0.0009 121 ALA A CA  
638  C C   . ALA A 41 ? 0.0543 0.0541 0.0541 -0.0002 -0.0001 -0.0002 121 ALA A C   
639  O O   . ALA A 41 ? 0.0662 0.0667 0.0656 -0.0006 0.0001  0.0004  121 ALA A O   
640  C CB  . ALA A 41 ? 0.0798 0.0799 0.0805 -0.0008 -0.0005 0.0007  121 ALA A CB  
646  N N   . HIS A 42 ? 0.0441 0.0432 0.0435 0.0002  0.0003  -0.0008 122 HIS A N   
647  C CA  . HIS A 42 ? 0.0539 0.0534 0.0532 0.0001  -0.0001 -0.0005 122 HIS A CA  
648  C C   . HIS A 42 ? 0.0656 0.0655 0.0654 -0.0004 -0.0005 0.0003  122 HIS A C   
649  O O   . HIS A 42 ? 0.0686 0.0694 0.0685 -0.0004 -0.0002 0.0001  122 HIS A O   
650  C CB  . HIS A 42 ? 0.0629 0.0635 0.0635 -0.0003 -0.0004 0.0006  122 HIS A CB  
651  C CG  . HIS A 42 ? 0.0533 0.0528 0.0532 0.0006  0.0004  -0.0006 122 HIS A CG  
652  N ND1 . HIS A 42 ? 0.0524 0.0515 0.0521 0.0000  0.0002  -0.0007 122 HIS A ND1 
653  C CD2 . HIS A 42 ? 0.0630 0.0628 0.0626 -0.0003 0.0000  -0.0003 122 HIS A CD2 
654  C CE1 . HIS A 42 ? 0.0685 0.0696 0.0688 0.0000  0.0002  0.0002  122 HIS A CE1 
655  N NE2 . HIS A 42 ? 0.0776 0.0787 0.0779 -0.0005 -0.0002 0.0008  122 HIS A NE2 
662  N N   . SER A 43 ? 0.0597 0.0594 0.0597 -0.0004 0.0003  0.0000  123 SER A N   
663  C CA  . SER A 43 ? 0.0544 0.0540 0.0545 0.0003  -0.0001 -0.0003 123 SER A CA  
664  C C   . SER A 43 ? 0.0627 0.0625 0.0623 0.0001  0.0001  -0.0002 123 SER A C   
665  O O   . SER A 43 ? 0.0746 0.0748 0.0748 -0.0003 -0.0005 0.0006  123 SER A O   
666  C CB  . SER A 43 ? 0.0497 0.0492 0.0495 0.0004  0.0004  -0.0006 123 SER A CB  
667  O OG  . SER A 43 ? 0.0582 0.0593 0.0598 0.0004  -0.0002 0.0008  123 SER A OG  
673  N N   . LEU A 44 ? 0.0637 0.0631 0.0634 0.0001  0.0001  -0.0005 124 LEU A N   
674  C CA  . LEU A 44 ? 0.0741 0.0735 0.0732 0.0002  0.0003  -0.0008 124 LEU A CA  
675  C C   . LEU A 44 ? 0.0907 0.0913 0.0910 -0.0004 -0.0004 0.0005  124 LEU A C   
676  O O   . LEU A 44 ? 0.1077 0.1086 0.1086 0.0003  0.0001  0.0006  124 LEU A O   
677  C CB  . LEU A 44 ? 0.0816 0.0809 0.0811 0.0002  0.0002  -0.0006 124 LEU A CB  
678  C CG  . LEU A 44 ? 0.0997 0.0984 0.0991 0.0005  0.0003  -0.0010 124 LEU A CG  
679  C CD1 . LEU A 44 ? 0.1253 0.1258 0.1257 -0.0006 -0.0003 0.0009  124 LEU A CD1 
680  C CD2 . LEU A 44 ? 0.1209 0.1211 0.1210 -0.0005 -0.0002 0.0006  124 LEU A CD2 
692  N N   . THR A 45 ? 0.0762 0.0765 0.0757 -0.0005 0.0001  0.0001  125 THR A N   
693  C CA  . THR A 45 ? 0.0563 0.0528 0.0541 0.0017  0.0011  -0.0033 125 THR A CA  
694  C C   . THR A 45 ? 0.0782 0.0783 0.0783 -0.0002 -0.0001 0.0004  125 THR A C   
695  O O   . THR A 45 ? 0.0923 0.0923 0.0919 0.0001  -0.0004 0.0002  125 THR A O   
696  C CB  . THR A 45 ? 0.1026 0.1022 0.1020 0.0005  0.0004  -0.0010 125 THR A CB  
697  O OG1 . THR A 45 ? 0.1506 0.1520 0.1510 -0.0013 -0.0012 0.0019  125 THR A OG1 
698  C CG2 . THR A 45 ? 0.1233 0.1232 0.1235 -0.0003 -0.0006 0.0005  125 THR A CG2 
706  N N   . THR A 46 ? 0.0764 0.0763 0.0765 0.0000  0.0002  0.0001  126 THR A N   
707  C CA  . THR A 46 ? 0.0719 0.0720 0.0720 0.0004  0.0004  -0.0002 126 THR A CA  
708  C C   . THR A 46 ? 0.0616 0.0608 0.0608 0.0004  0.0004  -0.0006 126 THR A C   
709  O O   . THR A 46 ? 0.0807 0.0822 0.0821 0.0000  0.0002  0.0009  126 THR A O   
710  C CB  . THR A 46 ? 0.0805 0.0810 0.0807 -0.0002 -0.0002 0.0003  126 THR A CB  
711  O OG1 . THR A 46 ? 0.0586 0.0587 0.0581 0.0009  0.0004  -0.0008 126 THR A OG1 
712  C CG2 . THR A 46 ? 0.1037 0.1041 0.1043 -0.0005 -0.0003 0.0010  126 THR A CG2 
720  N N   . GLY A 47 ? 0.0496 0.0492 0.0494 0.0005  0.0007  -0.0008 127 GLY A N   
721  C CA  . GLY A 47 ? 0.0564 0.0568 0.0561 0.0000  0.0000  0.0000  127 GLY A CA  
722  C C   . GLY A 47 ? 0.0616 0.0624 0.0620 0.0000  0.0000  0.0005  127 GLY A C   
723  O O   . GLY A 47 ? 0.0699 0.0696 0.0704 -0.0004 -0.0002 0.0002  127 GLY A O   
727  N N   . GLN A 48 ? 0.0531 0.0524 0.0529 0.0000  0.0000  -0.0006 128 GLN A N   
728  C CA  . GLN A 48 ? 0.0529 0.0523 0.0522 0.0008  0.0003  -0.0009 128 GLN A CA  
729  C C   . GLN A 48 ? 0.0591 0.0598 0.0596 -0.0002 -0.0001 0.0007  128 GLN A C   
730  O O   . GLN A 48 ? 0.0562 0.0560 0.0577 0.0003  0.0006  0.0004  128 GLN A O   
731  C CB  . GLN A 48 ? 0.0740 0.0752 0.0749 -0.0006 -0.0005 0.0012  128 GLN A CB  
732  C CG  . GLN A 48 ? 0.0587 0.0589 0.0585 0.0004  0.0004  -0.0006 128 GLN A CG  
733  C CD  . GLN A 48 ? 0.0609 0.0608 0.0610 0.0006  0.0003  -0.0006 128 GLN A CD  
734  O OE1 . GLN A 48 ? 0.0860 0.0875 0.0858 -0.0005 -0.0003 0.0008  128 GLN A OE1 
735  N NE2 . GLN A 48 ? 0.0489 0.0487 0.0481 0.0005  0.0008  -0.0002 128 GLN A NE2 
744  N N   . THR A 49 ? 0.0490 0.0481 0.0486 0.0004  0.0005  -0.0008 129 THR A N   
745  C CA  . THR A 49 ? 0.0610 0.0609 0.0610 -0.0001 0.0001  0.0001  129 THR A CA  
746  C C   . THR A 49 ? 0.0556 0.0550 0.0549 0.0004  0.0003  -0.0010 129 THR A C   
747  O O   . THR A 49 ? 0.0745 0.0751 0.0743 -0.0007 0.0000  0.0011  129 THR A O   
748  C CB  . THR A 49 ? 0.0771 0.0783 0.0779 -0.0006 -0.0005 0.0013  129 THR A CB  
749  O OG1 . THR A 49 ? 0.0718 0.0720 0.0713 0.0001  0.0004  -0.0004 129 THR A OG1 
750  C CG2 . THR A 49 ? 0.0672 0.0668 0.0668 0.0004  -0.0001 -0.0004 129 THR A CG2 
758  N N   . GLY A 50 ? 0.0583 0.0585 0.0584 -0.0004 -0.0001 0.0004  130 GLY A N   
759  C CA  . GLY A 50 ? 0.0557 0.0557 0.0554 0.0000  0.0000  0.0002  130 GLY A CA  
760  C C   . GLY A 50 ? 0.0476 0.0467 0.0471 0.0006  0.0004  -0.0010 130 GLY A C   
761  O O   . GLY A 50 ? 0.0599 0.0601 0.0602 0.0001  -0.0004 0.0003  130 GLY A O   
765  N N   . TYR A 51 ? 0.0578 0.0581 0.0585 -0.0003 0.0004  0.0005  131 TYR A N   
766  C CA  . TYR A 51 ? 0.0604 0.0614 0.0604 0.0000  -0.0004 0.0005  131 TYR A CA  
767  C C   . TYR A 51 ? 0.0573 0.0572 0.0571 0.0000  0.0003  -0.0002 131 TYR A C   
768  O O   . TYR A 51 ? 0.0622 0.0619 0.0616 -0.0003 0.0003  0.0004  131 TYR A O   
769  C CB  . TYR A 51 ? 0.0507 0.0492 0.0503 0.0002  0.0009  -0.0010 131 TYR A CB  
770  C CG  . TYR A 51 ? 0.0662 0.0651 0.0658 0.0004  0.0006  -0.0008 131 TYR A CG  
771  C CD1 . TYR A 51 ? 0.0679 0.0669 0.0679 0.0007  0.0002  -0.0008 131 TYR A CD1 
772  C CD2 . TYR A 51 ? 0.1053 0.1061 0.1058 -0.0003 -0.0003 0.0009  131 TYR A CD2 
773  C CE1 . TYR A 51 ? 0.0949 0.0944 0.0944 0.0001  0.0000  -0.0002 131 TYR A CE1 
774  C CE2 . TYR A 51 ? 0.1178 0.1176 0.1183 0.0000  0.0000  0.0005  131 TYR A CE2 
775  C CZ  . TYR A 51 ? 0.1287 0.1272 0.1285 0.0008  0.0004  -0.0009 131 TYR A CZ  
776  O OH  . TYR A 51 ? 0.2009 0.2036 0.2031 -0.0011 -0.0012 0.0030  131 TYR A OH  
786  N N   . ILE A 52 ? 0.0548 0.0531 0.0546 0.0003  0.0002  -0.0006 132 ILE A N   
787  C CA  . ILE A 52 ? 0.0689 0.0700 0.0690 -0.0005 -0.0002 0.0011  132 ILE A CA  
788  C C   . ILE A 52 ? 0.0641 0.0638 0.0639 0.0002  0.0003  -0.0003 132 ILE A C   
789  O O   . ILE A 52 ? 0.0746 0.0752 0.0744 -0.0001 0.0000  0.0005  132 ILE A O   
790  C CB  . ILE A 52 ? 0.0553 0.0543 0.0548 0.0001  0.0002  -0.0004 132 ILE A CB  
791  C CG1 . ILE A 52 ? 0.0718 0.0718 0.0716 -0.0001 0.0001  0.0001  132 ILE A CG1 
792  C CG2 . ILE A 52 ? 0.0404 0.0400 0.0404 0.0007  0.0003  -0.0007 132 ILE A CG2 
793  C CD1 . ILE A 52 ? 0.0813 0.0817 0.0818 -0.0001 0.0000  0.0005  132 ILE A CD1 
805  N N   . PRO A 53 ? 0.0598 0.0587 0.0589 0.0003  0.0004  -0.0010 133 PRO A N   
806  C CA  . PRO A 53 ? 0.0747 0.0760 0.0760 -0.0006 -0.0005 0.0015  133 PRO A CA  
807  C C   . PRO A 53 ? 0.0674 0.0674 0.0677 0.0000  0.0002  -0.0002 133 PRO A C   
808  O O   . PRO A 53 ? 0.0611 0.0611 0.0615 0.0002  0.0006  0.0001  133 PRO A O   
809  C CB  . PRO A 53 ? 0.0553 0.0544 0.0541 0.0007  0.0004  -0.0016 133 PRO A CB  
810  C CG  . PRO A 53 ? 0.0742 0.0750 0.0743 -0.0007 -0.0004 0.0008  133 PRO A CG  
811  C CD  . PRO A 53 ? 0.0682 0.0681 0.0682 -0.0001 0.0000  0.0003  133 PRO A CD  
819  N N   . SER A 54 ? 0.0737 0.0736 0.0742 0.0000  0.0000  0.0005  134 SER A N   
820  C CA  . SER A 54 ? 0.0696 0.0688 0.0691 0.0005  0.0004  -0.0012 134 SER A CA  
821  C C   . SER A 54 ? 0.0580 0.0575 0.0577 0.0006  0.0003  -0.0007 134 SER A C   
822  O O   . SER A 54 ? 0.0622 0.0628 0.0631 0.0002  -0.0005 0.0001  134 SER A O   
823  C CB  . SER A 54 ? 0.1016 0.1023 0.1029 -0.0005 -0.0005 0.0009  134 SER A CB  
824  O OG  . SER A 54 ? 0.1098 0.1097 0.1102 -0.0001 0.0006  0.0005  134 SER A OG  
830  N N   . ASN A 55 ? 0.0649 0.0653 0.0647 -0.0001 0.0002  0.0000  135 ASN A N   
831  C CA  . ASN A 55 ? 0.0631 0.0631 0.0627 0.0001  0.0003  -0.0005 135 ASN A CA  
832  C C   . ASN A 55 ? 0.0616 0.0623 0.0625 -0.0002 -0.0004 0.0010  135 ASN A C   
833  O O   . ASN A 55 ? 0.0592 0.0580 0.0590 -0.0004 0.0008  0.0003  135 ASN A O   
834  C CB  . ASN A 55 ? 0.0734 0.0740 0.0738 -0.0006 -0.0006 0.0009  135 ASN A CB  
835  C CG  . ASN A 55 ? 0.0585 0.0570 0.0569 0.0006  0.0007  -0.0015 135 ASN A CG  
836  O OD1 . ASN A 55 ? 0.0625 0.0625 0.0623 -0.0005 0.0000  -0.0001 135 ASN A OD1 
837  N ND2 . ASN A 55 ? 0.0809 0.0817 0.0813 -0.0005 -0.0004 0.0009  135 ASN A ND2 
844  N N   . TYR A 56 ? 0.0411 0.0397 0.0393 0.0003  0.0008  -0.0017 136 TYR A N   
845  C CA  . TYR A 56 ? 0.0533 0.0539 0.0538 -0.0002 -0.0002 0.0002  136 TYR A CA  
846  C C   . TYR A 56 ? 0.0635 0.0639 0.0641 -0.0003 -0.0001 0.0008  136 TYR A C   
847  O O   . TYR A 56 ? 0.0648 0.0648 0.0643 0.0001  0.0003  0.0002  136 TYR A O   
848  C CB  . TYR A 56 ? 0.0514 0.0510 0.0506 -0.0004 0.0004  -0.0001 136 TYR A CB  
849  C CG  . TYR A 56 ? 0.0489 0.0479 0.0480 0.0011  0.0006  -0.0013 136 TYR A CG  
850  C CD1 . TYR A 56 ? 0.0801 0.0818 0.0809 -0.0009 -0.0007 0.0015  136 TYR A CD1 
851  C CD2 . TYR A 56 ? 0.0590 0.0584 0.0589 0.0000  -0.0001 -0.0001 136 TYR A CD2 
852  C CE1 . TYR A 56 ? 0.0714 0.0705 0.0704 0.0000  0.0007  -0.0008 136 TYR A CE1 
853  C CE2 . TYR A 56 ? 0.0719 0.0720 0.0718 0.0002  0.0001  -0.0002 136 TYR A CE2 
854  C CZ  . TYR A 56 ? 0.0882 0.0885 0.0887 -0.0004 -0.0002 0.0004  136 TYR A CZ  
855  O OH  . TYR A 56 ? 0.1066 0.1079 0.1067 -0.0001 -0.0006 0.0006  136 TYR A OH  
865  N N   . VAL A 57 ? 0.0552 0.0543 0.0547 0.0004  0.0001  -0.0006 137 VAL A N   
866  C CA  . VAL A 57 ? 0.0623 0.0618 0.0622 0.0004  0.0002  -0.0006 137 VAL A CA  
867  C C   . VAL A 57 ? 0.0697 0.0703 0.0699 -0.0001 -0.0002 0.0004  137 VAL A C   
868  O O   . VAL A 57 ? 0.0685 0.0684 0.0682 0.0003  0.0000  -0.0001 137 VAL A O   
869  C CB  . VAL A 57 ? 0.0794 0.0799 0.0797 -0.0006 -0.0007 0.0009  137 VAL A CB  
870  C CG1 . VAL A 57 ? 0.0724 0.0721 0.0722 0.0003  0.0002  -0.0002 137 VAL A CG1 
871  C CG2 . VAL A 57 ? 0.0720 0.0722 0.0717 0.0006  0.0004  -0.0001 137 VAL A CG2 
881  N N   . ALA A 58 ? 0.0683 0.0680 0.0688 0.0001  0.0001  0.0001  138 ALA A N   
882  C CA  . ALA A 58 ? 0.0678 0.0674 0.0671 0.0006  0.0004  -0.0009 138 ALA A CA  
883  C C   . ALA A 58 ? 0.0802 0.0800 0.0798 0.0004  0.0003  -0.0005 138 ALA A C   
884  O O   . ALA A 58 ? 0.0934 0.0951 0.0937 0.0000  -0.0002 0.0004  138 ALA A O   
885  C CB  . ALA A 58 ? 0.0779 0.0786 0.0781 -0.0001 0.0001  0.0002  138 ALA A CB  
891  N N   . PRO A 59 ? 0.0931 0.0926 0.0919 0.0003  0.0005  -0.0008 139 PRO A N   
892  C CA  . PRO A 59 ? 0.1074 0.1074 0.1072 0.0000  0.0000  -0.0001 139 PRO A CA  
893  C C   . PRO A 59 ? 0.1093 0.1083 0.1086 0.0005  0.0005  -0.0011 139 PRO A C   
894  O O   . PRO A 59 ? 0.1330 0.1339 0.1333 -0.0006 -0.0004 0.0009  139 PRO A O   
895  C CB  . PRO A 59 ? 0.1234 0.1241 0.1241 -0.0005 -0.0004 0.0009  139 PRO A CB  
896  C CG  . PRO A 59 ? 0.1159 0.1157 0.1157 -0.0001 0.0000  -0.0003 139 PRO A CG  
897  C CD  . PRO A 59 ? 0.1163 0.1173 0.1173 -0.0003 -0.0005 0.0008  139 PRO A CD  
905  N N   . SER A 60 ? 0.1182 0.1166 0.1173 0.0011  0.0008  -0.0021 140 SER A N   
906  C CA  . SER A 60 ? 0.1825 0.1801 0.1810 0.0009  0.0009  -0.0021 140 SER A CA  
907  C C   . SER A 60 ? 0.2778 0.2788 0.2787 -0.0004 -0.0005 0.0008  140 SER A C   
908  O O   . SER A 60 ? 0.3266 0.3284 0.3281 -0.0009 -0.0011 0.0020  140 SER A O   
909  C CB  . SER A 60 ? 0.2092 0.2066 0.2074 0.0009  0.0008  -0.0021 140 SER A CB  
910  O OG  . SER A 60 ? 0.2947 0.2973 0.2968 -0.0015 -0.0013 0.0032  140 SER A OG  
916  N N   . ASP A 61 ? 0.3767 0.3775 0.3773 -0.0004 -0.0003 0.0008  141 ASP A N   
917  C CA  . ASP A 61 ? 0.3763 0.3772 0.3769 -0.0004 -0.0004 0.0009  141 ASP A CA  
918  C C   . ASP A 61 ? 0.3786 0.3786 0.3786 0.0000  0.0000  0.0000  141 ASP A C   
919  O O   . ASP A 61 ? 0.3787 0.3786 0.3787 -0.0001 0.0000  -0.0001 141 ASP A O   
920  C CB  . ASP A 61 ? 0.2543 0.2535 0.2537 0.0004  0.0004  -0.0009 141 ASP A CB  
923  C C   . ACE B 1  ? 0.2439 0.2464 0.2454 -0.0013 -0.0011 0.0022  0   ACE B C   
924  O O   . ACE B 1  ? 0.2502 0.2510 0.2499 -0.0004 0.0000  0.0001  0   ACE B O   
925  C CH3 . ACE B 1  ? 0.2496 0.2500 0.2500 -0.0001 -0.0002 0.0004  0   ACE B CH3 
926  N N   . ALA B 2  ? 0.1638 0.1617 0.1633 0.0007  0.0001  -0.0014 1   ALA B N   
927  C CA  . ALA B 2  ? 0.1207 0.1208 0.1205 -0.0003 -0.0002 0.0000  1   ALA B CA  
928  C C   . ALA B 2  ? 0.0874 0.0853 0.0862 0.0013  0.0010  -0.0026 1   ALA B C   
929  O O   . ALA B 2  ? 0.1085 0.1095 0.1090 -0.0003 -0.0006 0.0007  1   ALA B O   
930  C CB  . ALA B 2  ? 0.1034 0.1034 0.1027 0.0003  0.0001  -0.0008 1   ALA B CB  
936  N N   . PRO B 3  ? 0.1020 0.1021 0.1023 -0.0002 -0.0006 0.0006  2   PRO B N   
937  C CA  . PRO B 3  ? 0.0858 0.0851 0.0852 0.0001  0.0001  -0.0006 2   PRO B CA  
938  C C   . PRO B 3  ? 0.0872 0.0876 0.0874 -0.0002 -0.0004 0.0004  2   PRO B C   
939  O O   . PRO B 3  ? 0.0734 0.0731 0.0734 0.0002  0.0007  -0.0005 2   PRO B O   
940  C CB  . PRO B 3  ? 0.0838 0.0837 0.0840 0.0003  0.0003  -0.0002 2   PRO B CB  
941  C CG  . PRO B 3  ? 0.0881 0.0870 0.0881 0.0003  0.0000  -0.0007 2   PRO B CG  
942  C CD  . PRO B 3  ? 0.1092 0.1102 0.1101 -0.0006 -0.0008 0.0011  2   PRO B CD  
950  N N   . PRO B 4  ? 0.0873 0.0849 0.0857 0.0009  0.0004  -0.0020 3   PRO B N   
951  C CA  . PRO B 4  ? 0.0954 0.0944 0.0945 0.0004  0.0005  -0.0009 3   PRO B CA  
952  C C   . PRO B 4  ? 0.0840 0.0847 0.0843 0.0000  -0.0001 0.0004  3   PRO B C   
953  O O   . PRO B 4  ? 0.0841 0.0833 0.0851 -0.0001 0.0000  0.0000  3   PRO B O   
954  C CB  . PRO B 4  ? 0.1396 0.1392 0.1389 -0.0001 -0.0001 -0.0002 3   PRO B CB  
955  C CG  . PRO B 4  ? 0.1878 0.1913 0.1902 -0.0020 -0.0016 0.0041  3   PRO B CG  
956  C CD  . PRO B 4  ? 0.1297 0.1291 0.1295 0.0002  0.0001  -0.0005 3   PRO B CD  
964  N N   . ILE B 5  ? 0.0617 0.0604 0.0607 0.0003  0.0001  -0.0011 4   ILE B N   
965  C CA  . ILE B 5  ? 0.0633 0.0614 0.0626 0.0013  0.0006  -0.0022 4   ILE B CA  
966  C C   . ILE B 5  ? 0.0932 0.0937 0.0933 -0.0003 -0.0005 0.0004  4   ILE B C   
967  O O   . ILE B 5  ? 0.1145 0.1153 0.1152 -0.0001 0.0000  0.0009  4   ILE B O   
968  C CB  . ILE B 5  ? 0.0947 0.0960 0.0954 -0.0005 -0.0006 0.0010  4   ILE B CB  
969  C CG1 . ILE B 5  ? 0.0887 0.0886 0.0888 0.0002  0.0004  -0.0006 4   ILE B CG1 
970  C CG2 . ILE B 5  ? 0.0979 0.0980 0.0980 0.0001  0.0002  0.0000  4   ILE B CG2 
971  C CD1 . ILE B 5  ? 0.0951 0.0949 0.0947 -0.0001 -0.0002 0.0001  4   ILE B CD1 
983  N N   . PRO B 6  ? 0.0809 0.0797 0.0809 0.0007  0.0005  -0.0007 5   PRO B N   
984  C CA  . PRO B 6  ? 0.0821 0.0823 0.0825 0.0002  0.0002  0.0000  5   PRO B CA  
985  C C   . PRO B 6  ? 0.0752 0.0743 0.0744 0.0007  0.0003  -0.0014 5   PRO B C   
986  O O   . PRO B 6  ? 0.0954 0.0955 0.0957 -0.0005 -0.0001 0.0007  5   PRO B O   
987  C CB  . PRO B 6  ? 0.0879 0.0862 0.0866 0.0003  0.0001  -0.0015 5   PRO B CB  
988  C CG  . PRO B 6  ? 0.1292 0.1320 0.1310 -0.0012 -0.0014 0.0029  5   PRO B CG  
989  C CD  . PRO B 6  ? 0.0904 0.0897 0.0899 0.0005  0.0007  -0.0009 5   PRO B CD  
997  N N   . PRO B 7  ? 0.0835 0.0845 0.0839 0.0004  -0.0001 0.0000  6   PRO B N   
998  C CA  . PRO B 7  ? 0.0850 0.0847 0.0850 0.0008  0.0000  -0.0008 6   PRO B CA  
999  C C   . PRO B 7  ? 0.0800 0.0787 0.0795 0.0011  0.0005  -0.0016 6   PRO B C   
1000 O O   . PRO B 7  ? 0.0986 0.0992 0.0995 0.0000  -0.0006 0.0007  6   PRO B O   
1001 C CB  . PRO B 7  ? 0.1133 0.1148 0.1139 -0.0010 -0.0005 0.0015  6   PRO B CB  
1002 C CG  . PRO B 7  ? 0.0982 0.0978 0.0979 0.0002  0.0002  -0.0004 6   PRO B CG  
1003 C CD  . PRO B 7  ? 0.0880 0.0877 0.0877 0.0002  0.0002  -0.0002 6   PRO B CD  
1011 N N   . PRO B 8  ? 0.0971 0.0963 0.0971 0.0006  -0.0001 -0.0008 7   PRO B N   
1012 C CA  . PRO B 8  ? 0.0966 0.0936 0.0949 0.0017  0.0010  -0.0031 7   PRO B CA  
1013 C C   . PRO B 8  ? 0.1193 0.1205 0.1204 -0.0004 -0.0004 0.0009  7   PRO B C   
1014 O O   . PRO B 8  ? 0.1208 0.1212 0.1204 0.0000  -0.0004 0.0000  7   PRO B O   
1015 C CB  . PRO B 8  ? 0.1673 0.1706 0.1697 -0.0017 -0.0016 0.0037  7   PRO B CB  
1016 C CG  . PRO B 8  ? 0.1408 0.1405 0.1405 0.0002  0.0003  -0.0004 7   PRO B CG  
1017 C CD  . PRO B 8  ? 0.1269 0.1274 0.1272 -0.0001 -0.0004 0.0002  7   PRO B CD  
1025 N N   . ARG B 9  ? 0.1078 0.1069 0.1072 0.0006  0.0003  -0.0007 8   ARG B N   
1026 C CA  . ARG B 9  ? 0.1131 0.1096 0.1101 0.0019  0.0016  -0.0040 8   ARG B CA  
1027 C C   . ARG B 9  ? 0.1704 0.1688 0.1693 0.0001  0.0011  -0.0009 8   ARG B C   
1028 O O   . ARG B 9  ? 0.2508 0.2541 0.2531 -0.0013 -0.0008 0.0031  8   ARG B O   
1029 C CB  . ARG B 9  ? 0.1661 0.1677 0.1672 -0.0008 -0.0007 0.0017  8   ARG B CB  
1030 C CG  . ARG B 9  ? 0.1764 0.1775 0.1770 -0.0007 -0.0007 0.0012  8   ARG B CG  
1031 C CD  . ARG B 9  ? 0.1555 0.1548 0.1548 0.0003  0.0006  -0.0010 8   ARG B CD  
1032 N NE  . ARG B 9  ? 0.1640 0.1646 0.1646 0.0003  0.0000  0.0002  8   ARG B NE  
1033 C CZ  . ARG B 9  ? 0.1637 0.1640 0.1640 -0.0005 -0.0002 0.0006  8   ARG B CZ  
1034 N NH1 . ARG B 9  ? 0.1732 0.1734 0.1735 -0.0001 0.0003  0.0005  8   ARG B NH1 
1035 N NH2 . ARG B 9  ? 0.1348 0.1339 0.1347 0.0005  0.0004  -0.0013 8   ARG B NH2 
# 
